data_5PBD
# 
_entry.id   5PBD 
# 
_audit_conform.dict_name       mmcif_pdbx.dic 
_audit_conform.dict_version    5.387 
_audit_conform.dict_location   http://mmcif.pdb.org/dictionaries/ascii/mmcif_pdbx.dic 
# 
loop_
_database_2.database_id 
_database_2.database_code 
_database_2.pdbx_database_accession 
_database_2.pdbx_DOI 
PDB   5PBD         pdb_00005pbd 10.2210/pdb5pbd/pdb 
WWPDB D_1001400449 ?            ?                   
# 
loop_
_pdbx_audit_revision_history.ordinal 
_pdbx_audit_revision_history.data_content_type 
_pdbx_audit_revision_history.major_revision 
_pdbx_audit_revision_history.minor_revision 
_pdbx_audit_revision_history.revision_date 
1 'Structure model' 1 0 2017-03-15 
2 'Structure model' 1 1 2017-09-27 
3 'Structure model' 1 2 2017-10-04 
4 'Structure model' 1 3 2024-03-06 
# 
_pdbx_audit_revision_details.ordinal             1 
_pdbx_audit_revision_details.revision_ordinal    1 
_pdbx_audit_revision_details.data_content_type   'Structure model' 
_pdbx_audit_revision_details.provider            repository 
_pdbx_audit_revision_details.type                'Initial release' 
_pdbx_audit_revision_details.description         ? 
_pdbx_audit_revision_details.details             ? 
# 
loop_
_pdbx_audit_revision_group.ordinal 
_pdbx_audit_revision_group.revision_ordinal 
_pdbx_audit_revision_group.data_content_type 
_pdbx_audit_revision_group.group 
1 2 'Structure model' 'Data collection'     
2 2 'Structure model' 'Database references' 
3 2 'Structure model' 'Structure summary'   
4 3 'Structure model' 'Structure summary'   
5 4 'Structure model' 'Data collection'     
6 4 'Structure model' 'Database references' 
# 
loop_
_pdbx_audit_revision_category.ordinal 
_pdbx_audit_revision_category.revision_ordinal 
_pdbx_audit_revision_category.data_content_type 
_pdbx_audit_revision_category.category 
1 2 'Structure model' citation           
2 2 'Structure model' citation_author    
3 2 'Structure model' diffrn_source      
4 2 'Structure model' pdbx_deposit_group 
5 3 'Structure model' pdbx_deposit_group 
6 4 'Structure model' chem_comp_atom     
7 4 'Structure model' chem_comp_bond     
8 4 'Structure model' database_2         
# 
loop_
_pdbx_audit_revision_item.ordinal 
_pdbx_audit_revision_item.revision_ordinal 
_pdbx_audit_revision_item.data_content_type 
_pdbx_audit_revision_item.item 
1  2 'Structure model' '_citation.journal_volume'             
2  2 'Structure model' '_citation.page_first'                 
3  2 'Structure model' '_citation.page_last'                  
4  2 'Structure model' '_citation.pdbx_database_id_DOI'       
5  2 'Structure model' '_citation.pdbx_database_id_PubMed'    
6  2 'Structure model' '_citation.title'                      
7  2 'Structure model' '_citation_author.name'                
8  2 'Structure model' '_diffrn_source.pdbx_synchrotron_site' 
9  2 'Structure model' '_pdbx_deposit_group.group_id'         
10 2 'Structure model' '_pdbx_deposit_group.group_title'      
11 2 'Structure model' '_pdbx_deposit_group.group_type'       
12 3 'Structure model' '_pdbx_deposit_group.group_title'      
13 4 'Structure model' '_database_2.pdbx_DOI'                 
14 4 'Structure model' '_database_2.pdbx_database_accession'  
# 
_pdbx_database_status.entry_id                        5PBD 
_pdbx_database_status.status_code                     REL 
_pdbx_database_status.recvd_initial_deposition_date   2017-02-03 
_pdbx_database_status.deposit_site                    RCSB 
_pdbx_database_status.process_site                    RCSB 
_pdbx_database_status.SG_entry                        ? 
_pdbx_database_status.pdb_format_compatible           Y 
_pdbx_database_status.status_code_sf                  REL 
_pdbx_database_status.status_code_mr                  ? 
_pdbx_database_status.status_code_cs                  ? 
_pdbx_database_status.methods_development_category    ? 
_pdbx_database_status.status_code_nmr_data            ? 
# 
loop_
_audit_author.name 
_audit_author.pdbx_ordinal 
'Pearce, N.M.'     1  
'Krojer, T.'       2  
'Talon, R.'        3  
'Bradley, A.R.'    4  
'Fairhead, M.'     5  
'Sethi, R.'        6  
'Wright, N.'       7  
'MacLean, E.'      8  
'Collins, P.'      9  
'Brandao-Neto, J.' 10 
'Douangamath, A.'  11 
'Renjie, Z.'       12 
'Dias, A.'         13 
'Vollmar, M.'      14 
'Ng, J.'           15 
'Brennan, P.E.'    16 
'Cox, O.'          17 
'Bountra, C.'      18 
'Arrowsmith, C.H.' 19 
'Edwards, A.'      20 
'von Delft, F.'    21 
# 
_citation.id                        primary 
_citation.title                     
'A multi-crystal method for extracting obscured crystallographic states from conventionally uninterpretable electron density.' 
_citation.journal_abbrev            'Nat Commun' 
_citation.journal_volume            8 
_citation.page_first                15123 
_citation.page_last                 15123 
_citation.year                      2017 
_citation.journal_id_ASTM           ? 
_citation.country                   UK 
_citation.journal_id_ISSN           2041-1723 
_citation.journal_id_CSD            ? 
_citation.book_publisher            ? 
_citation.pdbx_database_id_PubMed   28436492 
_citation.pdbx_database_id_DOI      10.1038/ncomms15123 
# 
loop_
_citation_author.citation_id 
_citation_author.name 
_citation_author.ordinal 
_citation_author.identifier_ORCID 
primary 'Pearce, N.M.'  1  ? 
primary 'Krojer, T.'    2  ? 
primary 'Bradley, A.R.' 3  ? 
primary 'Collins, P.'   4  ? 
primary 'Nowak, R.P.'   5  ? 
primary 'Talon, R.'     6  ? 
primary 'Marsden, B.D.' 7  ? 
primary 'Kelm, S.'      8  ? 
primary 'Shi, J.'       9  ? 
primary 'Deane, C.M.'   10 ? 
primary 'von Delft, F.' 11 ? 
# 
loop_
_entity.id 
_entity.type 
_entity.src_method 
_entity.pdbx_description 
_entity.formula_weight 
_entity.pdbx_number_of_molecules 
_entity.pdbx_ec 
_entity.pdbx_mutation 
_entity.pdbx_fragment 
_entity.details 
1 polymer     man 'Bromodomain adjacent to zinc finger domain protein 2B' 16090.326 1   ? ? ? ? 
2 non-polymer syn 1,2-ETHANEDIOL                                          62.068    2   ? ? ? ? 
3 non-polymer syn 'PARA ACETAMIDO BENZOIC ACID'                           179.173   1   ? ? ? ? 
4 water       nat water                                                   18.015    205 ? ? ? ? 
# 
_entity_name_com.entity_id   1 
_entity_name_com.name        hWALp4 
# 
_entity_poly.entity_id                      1 
_entity_poly.type                           'polypeptide(L)' 
_entity_poly.nstd_linkage                   no 
_entity_poly.nstd_monomer                   no 
_entity_poly.pdbx_seq_one_letter_code       
;MHHHHHHSSGVDLGTENLYFQSMSVKKPKRDDSKDLALCSMILTEMETHEDAWPFLLPVNLKLVPGYKKVIKKPMDFSTI
REKLSSGQYPNLETFALDVRLVFDNCETFNEDDSDIGRAGHNMRKYFEKKWTDTFKVS
;
_entity_poly.pdbx_seq_one_letter_code_can   
;MHHHHHHSSGVDLGTENLYFQSMSVKKPKRDDSKDLALCSMILTEMETHEDAWPFLLPVNLKLVPGYKKVIKKPMDFSTI
REKLSSGQYPNLETFALDVRLVFDNCETFNEDDSDIGRAGHNMRKYFEKKWTDTFKVS
;
_entity_poly.pdbx_strand_id                 A 
_entity_poly.pdbx_target_identifier         ? 
# 
loop_
_pdbx_entity_nonpoly.entity_id 
_pdbx_entity_nonpoly.name 
_pdbx_entity_nonpoly.comp_id 
2 1,2-ETHANEDIOL                EDO 
3 'PARA ACETAMIDO BENZOIC ACID' TYZ 
4 water                         HOH 
# 
loop_
_entity_poly_seq.entity_id 
_entity_poly_seq.num 
_entity_poly_seq.mon_id 
_entity_poly_seq.hetero 
1 1   MET n 
1 2   HIS n 
1 3   HIS n 
1 4   HIS n 
1 5   HIS n 
1 6   HIS n 
1 7   HIS n 
1 8   SER n 
1 9   SER n 
1 10  GLY n 
1 11  VAL n 
1 12  ASP n 
1 13  LEU n 
1 14  GLY n 
1 15  THR n 
1 16  GLU n 
1 17  ASN n 
1 18  LEU n 
1 19  TYR n 
1 20  PHE n 
1 21  GLN n 
1 22  SER n 
1 23  MET n 
1 24  SER n 
1 25  VAL n 
1 26  LYS n 
1 27  LYS n 
1 28  PRO n 
1 29  LYS n 
1 30  ARG n 
1 31  ASP n 
1 32  ASP n 
1 33  SER n 
1 34  LYS n 
1 35  ASP n 
1 36  LEU n 
1 37  ALA n 
1 38  LEU n 
1 39  CYS n 
1 40  SER n 
1 41  MET n 
1 42  ILE n 
1 43  LEU n 
1 44  THR n 
1 45  GLU n 
1 46  MET n 
1 47  GLU n 
1 48  THR n 
1 49  HIS n 
1 50  GLU n 
1 51  ASP n 
1 52  ALA n 
1 53  TRP n 
1 54  PRO n 
1 55  PHE n 
1 56  LEU n 
1 57  LEU n 
1 58  PRO n 
1 59  VAL n 
1 60  ASN n 
1 61  LEU n 
1 62  LYS n 
1 63  LEU n 
1 64  VAL n 
1 65  PRO n 
1 66  GLY n 
1 67  TYR n 
1 68  LYS n 
1 69  LYS n 
1 70  VAL n 
1 71  ILE n 
1 72  LYS n 
1 73  LYS n 
1 74  PRO n 
1 75  MET n 
1 76  ASP n 
1 77  PHE n 
1 78  SER n 
1 79  THR n 
1 80  ILE n 
1 81  ARG n 
1 82  GLU n 
1 83  LYS n 
1 84  LEU n 
1 85  SER n 
1 86  SER n 
1 87  GLY n 
1 88  GLN n 
1 89  TYR n 
1 90  PRO n 
1 91  ASN n 
1 92  LEU n 
1 93  GLU n 
1 94  THR n 
1 95  PHE n 
1 96  ALA n 
1 97  LEU n 
1 98  ASP n 
1 99  VAL n 
1 100 ARG n 
1 101 LEU n 
1 102 VAL n 
1 103 PHE n 
1 104 ASP n 
1 105 ASN n 
1 106 CYS n 
1 107 GLU n 
1 108 THR n 
1 109 PHE n 
1 110 ASN n 
1 111 GLU n 
1 112 ASP n 
1 113 ASP n 
1 114 SER n 
1 115 ASP n 
1 116 ILE n 
1 117 GLY n 
1 118 ARG n 
1 119 ALA n 
1 120 GLY n 
1 121 HIS n 
1 122 ASN n 
1 123 MET n 
1 124 ARG n 
1 125 LYS n 
1 126 TYR n 
1 127 PHE n 
1 128 GLU n 
1 129 LYS n 
1 130 LYS n 
1 131 TRP n 
1 132 THR n 
1 133 ASP n 
1 134 THR n 
1 135 PHE n 
1 136 LYS n 
1 137 VAL n 
1 138 SER n 
# 
_entity_src_gen.entity_id                          1 
_entity_src_gen.pdbx_src_id                        1 
_entity_src_gen.pdbx_alt_source_flag               sample 
_entity_src_gen.pdbx_seq_type                      'Biological sequence' 
_entity_src_gen.pdbx_beg_seq_num                   1 
_entity_src_gen.pdbx_end_seq_num                   138 
_entity_src_gen.gene_src_common_name               Human 
_entity_src_gen.gene_src_genus                     ? 
_entity_src_gen.pdbx_gene_src_gene                 'BAZ2B, KIAA1476' 
_entity_src_gen.gene_src_species                   ? 
_entity_src_gen.gene_src_strain                    ? 
_entity_src_gen.gene_src_tissue                    ? 
_entity_src_gen.gene_src_tissue_fraction           ? 
_entity_src_gen.gene_src_details                   ? 
_entity_src_gen.pdbx_gene_src_fragment             ? 
_entity_src_gen.pdbx_gene_src_scientific_name      'Homo sapiens' 
_entity_src_gen.pdbx_gene_src_ncbi_taxonomy_id     9606 
_entity_src_gen.pdbx_gene_src_variant              ? 
_entity_src_gen.pdbx_gene_src_cell_line            ? 
_entity_src_gen.pdbx_gene_src_atcc                 ? 
_entity_src_gen.pdbx_gene_src_organ                ? 
_entity_src_gen.pdbx_gene_src_organelle            ? 
_entity_src_gen.pdbx_gene_src_cell                 ? 
_entity_src_gen.pdbx_gene_src_cellular_location    ? 
_entity_src_gen.host_org_common_name               ? 
_entity_src_gen.pdbx_host_org_scientific_name      'escherichia coli' 
_entity_src_gen.pdbx_host_org_ncbi_taxonomy_id     562 
_entity_src_gen.host_org_genus                     ? 
_entity_src_gen.pdbx_host_org_gene                 ? 
_entity_src_gen.pdbx_host_org_organ                ? 
_entity_src_gen.host_org_species                   ? 
_entity_src_gen.pdbx_host_org_tissue               ? 
_entity_src_gen.pdbx_host_org_tissue_fraction      ? 
_entity_src_gen.pdbx_host_org_strain               ? 
_entity_src_gen.pdbx_host_org_variant              ? 
_entity_src_gen.pdbx_host_org_cell_line            ? 
_entity_src_gen.pdbx_host_org_atcc                 ? 
_entity_src_gen.pdbx_host_org_culture_collection   ? 
_entity_src_gen.pdbx_host_org_cell                 ? 
_entity_src_gen.pdbx_host_org_organelle            ? 
_entity_src_gen.pdbx_host_org_cellular_location    ? 
_entity_src_gen.pdbx_host_org_vector_type          ? 
_entity_src_gen.pdbx_host_org_vector               ? 
_entity_src_gen.host_org_details                   ? 
_entity_src_gen.expression_system_id               ? 
_entity_src_gen.plasmid_name                       ? 
_entity_src_gen.plasmid_details                    ? 
_entity_src_gen.pdbx_description                   ? 
# 
loop_
_chem_comp.id 
_chem_comp.type 
_chem_comp.mon_nstd_flag 
_chem_comp.name 
_chem_comp.pdbx_synonyms 
_chem_comp.formula 
_chem_comp.formula_weight 
ALA 'L-peptide linking' y ALANINE                       ?                 'C3 H7 N O2'     89.093  
ARG 'L-peptide linking' y ARGININE                      ?                 'C6 H15 N4 O2 1' 175.209 
ASN 'L-peptide linking' y ASPARAGINE                    ?                 'C4 H8 N2 O3'    132.118 
ASP 'L-peptide linking' y 'ASPARTIC ACID'               ?                 'C4 H7 N O4'     133.103 
CYS 'L-peptide linking' y CYSTEINE                      ?                 'C3 H7 N O2 S'   121.158 
EDO non-polymer         . 1,2-ETHANEDIOL                'ETHYLENE GLYCOL' 'C2 H6 O2'       62.068  
GLN 'L-peptide linking' y GLUTAMINE                     ?                 'C5 H10 N2 O3'   146.144 
GLU 'L-peptide linking' y 'GLUTAMIC ACID'               ?                 'C5 H9 N O4'     147.129 
GLY 'peptide linking'   y GLYCINE                       ?                 'C2 H5 N O2'     75.067  
HIS 'L-peptide linking' y HISTIDINE                     ?                 'C6 H10 N3 O2 1' 156.162 
HOH non-polymer         . WATER                         ?                 'H2 O'           18.015  
ILE 'L-peptide linking' y ISOLEUCINE                    ?                 'C6 H13 N O2'    131.173 
LEU 'L-peptide linking' y LEUCINE                       ?                 'C6 H13 N O2'    131.173 
LYS 'L-peptide linking' y LYSINE                        ?                 'C6 H15 N2 O2 1' 147.195 
MET 'L-peptide linking' y METHIONINE                    ?                 'C5 H11 N O2 S'  149.211 
PHE 'L-peptide linking' y PHENYLALANINE                 ?                 'C9 H11 N O2'    165.189 
PRO 'L-peptide linking' y PROLINE                       ?                 'C5 H9 N O2'     115.130 
SER 'L-peptide linking' y SERINE                        ?                 'C3 H7 N O3'     105.093 
THR 'L-peptide linking' y THREONINE                     ?                 'C4 H9 N O3'     119.119 
TRP 'L-peptide linking' y TRYPTOPHAN                    ?                 'C11 H12 N2 O2'  204.225 
TYR 'L-peptide linking' y TYROSINE                      ?                 'C9 H11 N O3'    181.189 
TYZ non-polymer         . 'PARA ACETAMIDO BENZOIC ACID' ?                 'C9 H9 N O3'     179.173 
VAL 'L-peptide linking' y VALINE                        ?                 'C5 H11 N O2'    117.146 
# 
loop_
_pdbx_poly_seq_scheme.asym_id 
_pdbx_poly_seq_scheme.entity_id 
_pdbx_poly_seq_scheme.seq_id 
_pdbx_poly_seq_scheme.mon_id 
_pdbx_poly_seq_scheme.ndb_seq_num 
_pdbx_poly_seq_scheme.pdb_seq_num 
_pdbx_poly_seq_scheme.auth_seq_num 
_pdbx_poly_seq_scheme.pdb_mon_id 
_pdbx_poly_seq_scheme.auth_mon_id 
_pdbx_poly_seq_scheme.pdb_strand_id 
_pdbx_poly_seq_scheme.pdb_ins_code 
_pdbx_poly_seq_scheme.hetero 
A 1 1   MET 1   1835 ?    ?   ?   A . n 
A 1 2   HIS 2   1836 ?    ?   ?   A . n 
A 1 3   HIS 3   1837 ?    ?   ?   A . n 
A 1 4   HIS 4   1838 ?    ?   ?   A . n 
A 1 5   HIS 5   1839 ?    ?   ?   A . n 
A 1 6   HIS 6   1840 ?    ?   ?   A . n 
A 1 7   HIS 7   1841 ?    ?   ?   A . n 
A 1 8   SER 8   1842 ?    ?   ?   A . n 
A 1 9   SER 9   1843 ?    ?   ?   A . n 
A 1 10  GLY 10  1844 ?    ?   ?   A . n 
A 1 11  VAL 11  1845 ?    ?   ?   A . n 
A 1 12  ASP 12  1846 ?    ?   ?   A . n 
A 1 13  LEU 13  1847 ?    ?   ?   A . n 
A 1 14  GLY 14  1848 ?    ?   ?   A . n 
A 1 15  THR 15  1849 ?    ?   ?   A . n 
A 1 16  GLU 16  1850 ?    ?   ?   A . n 
A 1 17  ASN 17  1851 ?    ?   ?   A . n 
A 1 18  LEU 18  1852 ?    ?   ?   A . n 
A 1 19  TYR 19  1853 ?    ?   ?   A . n 
A 1 20  PHE 20  1854 ?    ?   ?   A . n 
A 1 21  GLN 21  1855 ?    ?   ?   A . n 
A 1 22  SER 22  1856 1856 SER SER A . n 
A 1 23  MET 23  1857 1857 MET MET A . n 
A 1 24  SER 24  1858 1858 SER SER A . n 
A 1 25  VAL 25  1859 1859 VAL VAL A . n 
A 1 26  LYS 26  1860 1860 LYS LYS A . n 
A 1 27  LYS 27  1861 1861 LYS LYS A . n 
A 1 28  PRO 28  1862 1862 PRO PRO A . n 
A 1 29  LYS 29  1863 1863 LYS LYS A . n 
A 1 30  ARG 30  1864 1864 ARG ARG A . n 
A 1 31  ASP 31  1865 1865 ASP ASP A . n 
A 1 32  ASP 32  1866 1866 ASP ASP A . n 
A 1 33  SER 33  1867 1867 SER SER A . n 
A 1 34  LYS 34  1868 1868 LYS LYS A . n 
A 1 35  ASP 35  1869 1869 ASP ASP A . n 
A 1 36  LEU 36  1870 1870 LEU LEU A . n 
A 1 37  ALA 37  1871 1871 ALA ALA A . n 
A 1 38  LEU 38  1872 1872 LEU LEU A . n 
A 1 39  CYS 39  1873 1873 CYS CYS A . n 
A 1 40  SER 40  1874 1874 SER SER A . n 
A 1 41  MET 41  1875 1875 MET MET A . n 
A 1 42  ILE 42  1876 1876 ILE ILE A . n 
A 1 43  LEU 43  1877 1877 LEU LEU A . n 
A 1 44  THR 44  1878 1878 THR THR A . n 
A 1 45  GLU 45  1879 1879 GLU GLU A . n 
A 1 46  MET 46  1880 1880 MET MET A . n 
A 1 47  GLU 47  1881 1881 GLU GLU A . n 
A 1 48  THR 48  1882 1882 THR THR A . n 
A 1 49  HIS 49  1883 1883 HIS HIS A . n 
A 1 50  GLU 50  1884 1884 GLU GLU A . n 
A 1 51  ASP 51  1885 1885 ASP ASP A . n 
A 1 52  ALA 52  1886 1886 ALA ALA A . n 
A 1 53  TRP 53  1887 1887 TRP TRP A . n 
A 1 54  PRO 54  1888 1888 PRO PRO A . n 
A 1 55  PHE 55  1889 1889 PHE PHE A . n 
A 1 56  LEU 56  1890 1890 LEU LEU A . n 
A 1 57  LEU 57  1891 1891 LEU LEU A . n 
A 1 58  PRO 58  1892 1892 PRO PRO A . n 
A 1 59  VAL 59  1893 1893 VAL VAL A . n 
A 1 60  ASN 60  1894 1894 ASN ASN A . n 
A 1 61  LEU 61  1895 1895 LEU LEU A . n 
A 1 62  LYS 62  1896 1896 LYS LYS A . n 
A 1 63  LEU 63  1897 1897 LEU LEU A . n 
A 1 64  VAL 64  1898 1898 VAL VAL A . n 
A 1 65  PRO 65  1899 1899 PRO PRO A . n 
A 1 66  GLY 66  1900 1900 GLY GLY A . n 
A 1 67  TYR 67  1901 1901 TYR TYR A . n 
A 1 68  LYS 68  1902 1902 LYS LYS A . n 
A 1 69  LYS 69  1903 1903 LYS LYS A . n 
A 1 70  VAL 70  1904 1904 VAL VAL A . n 
A 1 71  ILE 71  1905 1905 ILE ILE A . n 
A 1 72  LYS 72  1906 1906 LYS LYS A . n 
A 1 73  LYS 73  1907 1907 LYS LYS A . n 
A 1 74  PRO 74  1908 1908 PRO PRO A . n 
A 1 75  MET 75  1909 1909 MET MET A . n 
A 1 76  ASP 76  1910 1910 ASP ASP A . n 
A 1 77  PHE 77  1911 1911 PHE PHE A . n 
A 1 78  SER 78  1912 1912 SER SER A . n 
A 1 79  THR 79  1913 1913 THR THR A . n 
A 1 80  ILE 80  1914 1914 ILE ILE A . n 
A 1 81  ARG 81  1915 1915 ARG ARG A . n 
A 1 82  GLU 82  1916 1916 GLU GLU A . n 
A 1 83  LYS 83  1917 1917 LYS LYS A . n 
A 1 84  LEU 84  1918 1918 LEU LEU A . n 
A 1 85  SER 85  1919 1919 SER SER A . n 
A 1 86  SER 86  1920 1920 SER SER A . n 
A 1 87  GLY 87  1921 1921 GLY GLY A . n 
A 1 88  GLN 88  1922 1922 GLN GLN A . n 
A 1 89  TYR 89  1923 1923 TYR TYR A . n 
A 1 90  PRO 90  1924 1924 PRO PRO A . n 
A 1 91  ASN 91  1925 1925 ASN ASN A . n 
A 1 92  LEU 92  1926 1926 LEU LEU A . n 
A 1 93  GLU 93  1927 1927 GLU GLU A . n 
A 1 94  THR 94  1928 1928 THR THR A . n 
A 1 95  PHE 95  1929 1929 PHE PHE A . n 
A 1 96  ALA 96  1930 1930 ALA ALA A . n 
A 1 97  LEU 97  1931 1931 LEU LEU A . n 
A 1 98  ASP 98  1932 1932 ASP ASP A . n 
A 1 99  VAL 99  1933 1933 VAL VAL A . n 
A 1 100 ARG 100 1934 1934 ARG ARG A . n 
A 1 101 LEU 101 1935 1935 LEU LEU A . n 
A 1 102 VAL 102 1936 1936 VAL VAL A . n 
A 1 103 PHE 103 1937 1937 PHE PHE A . n 
A 1 104 ASP 104 1938 1938 ASP ASP A . n 
A 1 105 ASN 105 1939 1939 ASN ASN A . n 
A 1 106 CYS 106 1940 1940 CYS CYS A . n 
A 1 107 GLU 107 1941 1941 GLU GLU A . n 
A 1 108 THR 108 1942 1942 THR THR A . n 
A 1 109 PHE 109 1943 1943 PHE PHE A . n 
A 1 110 ASN 110 1944 1944 ASN ASN A . n 
A 1 111 GLU 111 1945 1945 GLU GLU A . n 
A 1 112 ASP 112 1946 1946 ASP ASP A . n 
A 1 113 ASP 113 1947 1947 ASP ASP A . n 
A 1 114 SER 114 1948 1948 SER SER A . n 
A 1 115 ASP 115 1949 1949 ASP ASP A . n 
A 1 116 ILE 116 1950 1950 ILE ILE A . n 
A 1 117 GLY 117 1951 1951 GLY GLY A . n 
A 1 118 ARG 118 1952 1952 ARG ARG A . n 
A 1 119 ALA 119 1953 1953 ALA ALA A . n 
A 1 120 GLY 120 1954 1954 GLY GLY A . n 
A 1 121 HIS 121 1955 1955 HIS HIS A . n 
A 1 122 ASN 122 1956 1956 ASN ASN A . n 
A 1 123 MET 123 1957 1957 MET MET A . n 
A 1 124 ARG 124 1958 1958 ARG ARG A . n 
A 1 125 LYS 125 1959 1959 LYS LYS A . n 
A 1 126 TYR 126 1960 1960 TYR TYR A . n 
A 1 127 PHE 127 1961 1961 PHE PHE A . n 
A 1 128 GLU 128 1962 1962 GLU GLU A . n 
A 1 129 LYS 129 1963 1963 LYS LYS A . n 
A 1 130 LYS 130 1964 1964 LYS LYS A . n 
A 1 131 TRP 131 1965 1965 TRP TRP A . n 
A 1 132 THR 132 1966 1966 THR THR A . n 
A 1 133 ASP 133 1967 1967 ASP ASP A . n 
A 1 134 THR 134 1968 1968 THR THR A . n 
A 1 135 PHE 135 1969 1969 PHE PHE A . n 
A 1 136 LYS 136 1970 1970 LYS LYS A . n 
A 1 137 VAL 137 1971 ?    ?   ?   A . n 
A 1 138 SER 138 1972 ?    ?   ?   A . n 
# 
loop_
_pdbx_nonpoly_scheme.asym_id 
_pdbx_nonpoly_scheme.entity_id 
_pdbx_nonpoly_scheme.mon_id 
_pdbx_nonpoly_scheme.ndb_seq_num 
_pdbx_nonpoly_scheme.pdb_seq_num 
_pdbx_nonpoly_scheme.auth_seq_num 
_pdbx_nonpoly_scheme.pdb_mon_id 
_pdbx_nonpoly_scheme.auth_mon_id 
_pdbx_nonpoly_scheme.pdb_strand_id 
_pdbx_nonpoly_scheme.pdb_ins_code 
B 2 EDO 1   2001 1   EDO EDO A . 
C 2 EDO 1   2002 2   EDO EDO A . 
D 3 TYZ 1   2003 1   TYZ LIG A . 
E 4 HOH 1   2101 167 HOH HOH A . 
E 4 HOH 2   2102 196 HOH HOH A . 
E 4 HOH 3   2103 61  HOH HOH A . 
E 4 HOH 4   2104 74  HOH HOH A . 
E 4 HOH 5   2105 38  HOH HOH A . 
E 4 HOH 6   2106 50  HOH HOH A . 
E 4 HOH 7   2107 114 HOH HOH A . 
E 4 HOH 8   2108 205 HOH HOH A . 
E 4 HOH 9   2109 107 HOH HOH A . 
E 4 HOH 10  2110 28  HOH HOH A . 
E 4 HOH 11  2111 148 HOH HOH A . 
E 4 HOH 12  2112 126 HOH HOH A . 
E 4 HOH 13  2113 47  HOH HOH A . 
E 4 HOH 14  2114 36  HOH HOH A . 
E 4 HOH 15  2115 21  HOH HOH A . 
E 4 HOH 16  2116 163 HOH HOH A . 
E 4 HOH 17  2117 68  HOH HOH A . 
E 4 HOH 18  2118 40  HOH HOH A . 
E 4 HOH 19  2119 152 HOH HOH A . 
E 4 HOH 20  2120 48  HOH HOH A . 
E 4 HOH 21  2121 116 HOH HOH A . 
E 4 HOH 22  2122 14  HOH HOH A . 
E 4 HOH 23  2123 24  HOH HOH A . 
E 4 HOH 24  2124 92  HOH HOH A . 
E 4 HOH 25  2125 44  HOH HOH A . 
E 4 HOH 26  2126 100 HOH HOH A . 
E 4 HOH 27  2127 34  HOH HOH A . 
E 4 HOH 28  2128 7   HOH HOH A . 
E 4 HOH 29  2129 5   HOH HOH A . 
E 4 HOH 30  2130 20  HOH HOH A . 
E 4 HOH 31  2131 37  HOH HOH A . 
E 4 HOH 32  2132 64  HOH HOH A . 
E 4 HOH 33  2133 19  HOH HOH A . 
E 4 HOH 34  2134 146 HOH HOH A . 
E 4 HOH 35  2135 174 HOH HOH A . 
E 4 HOH 36  2136 32  HOH HOH A . 
E 4 HOH 37  2137 9   HOH HOH A . 
E 4 HOH 38  2138 52  HOH HOH A . 
E 4 HOH 39  2139 6   HOH HOH A . 
E 4 HOH 40  2140 70  HOH HOH A . 
E 4 HOH 41  2141 39  HOH HOH A . 
E 4 HOH 42  2142 169 HOH HOH A . 
E 4 HOH 43  2143 10  HOH HOH A . 
E 4 HOH 44  2144 154 HOH HOH A . 
E 4 HOH 45  2145 30  HOH HOH A . 
E 4 HOH 46  2146 16  HOH HOH A . 
E 4 HOH 47  2147 26  HOH HOH A . 
E 4 HOH 48  2148 23  HOH HOH A . 
E 4 HOH 49  2149 191 HOH HOH A . 
E 4 HOH 50  2150 62  HOH HOH A . 
E 4 HOH 51  2151 91  HOH HOH A . 
E 4 HOH 52  2152 168 HOH HOH A . 
E 4 HOH 53  2153 17  HOH HOH A . 
E 4 HOH 54  2154 46  HOH HOH A . 
E 4 HOH 55  2155 72  HOH HOH A . 
E 4 HOH 56  2156 76  HOH HOH A . 
E 4 HOH 57  2157 25  HOH HOH A . 
E 4 HOH 58  2158 190 HOH HOH A . 
E 4 HOH 59  2159 113 HOH HOH A . 
E 4 HOH 60  2160 137 HOH HOH A . 
E 4 HOH 61  2161 2   HOH HOH A . 
E 4 HOH 62  2162 149 HOH HOH A . 
E 4 HOH 63  2163 27  HOH HOH A . 
E 4 HOH 64  2164 63  HOH HOH A . 
E 4 HOH 65  2165 4   HOH HOH A . 
E 4 HOH 66  2166 182 HOH HOH A . 
E 4 HOH 67  2167 207 HOH HOH A . 
E 4 HOH 68  2168 15  HOH HOH A . 
E 4 HOH 69  2169 166 HOH HOH A . 
E 4 HOH 70  2170 77  HOH HOH A . 
E 4 HOH 71  2171 35  HOH HOH A . 
E 4 HOH 72  2172 45  HOH HOH A . 
E 4 HOH 73  2173 81  HOH HOH A . 
E 4 HOH 74  2174 54  HOH HOH A . 
E 4 HOH 75  2175 75  HOH HOH A . 
E 4 HOH 76  2176 80  HOH HOH A . 
E 4 HOH 77  2177 194 HOH HOH A . 
E 4 HOH 78  2178 90  HOH HOH A . 
E 4 HOH 79  2179 206 HOH HOH A . 
E 4 HOH 80  2180 51  HOH HOH A . 
E 4 HOH 81  2181 84  HOH HOH A . 
E 4 HOH 82  2182 93  HOH HOH A . 
E 4 HOH 83  2183 106 HOH HOH A . 
E 4 HOH 84  2184 101 HOH HOH A . 
E 4 HOH 85  2185 53  HOH HOH A . 
E 4 HOH 86  2186 59  HOH HOH A . 
E 4 HOH 87  2187 1   HOH HOH A . 
E 4 HOH 88  2188 73  HOH HOH A . 
E 4 HOH 89  2189 144 HOH HOH A . 
E 4 HOH 90  2190 57  HOH HOH A . 
E 4 HOH 91  2191 189 HOH HOH A . 
E 4 HOH 92  2192 56  HOH HOH A . 
E 4 HOH 93  2193 171 HOH HOH A . 
E 4 HOH 94  2194 12  HOH HOH A . 
E 4 HOH 95  2195 29  HOH HOH A . 
E 4 HOH 96  2196 105 HOH HOH A . 
E 4 HOH 97  2197 66  HOH HOH A . 
E 4 HOH 98  2198 158 HOH HOH A . 
E 4 HOH 99  2199 173 HOH HOH A . 
E 4 HOH 100 2200 18  HOH HOH A . 
E 4 HOH 101 2201 41  HOH HOH A . 
E 4 HOH 102 2202 193 HOH HOH A . 
E 4 HOH 103 2203 8   HOH HOH A . 
E 4 HOH 104 2204 145 HOH HOH A . 
E 4 HOH 105 2205 164 HOH HOH A . 
E 4 HOH 106 2206 3   HOH HOH A . 
E 4 HOH 107 2207 139 HOH HOH A . 
E 4 HOH 108 2208 172 HOH HOH A . 
E 4 HOH 109 2209 65  HOH HOH A . 
E 4 HOH 110 2210 117 HOH HOH A . 
E 4 HOH 111 2211 22  HOH HOH A . 
E 4 HOH 112 2212 33  HOH HOH A . 
E 4 HOH 113 2213 156 HOH HOH A . 
E 4 HOH 114 2214 82  HOH HOH A . 
E 4 HOH 115 2215 13  HOH HOH A . 
E 4 HOH 116 2216 170 HOH HOH A . 
E 4 HOH 117 2217 120 HOH HOH A . 
E 4 HOH 118 2218 147 HOH HOH A . 
E 4 HOH 119 2219 103 HOH HOH A . 
E 4 HOH 120 2220 11  HOH HOH A . 
E 4 HOH 121 2221 88  HOH HOH A . 
E 4 HOH 122 2222 83  HOH HOH A . 
E 4 HOH 123 2223 95  HOH HOH A . 
E 4 HOH 124 2224 188 HOH HOH A . 
E 4 HOH 125 2225 69  HOH HOH A . 
E 4 HOH 126 2226 138 HOH HOH A . 
E 4 HOH 127 2227 98  HOH HOH A . 
E 4 HOH 128 2228 153 HOH HOH A . 
E 4 HOH 129 2229 143 HOH HOH A . 
E 4 HOH 130 2230 99  HOH HOH A . 
E 4 HOH 131 2231 181 HOH HOH A . 
E 4 HOH 132 2232 178 HOH HOH A . 
E 4 HOH 133 2233 157 HOH HOH A . 
E 4 HOH 134 2234 124 HOH HOH A . 
E 4 HOH 135 2235 108 HOH HOH A . 
E 4 HOH 136 2236 201 HOH HOH A . 
E 4 HOH 137 2237 132 HOH HOH A . 
E 4 HOH 138 2238 85  HOH HOH A . 
E 4 HOH 139 2239 162 HOH HOH A . 
E 4 HOH 140 2240 141 HOH HOH A . 
E 4 HOH 141 2241 60  HOH HOH A . 
E 4 HOH 142 2242 185 HOH HOH A . 
E 4 HOH 143 2243 130 HOH HOH A . 
E 4 HOH 144 2244 112 HOH HOH A . 
E 4 HOH 145 2245 135 HOH HOH A . 
E 4 HOH 146 2246 129 HOH HOH A . 
E 4 HOH 147 2247 49  HOH HOH A . 
E 4 HOH 148 2248 97  HOH HOH A . 
E 4 HOH 149 2249 161 HOH HOH A . 
E 4 HOH 150 2250 71  HOH HOH A . 
E 4 HOH 151 2251 176 HOH HOH A . 
E 4 HOH 152 2252 31  HOH HOH A . 
E 4 HOH 153 2253 96  HOH HOH A . 
E 4 HOH 154 2254 119 HOH HOH A . 
E 4 HOH 155 2255 43  HOH HOH A . 
E 4 HOH 156 2256 102 HOH HOH A . 
E 4 HOH 157 2257 183 HOH HOH A . 
E 4 HOH 158 2258 202 HOH HOH A . 
E 4 HOH 159 2259 192 HOH HOH A . 
E 4 HOH 160 2260 187 HOH HOH A . 
E 4 HOH 161 2261 127 HOH HOH A . 
E 4 HOH 162 2262 151 HOH HOH A . 
E 4 HOH 163 2263 110 HOH HOH A . 
E 4 HOH 164 2264 150 HOH HOH A . 
E 4 HOH 165 2265 94  HOH HOH A . 
E 4 HOH 166 2266 58  HOH HOH A . 
E 4 HOH 167 2267 123 HOH HOH A . 
E 4 HOH 168 2268 134 HOH HOH A . 
E 4 HOH 169 2269 104 HOH HOH A . 
E 4 HOH 170 2270 86  HOH HOH A . 
E 4 HOH 171 2271 79  HOH HOH A . 
E 4 HOH 172 2272 155 HOH HOH A . 
E 4 HOH 173 2273 42  HOH HOH A . 
E 4 HOH 174 2274 136 HOH HOH A . 
E 4 HOH 175 2275 199 HOH HOH A . 
E 4 HOH 176 2276 89  HOH HOH A . 
E 4 HOH 177 2277 198 HOH HOH A . 
E 4 HOH 178 2278 122 HOH HOH A . 
E 4 HOH 179 2279 78  HOH HOH A . 
E 4 HOH 180 2280 87  HOH HOH A . 
E 4 HOH 181 2281 195 HOH HOH A . 
E 4 HOH 182 2282 128 HOH HOH A . 
E 4 HOH 183 2283 118 HOH HOH A . 
E 4 HOH 184 2284 111 HOH HOH A . 
E 4 HOH 185 2285 55  HOH HOH A . 
E 4 HOH 186 2286 142 HOH HOH A . 
E 4 HOH 187 2287 197 HOH HOH A . 
E 4 HOH 188 2288 109 HOH HOH A . 
E 4 HOH 189 2289 186 HOH HOH A . 
E 4 HOH 190 2290 159 HOH HOH A . 
E 4 HOH 191 2291 177 HOH HOH A . 
E 4 HOH 192 2292 121 HOH HOH A . 
E 4 HOH 193 2293 165 HOH HOH A . 
E 4 HOH 194 2294 180 HOH HOH A . 
E 4 HOH 195 2295 160 HOH HOH A . 
E 4 HOH 196 2296 179 HOH HOH A . 
E 4 HOH 197 2297 67  HOH HOH A . 
E 4 HOH 198 2298 204 HOH HOH A . 
E 4 HOH 199 2299 184 HOH HOH A . 
E 4 HOH 200 2300 140 HOH HOH A . 
E 4 HOH 201 2301 131 HOH HOH A . 
E 4 HOH 202 2302 175 HOH HOH A . 
E 4 HOH 203 2303 203 HOH HOH A . 
E 4 HOH 204 2304 125 HOH HOH A . 
E 4 HOH 205 2305 133 HOH HOH A . 
# 
loop_
_pdbx_unobs_or_zero_occ_atoms.id 
_pdbx_unobs_or_zero_occ_atoms.PDB_model_num 
_pdbx_unobs_or_zero_occ_atoms.polymer_flag 
_pdbx_unobs_or_zero_occ_atoms.occupancy_flag 
_pdbx_unobs_or_zero_occ_atoms.auth_asym_id 
_pdbx_unobs_or_zero_occ_atoms.auth_comp_id 
_pdbx_unobs_or_zero_occ_atoms.auth_seq_id 
_pdbx_unobs_or_zero_occ_atoms.PDB_ins_code 
_pdbx_unobs_or_zero_occ_atoms.auth_atom_id 
_pdbx_unobs_or_zero_occ_atoms.label_alt_id 
_pdbx_unobs_or_zero_occ_atoms.label_asym_id 
_pdbx_unobs_or_zero_occ_atoms.label_comp_id 
_pdbx_unobs_or_zero_occ_atoms.label_seq_id 
_pdbx_unobs_or_zero_occ_atoms.label_atom_id 
1  1 Y 1 A LYS 1863 ? CG ? A LYS 29  CG 
2  1 Y 1 A LYS 1863 ? CD ? A LYS 29  CD 
3  1 Y 1 A LYS 1863 ? CE ? A LYS 29  CE 
4  1 Y 1 A LYS 1863 ? NZ ? A LYS 29  NZ 
5  1 Y 1 A LYS 1868 ? CE ? A LYS 34  CE 
6  1 Y 1 A LYS 1868 ? NZ ? A LYS 34  NZ 
7  1 Y 1 A LYS 1970 ? CG ? A LYS 136 CG 
8  1 Y 1 A LYS 1970 ? CD ? A LYS 136 CD 
9  1 Y 1 A LYS 1970 ? CE ? A LYS 136 CE 
10 1 Y 1 A LYS 1970 ? NZ ? A LYS 136 NZ 
# 
loop_
_software.pdbx_ordinal 
_software.name 
_software.version 
_software.date 
_software.type 
_software.contact_author 
_software.contact_author_email 
_software.classification 
_software.location 
_software.language 
_software.citation_id 
1 PHENIX      1.9_1682 ?               package 'Paul D. Adams' PDAdams@lbl.gov          refinement        
http://www.phenix-online.org/                       C++ ? 
2 Aimless     0.1.29   21/08/12        program 'Phil Evans'    ?                        'data scaling'    
http://www.mrc-lmb.cam.ac.uk/harry/pre/aimless.html ?   ? 
3 PDB_EXTRACT 3.23     'SEP. 23, 2016' package PDB             deposit@deposit.rcsb.org 'data extraction' 
http://sw-tools.pdb.org/apps/PDB_EXTRACT/           C++ ? 
4 XDS         .        ?               program ?               ?                        'data reduction'  ? ?   ? 
5 REFMAC      .        ?               program ?               ?                        phasing           ? ?   ? 
# 
_cell.entry_id           5PBD 
_cell.length_a           82.577 
_cell.length_b           96.721 
_cell.length_c           58.029 
_cell.angle_alpha        90.000 
_cell.angle_beta         90.000 
_cell.angle_gamma        90.000 
_cell.Z_PDB              8 
_cell.pdbx_unique_axis   ? 
# 
_symmetry.entry_id                         5PBD 
_symmetry.space_group_name_H-M             'C 2 2 21' 
_symmetry.pdbx_full_space_group_name_H-M   ? 
_symmetry.cell_setting                     ? 
_symmetry.Int_Tables_number                20 
# 
_exptl.crystals_number   1 
_exptl.entry_id          5PBD 
_exptl.method            'X-RAY DIFFRACTION' 
# 
_exptl_crystal.id                    1 
_exptl_crystal.pdbx_mosaicity        0.080 
_exptl_crystal.pdbx_mosaicity_esd    ? 
_exptl_crystal.density_Matthews      3.60 
_exptl_crystal.density_diffrn        ? 
_exptl_crystal.density_meas          ? 
_exptl_crystal.density_meas_temp     ? 
_exptl_crystal.density_percent_sol   65.84 
_exptl_crystal.size_max              ? 
_exptl_crystal.size_mid              ? 
_exptl_crystal.size_min              ? 
_exptl_crystal.size_rad              ? 
_exptl_crystal.description           ? 
# 
_exptl_crystal_grow.crystal_id      1 
_exptl_crystal_grow.method          'VAPOR DIFFUSION, SITTING DROP' 
_exptl_crystal_grow.pH              7 
_exptl_crystal_grow.temp            277 
_exptl_crystal_grow.pdbx_details    '30% PEG600 -- 0.1M MES pH 6.0' 
_exptl_crystal_grow.temp_details    ? 
_exptl_crystal_grow.pdbx_pH_range   ? 
# 
_diffrn.id                     1 
_diffrn.ambient_temp           100 
_diffrn.crystal_id             1 
_diffrn.ambient_temp_details   ? 
# 
_diffrn_detector.detector               PIXEL 
_diffrn_detector.type                   'DECTRIS PILATUS 2M' 
_diffrn_detector.pdbx_collection_date   2013-03-10 
_diffrn_detector.diffrn_id              1 
_diffrn_detector.details                ? 
# 
_diffrn_radiation.diffrn_id                        1 
_diffrn_radiation.wavelength_id                    1 
_diffrn_radiation.pdbx_diffrn_protocol             'SINGLE WAVELENGTH' 
_diffrn_radiation.pdbx_monochromatic_or_laue_m_l   ? 
_diffrn_radiation.monochromator                    ? 
_diffrn_radiation.pdbx_scattering_type             x-ray 
# 
_diffrn_radiation_wavelength.id           1 
_diffrn_radiation_wavelength.wavelength   0.9200 
_diffrn_radiation_wavelength.wt           1.0 
# 
_diffrn_source.diffrn_id                   1 
_diffrn_source.source                      SYNCHROTRON 
_diffrn_source.type                        'DIAMOND BEAMLINE I04-1' 
_diffrn_source.pdbx_wavelength_list        0.9200 
_diffrn_source.pdbx_synchrotron_site       Diamond 
_diffrn_source.pdbx_synchrotron_beamline   I04-1 
_diffrn_source.pdbx_wavelength             ? 
# 
_reflns.entry_id                     5PBD 
_reflns.pdbx_diffrn_id               1 
_reflns.pdbx_ordinal                 1 
_reflns.observed_criterion_sigma_I   ? 
_reflns.observed_criterion_sigma_F   ? 
_reflns.d_resolution_low             29.010 
_reflns.d_resolution_high            1.780 
_reflns.number_obs                   22736 
_reflns.number_all                   ? 
_reflns.percent_possible_obs         99.500 
_reflns.pdbx_Rmerge_I_obs            0.051 
_reflns.pdbx_Rsym_value              ? 
_reflns.pdbx_netI_over_sigmaI        20.100 
_reflns.B_iso_Wilson_estimate        31.100 
_reflns.pdbx_redundancy              6.600 
_reflns.pdbx_Rrim_I_all              0.055 
_reflns.pdbx_Rpim_I_all              0.021 
_reflns.pdbx_CC_half                 0.999 
_reflns.pdbx_netI_over_av_sigmaI     ? 
_reflns.pdbx_number_measured_all     148969 
_reflns.pdbx_scaling_rejects         8 
_reflns.pdbx_chi_squared             ? 
_reflns.Rmerge_F_all                 ? 
_reflns.Rmerge_F_obs                 ? 
_reflns.observed_criterion_F_max     ? 
_reflns.observed_criterion_F_min     ? 
_reflns.observed_criterion_I_max     ? 
_reflns.observed_criterion_I_min     ? 
_reflns.pdbx_d_res_high_opt          ? 
_reflns.pdbx_d_res_low_opt           ? 
_reflns.details                      ? 
# 
loop_
_reflns_shell.pdbx_diffrn_id 
_reflns_shell.pdbx_ordinal 
_reflns_shell.d_res_high 
_reflns_shell.d_res_low 
_reflns_shell.number_measured_obs 
_reflns_shell.number_measured_all 
_reflns_shell.number_unique_obs 
_reflns_shell.pdbx_rejects 
_reflns_shell.Rmerge_I_obs 
_reflns_shell.meanI_over_sigI_obs 
_reflns_shell.pdbx_Rsym_value 
_reflns_shell.pdbx_chi_squared 
_reflns_shell.pdbx_redundancy 
_reflns_shell.percent_possible_obs 
_reflns_shell.pdbx_netI_over_sigmaI_obs 
_reflns_shell.number_possible 
_reflns_shell.number_unique_all 
_reflns_shell.Rmerge_F_all 
_reflns_shell.Rmerge_F_obs 
_reflns_shell.Rmerge_I_all 
_reflns_shell.meanI_over_sigI_all 
_reflns_shell.percent_possible_all 
_reflns_shell.pdbx_Rrim_I_all 
_reflns_shell.pdbx_Rpim_I_all 
_reflns_shell.pdbx_CC_half 
1 1 1.780 1.810  ? 7756 ? ? 0.844 ? ? ? 6.200 ? 2.100  ? 1260 ? ? ? ? 93.600 0.920 0.362 0.866 
1 2 8.880 29.010 ? 1272 ? ? 0.032 ? ? ? 6.000 ? 58.900 ? 212  ? ? ? ? 97.300 0.035 0.014 0.999 
# 
_refine.entry_id                                 5PBD 
_refine.pdbx_refine_id                           'X-RAY DIFFRACTION' 
_refine.ls_d_res_high                            1.7760 
_refine.ls_d_res_low                             29.010 
_refine.pdbx_ls_sigma_F                          1.340 
_refine.pdbx_data_cutoff_high_absF               ? 
_refine.pdbx_data_cutoff_low_absF                ? 
_refine.ls_percent_reflns_obs                    99.5700 
_refine.ls_number_reflns_obs                     22717 
_refine.ls_number_reflns_all                     ? 
_refine.pdbx_ls_cross_valid_method               THROUGHOUT 
_refine.ls_matrix_type                           ? 
_refine.pdbx_R_Free_selection_details            ? 
_refine.details                                  ? 
_refine.ls_R_factor_all                          ? 
_refine.ls_R_factor_obs                          0.1940 
_refine.ls_R_factor_R_work                       0.1926 
_refine.ls_wR_factor_R_work                      ? 
_refine.ls_R_factor_R_free                       0.2199 
_refine.ls_wR_factor_R_free                      ? 
_refine.ls_percent_reflns_R_free                 4.9400 
_refine.ls_number_reflns_R_free                  1123 
_refine.ls_number_reflns_R_work                  21594 
_refine.ls_R_factor_R_free_error                 ? 
_refine.B_iso_mean                               37.4391 
_refine.solvent_model_param_bsol                 ? 
_refine.solvent_model_param_ksol                 ? 
_refine.pdbx_isotropic_thermal_model             ? 
_refine.aniso_B[1][1]                            ? 
_refine.aniso_B[2][2]                            ? 
_refine.aniso_B[3][3]                            ? 
_refine.aniso_B[1][2]                            ? 
_refine.aniso_B[1][3]                            ? 
_refine.aniso_B[2][3]                            ? 
_refine.correlation_coeff_Fo_to_Fc               ? 
_refine.correlation_coeff_Fo_to_Fc_free          ? 
_refine.overall_SU_R_Cruickshank_DPI             ? 
_refine.pdbx_overall_SU_R_free_Cruickshank_DPI   ? 
_refine.pdbx_overall_SU_R_Blow_DPI               ? 
_refine.pdbx_overall_SU_R_free_Blow_DPI          ? 
_refine.overall_SU_R_free                        ? 
_refine.pdbx_overall_ESU_R                       ? 
_refine.pdbx_overall_ESU_R_Free                  ? 
_refine.overall_SU_ML                            0.2200 
_refine.overall_SU_B                             ? 
_refine.solvent_model_details                    'FLAT BULK SOLVENT MODEL' 
_refine.pdbx_solvent_vdw_probe_radii             1.1100 
_refine.pdbx_solvent_ion_probe_radii             ? 
_refine.pdbx_solvent_shrinkage_radii             0.9000 
_refine.ls_number_parameters                     ? 
_refine.ls_number_restraints                     ? 
_refine.pdbx_starting_model                      3G0L 
_refine.pdbx_method_to_determine_struct          'FOURIER SYNTHESIS' 
_refine.pdbx_stereochemistry_target_values       ML 
_refine.pdbx_stereochem_target_val_spec_case     ? 
_refine.overall_FOM_work_R_set                   ? 
_refine.B_iso_max                                80.340 
_refine.B_iso_min                                19.210 
_refine.pdbx_overall_phase_error                 24.2500 
_refine.occupancy_max                            ? 
_refine.occupancy_min                            ? 
_refine.pdbx_diffrn_id                           1 
_refine.pdbx_TLS_residual_ADP_flag               ? 
_refine.pdbx_ls_sigma_I                          ? 
_refine.pdbx_data_cutoff_high_rms_absF           ? 
_refine.ls_R_factor_R_free_error_details         ? 
# 
_refine_hist.cycle_id                         final 
_refine_hist.pdbx_refine_id                   'X-RAY DIFFRACTION' 
_refine_hist.d_res_high                       1.7760 
_refine_hist.d_res_low                        29.010 
_refine_hist.pdbx_number_atoms_ligand         21 
_refine_hist.number_atoms_solvent             205 
_refine_hist.number_atoms_total               1156 
_refine_hist.pdbx_number_residues_total       115 
_refine_hist.pdbx_B_iso_mean_ligand           40.76 
_refine_hist.pdbx_B_iso_mean_solvent          47.58 
_refine_hist.pdbx_number_atoms_protein        930 
_refine_hist.pdbx_number_atoms_nucleic_acid   0 
# 
loop_
_refine_ls_restr.pdbx_refine_id 
_refine_ls_restr.type 
_refine_ls_restr.number 
_refine_ls_restr.dev_ideal 
_refine_ls_restr.dev_ideal_target 
_refine_ls_restr.weight 
_refine_ls_restr.pdbx_restraint_function 
'X-RAY DIFFRACTION' f_bond_d           1021 0.007  ? ? ? 
'X-RAY DIFFRACTION' f_angle_d          1378 1.060  ? ? ? 
'X-RAY DIFFRACTION' f_chiral_restr     147  0.036  ? ? ? 
'X-RAY DIFFRACTION' f_plane_restr      178  0.005  ? ? ? 
'X-RAY DIFFRACTION' f_dihedral_angle_d 410  12.643 ? ? ? 
# 
loop_
_refine_ls_shell.d_res_high 
_refine_ls_shell.d_res_low 
_refine_ls_shell.pdbx_total_number_of_bins_used 
_refine_ls_shell.percent_reflns_obs 
_refine_ls_shell.number_reflns_R_work 
_refine_ls_shell.R_factor_all 
_refine_ls_shell.R_factor_R_work 
_refine_ls_shell.R_factor_R_free 
_refine_ls_shell.percent_reflns_R_free 
_refine_ls_shell.number_reflns_R_free 
_refine_ls_shell.R_factor_R_free_error 
_refine_ls_shell.number_reflns_all 
_refine_ls_shell.number_reflns_obs 
_refine_ls_shell.pdbx_refine_id 
1.7758 1.8567  8 98.0000  2601 . 0.3108 0.3332 . 133 . 2734 . 'X-RAY DIFFRACTION' 
1.8567 1.9545  8 100.0000 2673 . 0.2866 0.3156 . 146 . 2819 . 'X-RAY DIFFRACTION' 
1.9545 2.0769  8 100.0000 2687 . 0.2579 0.2820 . 120 . 2807 . 'X-RAY DIFFRACTION' 
2.0769 2.2373  8 100.0000 2684 . 0.2296 0.2700 . 142 . 2826 . 'X-RAY DIFFRACTION' 
2.2373 2.4623  8 100.0000 2702 . 0.2235 0.2587 . 137 . 2839 . 'X-RAY DIFFRACTION' 
2.4623 2.8183  8 100.0000 2695 . 0.2044 0.2206 . 134 . 2829 . 'X-RAY DIFFRACTION' 
2.8183 3.5498  8 100.0000 2716 . 0.1899 0.2279 . 165 . 2881 . 'X-RAY DIFFRACTION' 
3.5498 29.0184 8 100.0000 2836 . 0.1476 0.1698 . 146 . 2982 . 'X-RAY DIFFRACTION' 
# 
_struct.entry_id                  5PBD 
_struct.title                     'PanDDA analysis group deposition -- Crystal Structure of BAZ2B in complex with N09682a' 
_struct.pdbx_model_details        ? 
_struct.pdbx_CASP_flag            ? 
_struct.pdbx_model_type_details   ? 
# 
_struct_keywords.entry_id        5PBD 
_struct_keywords.text            'PanDDA, SGC - Diamond I04-1 fragment screening, bromodomain, epigenetics, DNA BINDING PROTEIN' 
_struct_keywords.pdbx_keywords   'DNA BINDING PROTEIN' 
# 
loop_
_struct_asym.id 
_struct_asym.pdbx_blank_PDB_chainid_flag 
_struct_asym.pdbx_modified 
_struct_asym.entity_id 
_struct_asym.details 
A N N 1 ? 
B N N 2 ? 
C N N 2 ? 
D N N 3 ? 
E N N 4 ? 
# 
_struct_ref.id                         1 
_struct_ref.db_name                    UNP 
_struct_ref.db_code                    BAZ2B_HUMAN 
_struct_ref.pdbx_db_accession          Q9UIF8 
_struct_ref.pdbx_db_isoform            Q9UIF8-2 
_struct_ref.entity_id                  1 
_struct_ref.pdbx_seq_one_letter_code   
;SVKKPKRDDSKDLALCSMILTEMETHEDAWPFLLPVNLKLVPGYKKVIKKPMDFSTIREKLSSGQYPNLETFALDVRLVF
DNCETFNEDDSDIGRAGHNMRKYFEKKWTDTFKVS
;
_struct_ref.pdbx_align_begin           1954 
# 
_struct_ref_seq.align_id                      1 
_struct_ref_seq.ref_id                        1 
_struct_ref_seq.pdbx_PDB_id_code              5PBD 
_struct_ref_seq.pdbx_strand_id                A 
_struct_ref_seq.seq_align_beg                 24 
_struct_ref_seq.pdbx_seq_align_beg_ins_code   ? 
_struct_ref_seq.seq_align_end                 138 
_struct_ref_seq.pdbx_seq_align_end_ins_code   ? 
_struct_ref_seq.pdbx_db_accession             Q9UIF8 
_struct_ref_seq.db_align_beg                  1954 
_struct_ref_seq.pdbx_db_align_beg_ins_code    ? 
_struct_ref_seq.db_align_end                  2068 
_struct_ref_seq.pdbx_db_align_end_ins_code    ? 
_struct_ref_seq.pdbx_auth_seq_align_beg       1858 
_struct_ref_seq.pdbx_auth_seq_align_end       1972 
# 
loop_
_struct_ref_seq_dif.align_id 
_struct_ref_seq_dif.pdbx_pdb_id_code 
_struct_ref_seq_dif.mon_id 
_struct_ref_seq_dif.pdbx_pdb_strand_id 
_struct_ref_seq_dif.seq_num 
_struct_ref_seq_dif.pdbx_pdb_ins_code 
_struct_ref_seq_dif.pdbx_seq_db_name 
_struct_ref_seq_dif.pdbx_seq_db_accession_code 
_struct_ref_seq_dif.db_mon_id 
_struct_ref_seq_dif.pdbx_seq_db_seq_num 
_struct_ref_seq_dif.details 
_struct_ref_seq_dif.pdbx_auth_seq_num 
_struct_ref_seq_dif.pdbx_ordinal 
1 5PBD MET A 1  ? UNP Q9UIF8 ? ? 'expression tag' 1835 1  
1 5PBD HIS A 2  ? UNP Q9UIF8 ? ? 'expression tag' 1836 2  
1 5PBD HIS A 3  ? UNP Q9UIF8 ? ? 'expression tag' 1837 3  
1 5PBD HIS A 4  ? UNP Q9UIF8 ? ? 'expression tag' 1838 4  
1 5PBD HIS A 5  ? UNP Q9UIF8 ? ? 'expression tag' 1839 5  
1 5PBD HIS A 6  ? UNP Q9UIF8 ? ? 'expression tag' 1840 6  
1 5PBD HIS A 7  ? UNP Q9UIF8 ? ? 'expression tag' 1841 7  
1 5PBD SER A 8  ? UNP Q9UIF8 ? ? 'expression tag' 1842 8  
1 5PBD SER A 9  ? UNP Q9UIF8 ? ? 'expression tag' 1843 9  
1 5PBD GLY A 10 ? UNP Q9UIF8 ? ? 'expression tag' 1844 10 
1 5PBD VAL A 11 ? UNP Q9UIF8 ? ? 'expression tag' 1845 11 
1 5PBD ASP A 12 ? UNP Q9UIF8 ? ? 'expression tag' 1846 12 
1 5PBD LEU A 13 ? UNP Q9UIF8 ? ? 'expression tag' 1847 13 
1 5PBD GLY A 14 ? UNP Q9UIF8 ? ? 'expression tag' 1848 14 
1 5PBD THR A 15 ? UNP Q9UIF8 ? ? 'expression tag' 1849 15 
1 5PBD GLU A 16 ? UNP Q9UIF8 ? ? 'expression tag' 1850 16 
1 5PBD ASN A 17 ? UNP Q9UIF8 ? ? 'expression tag' 1851 17 
1 5PBD LEU A 18 ? UNP Q9UIF8 ? ? 'expression tag' 1852 18 
1 5PBD TYR A 19 ? UNP Q9UIF8 ? ? 'expression tag' 1853 19 
1 5PBD PHE A 20 ? UNP Q9UIF8 ? ? 'expression tag' 1854 20 
1 5PBD GLN A 21 ? UNP Q9UIF8 ? ? 'expression tag' 1855 21 
1 5PBD SER A 22 ? UNP Q9UIF8 ? ? 'expression tag' 1856 22 
1 5PBD MET A 23 ? UNP Q9UIF8 ? ? 'expression tag' 1857 23 
# 
_pdbx_struct_assembly.id                   1 
_pdbx_struct_assembly.details              author_defined_assembly 
_pdbx_struct_assembly.method_details       ? 
_pdbx_struct_assembly.oligomeric_details   monomeric 
_pdbx_struct_assembly.oligomeric_count     1 
# 
_pdbx_struct_assembly_gen.assembly_id       1 
_pdbx_struct_assembly_gen.oper_expression   1 
_pdbx_struct_assembly_gen.asym_id_list      A,B,C,D,E 
# 
_pdbx_struct_oper_list.id                   1 
_pdbx_struct_oper_list.type                 'identity operation' 
_pdbx_struct_oper_list.name                 1_555 
_pdbx_struct_oper_list.symmetry_operation   x,y,z 
_pdbx_struct_oper_list.matrix[1][1]         1.0000000000 
_pdbx_struct_oper_list.matrix[1][2]         0.0000000000 
_pdbx_struct_oper_list.matrix[1][3]         0.0000000000 
_pdbx_struct_oper_list.vector[1]            0.0000000000 
_pdbx_struct_oper_list.matrix[2][1]         0.0000000000 
_pdbx_struct_oper_list.matrix[2][2]         1.0000000000 
_pdbx_struct_oper_list.matrix[2][3]         0.0000000000 
_pdbx_struct_oper_list.vector[2]            0.0000000000 
_pdbx_struct_oper_list.matrix[3][1]         0.0000000000 
_pdbx_struct_oper_list.matrix[3][2]         0.0000000000 
_pdbx_struct_oper_list.matrix[3][3]         1.0000000000 
_pdbx_struct_oper_list.vector[3]            0.0000000000 
# 
loop_
_struct_conf.conf_type_id 
_struct_conf.id 
_struct_conf.pdbx_PDB_helix_id 
_struct_conf.beg_label_comp_id 
_struct_conf.beg_label_asym_id 
_struct_conf.beg_label_seq_id 
_struct_conf.pdbx_beg_PDB_ins_code 
_struct_conf.end_label_comp_id 
_struct_conf.end_label_asym_id 
_struct_conf.end_label_seq_id 
_struct_conf.pdbx_end_PDB_ins_code 
_struct_conf.beg_auth_comp_id 
_struct_conf.beg_auth_asym_id 
_struct_conf.beg_auth_seq_id 
_struct_conf.end_auth_comp_id 
_struct_conf.end_auth_asym_id 
_struct_conf.end_auth_seq_id 
_struct_conf.pdbx_PDB_helix_class 
_struct_conf.details 
_struct_conf.pdbx_PDB_helix_length 
HELX_P HELX_P1 AA1 LYS A 34  ? THR A 48  ? LYS A 1868 THR A 1882 1 ? 15 
HELX_P HELX_P2 AA2 HIS A 49  ? LEU A 56  ? HIS A 1883 LEU A 1890 5 ? 8  
HELX_P HELX_P3 AA3 GLY A 66  ? ILE A 71  ? GLY A 1900 ILE A 1905 1 ? 6  
HELX_P HELX_P4 AA4 ASP A 76  ? SER A 86  ? ASP A 1910 SER A 1920 1 ? 11 
HELX_P HELX_P5 AA5 ASN A 91  ? ASN A 110 ? ASN A 1925 ASN A 1944 1 ? 20 
HELX_P HELX_P6 AA6 SER A 114 ? LYS A 136 ? SER A 1948 LYS A 1970 1 ? 23 
# 
_struct_conf_type.id          HELX_P 
_struct_conf_type.criteria    ? 
_struct_conf_type.reference   ? 
# 
loop_
_struct_site.id 
_struct_site.pdbx_evidence_code 
_struct_site.pdbx_auth_asym_id 
_struct_site.pdbx_auth_comp_id 
_struct_site.pdbx_auth_seq_id 
_struct_site.pdbx_auth_ins_code 
_struct_site.pdbx_num_residues 
_struct_site.details 
AC1 Software A EDO 2001 ? 3  'binding site for residue EDO A 2001' 
AC2 Software A EDO 2002 ? 4  'binding site for residue EDO A 2002' 
AC3 Software A TYZ 2003 ? 12 'binding site for residue TYZ A 2003' 
# 
loop_
_struct_site_gen.id 
_struct_site_gen.site_id 
_struct_site_gen.pdbx_num_res 
_struct_site_gen.label_comp_id 
_struct_site_gen.label_asym_id 
_struct_site_gen.label_seq_id 
_struct_site_gen.pdbx_auth_ins_code 
_struct_site_gen.auth_comp_id 
_struct_site_gen.auth_asym_id 
_struct_site_gen.auth_seq_id 
_struct_site_gen.label_atom_id 
_struct_site_gen.label_alt_id 
_struct_site_gen.symmetry 
_struct_site_gen.details 
1  AC1 3  ASN A 110 ? ASN A 1944 . ? 1_555 ? 
2  AC1 3  TYZ D .   ? TYZ A 2003 . ? 1_555 ? 
3  AC1 3  HOH E .   ? HOH A 2105 . ? 1_555 ? 
4  AC2 4  MET A 41  ? MET A 1875 . ? 1_555 ? 
5  AC2 4  GLU A 45  ? GLU A 1879 . ? 1_555 ? 
6  AC2 4  LYS A 130 ? LYS A 1964 . ? 1_555 ? 
7  AC2 4  THR A 134 ? THR A 1968 . ? 1_555 ? 
8  AC3 12 PRO A 54  ? PRO A 1888 . ? 1_555 ? 
9  AC3 12 VAL A 59  ? VAL A 1893 . ? 1_555 ? 
10 AC3 12 PRO A 65  ? PRO A 1899 . ? 4_566 ? 
11 AC3 12 ASN A 110 ? ASN A 1944 . ? 1_555 ? 
12 AC3 12 ILE A 116 ? ILE A 1950 . ? 1_555 ? 
13 AC3 12 EDO B .   ? EDO A 2001 . ? 1_555 ? 
14 AC3 12 HOH E .   ? HOH A 2105 . ? 1_555 ? 
15 AC3 12 HOH E .   ? HOH A 2108 . ? 1_555 ? 
16 AC3 12 HOH E .   ? HOH A 2184 . ? 1_555 ? 
17 AC3 12 HOH E .   ? HOH A 2246 . ? 1_555 ? 
18 AC3 12 HOH E .   ? HOH A 2261 . ? 1_555 ? 
19 AC3 12 HOH E .   ? HOH A 2292 . ? 1_555 ? 
# 
loop_
_pdbx_validate_close_contact.id 
_pdbx_validate_close_contact.PDB_model_num 
_pdbx_validate_close_contact.auth_atom_id_1 
_pdbx_validate_close_contact.auth_asym_id_1 
_pdbx_validate_close_contact.auth_comp_id_1 
_pdbx_validate_close_contact.auth_seq_id_1 
_pdbx_validate_close_contact.PDB_ins_code_1 
_pdbx_validate_close_contact.label_alt_id_1 
_pdbx_validate_close_contact.auth_atom_id_2 
_pdbx_validate_close_contact.auth_asym_id_2 
_pdbx_validate_close_contact.auth_comp_id_2 
_pdbx_validate_close_contact.auth_seq_id_2 
_pdbx_validate_close_contact.PDB_ins_code_2 
_pdbx_validate_close_contact.label_alt_id_2 
_pdbx_validate_close_contact.dist 
1 1 O   A HOH 2211 ? ? O A HOH 2219 ? ? 2.15 
2 1 O   A HOH 2215 ? ? O A HOH 2250 ? ? 2.15 
3 1 OE2 A GLU 1945 ? A O A HOH 2102 ? ? 2.19 
4 1 O   A HOH 2226 ? ? O A HOH 2262 ? ? 2.19 
5 1 O   A HOH 2107 ? ? O A HOH 2227 ? ? 2.19 
# 
_pdbx_struct_special_symmetry.id              1 
_pdbx_struct_special_symmetry.PDB_model_num   1 
_pdbx_struct_special_symmetry.auth_asym_id    A 
_pdbx_struct_special_symmetry.auth_comp_id    HOH 
_pdbx_struct_special_symmetry.auth_seq_id     2101 
_pdbx_struct_special_symmetry.PDB_ins_code    ? 
_pdbx_struct_special_symmetry.label_asym_id   E 
_pdbx_struct_special_symmetry.label_comp_id   HOH 
_pdbx_struct_special_symmetry.label_seq_id    . 
# 
_phasing.method   MR 
# 
_pdbx_entry_details.nonpolymer_details       
;<BAZ2BA-x559>
<used_for_statistical_map>yes</used_for_statistical_map>
<smiles_of_compound_added>CC(Nc1ccc(cc1)C(O)=O)=O</smiles_of_compound_added>
<site1>
<label>None</label>
<coordinate>10.75 44.3 44.3</coordinate>
<smiles>CC(Nc1ccc(cc1)C(O)=O)=O</smiles>
<confidence>4 - High Confidence</confidence>
<comment>None</comment>
<occupancy>0.55</occupancy>
<B_average>39.87153846153847</B_average>
<B_ratio>1.1447470129640676</B_ratio>
<RSCC>0.91200000000000003</RSCC>
<RSR>0.122</RSR>
<RSZD>1.3999999999999999</RSZD>
<RMSD>0.30050726344735024</RMSD>
</site1>
</BAZ2BA-x559>
;
_pdbx_entry_details.entry_id                 5PBD 
_pdbx_entry_details.compound_details         ? 
_pdbx_entry_details.source_details           ? 
_pdbx_entry_details.sequence_details         ? 
_pdbx_entry_details.has_ligand_of_interest   ? 
# 
loop_
_pdbx_distant_solvent_atoms.id 
_pdbx_distant_solvent_atoms.PDB_model_num 
_pdbx_distant_solvent_atoms.auth_atom_id 
_pdbx_distant_solvent_atoms.label_alt_id 
_pdbx_distant_solvent_atoms.auth_asym_id 
_pdbx_distant_solvent_atoms.auth_comp_id 
_pdbx_distant_solvent_atoms.auth_seq_id 
_pdbx_distant_solvent_atoms.PDB_ins_code 
_pdbx_distant_solvent_atoms.neighbor_macromolecule_distance 
_pdbx_distant_solvent_atoms.neighbor_ligand_distance 
1 1 O ? A HOH 2302 ? 6.03 . 
2 1 O ? A HOH 2303 ? 6.82 . 
3 1 O ? A HOH 2304 ? 7.36 . 
4 1 O ? A HOH 2305 ? 7.46 . 
# 
loop_
_pdbx_unobs_or_zero_occ_residues.id 
_pdbx_unobs_or_zero_occ_residues.PDB_model_num 
_pdbx_unobs_or_zero_occ_residues.polymer_flag 
_pdbx_unobs_or_zero_occ_residues.occupancy_flag 
_pdbx_unobs_or_zero_occ_residues.auth_asym_id 
_pdbx_unobs_or_zero_occ_residues.auth_comp_id 
_pdbx_unobs_or_zero_occ_residues.auth_seq_id 
_pdbx_unobs_or_zero_occ_residues.PDB_ins_code 
_pdbx_unobs_or_zero_occ_residues.label_asym_id 
_pdbx_unobs_or_zero_occ_residues.label_comp_id 
_pdbx_unobs_or_zero_occ_residues.label_seq_id 
1  1 Y 1 A MET 1835 ? A MET 1   
2  1 Y 1 A HIS 1836 ? A HIS 2   
3  1 Y 1 A HIS 1837 ? A HIS 3   
4  1 Y 1 A HIS 1838 ? A HIS 4   
5  1 Y 1 A HIS 1839 ? A HIS 5   
6  1 Y 1 A HIS 1840 ? A HIS 6   
7  1 Y 1 A HIS 1841 ? A HIS 7   
8  1 Y 1 A SER 1842 ? A SER 8   
9  1 Y 1 A SER 1843 ? A SER 9   
10 1 Y 1 A GLY 1844 ? A GLY 10  
11 1 Y 1 A VAL 1845 ? A VAL 11  
12 1 Y 1 A ASP 1846 ? A ASP 12  
13 1 Y 1 A LEU 1847 ? A LEU 13  
14 1 Y 1 A GLY 1848 ? A GLY 14  
15 1 Y 1 A THR 1849 ? A THR 15  
16 1 Y 1 A GLU 1850 ? A GLU 16  
17 1 Y 1 A ASN 1851 ? A ASN 17  
18 1 Y 1 A LEU 1852 ? A LEU 18  
19 1 Y 1 A TYR 1853 ? A TYR 19  
20 1 Y 1 A PHE 1854 ? A PHE 20  
21 1 Y 1 A GLN 1855 ? A GLN 21  
22 1 Y 1 A VAL 1971 ? A VAL 137 
23 1 Y 1 A SER 1972 ? A SER 138 
# 
loop_
_chem_comp_atom.comp_id 
_chem_comp_atom.atom_id 
_chem_comp_atom.type_symbol 
_chem_comp_atom.pdbx_aromatic_flag 
_chem_comp_atom.pdbx_stereo_config 
_chem_comp_atom.pdbx_ordinal 
ALA N    N N N 1   
ALA CA   C N S 2   
ALA C    C N N 3   
ALA O    O N N 4   
ALA CB   C N N 5   
ALA OXT  O N N 6   
ALA H    H N N 7   
ALA H2   H N N 8   
ALA HA   H N N 9   
ALA HB1  H N N 10  
ALA HB2  H N N 11  
ALA HB3  H N N 12  
ALA HXT  H N N 13  
ARG N    N N N 14  
ARG CA   C N S 15  
ARG C    C N N 16  
ARG O    O N N 17  
ARG CB   C N N 18  
ARG CG   C N N 19  
ARG CD   C N N 20  
ARG NE   N N N 21  
ARG CZ   C N N 22  
ARG NH1  N N N 23  
ARG NH2  N N N 24  
ARG OXT  O N N 25  
ARG H    H N N 26  
ARG H2   H N N 27  
ARG HA   H N N 28  
ARG HB2  H N N 29  
ARG HB3  H N N 30  
ARG HG2  H N N 31  
ARG HG3  H N N 32  
ARG HD2  H N N 33  
ARG HD3  H N N 34  
ARG HE   H N N 35  
ARG HH11 H N N 36  
ARG HH12 H N N 37  
ARG HH21 H N N 38  
ARG HH22 H N N 39  
ARG HXT  H N N 40  
ASN N    N N N 41  
ASN CA   C N S 42  
ASN C    C N N 43  
ASN O    O N N 44  
ASN CB   C N N 45  
ASN CG   C N N 46  
ASN OD1  O N N 47  
ASN ND2  N N N 48  
ASN OXT  O N N 49  
ASN H    H N N 50  
ASN H2   H N N 51  
ASN HA   H N N 52  
ASN HB2  H N N 53  
ASN HB3  H N N 54  
ASN HD21 H N N 55  
ASN HD22 H N N 56  
ASN HXT  H N N 57  
ASP N    N N N 58  
ASP CA   C N S 59  
ASP C    C N N 60  
ASP O    O N N 61  
ASP CB   C N N 62  
ASP CG   C N N 63  
ASP OD1  O N N 64  
ASP OD2  O N N 65  
ASP OXT  O N N 66  
ASP H    H N N 67  
ASP H2   H N N 68  
ASP HA   H N N 69  
ASP HB2  H N N 70  
ASP HB3  H N N 71  
ASP HD2  H N N 72  
ASP HXT  H N N 73  
CYS N    N N N 74  
CYS CA   C N R 75  
CYS C    C N N 76  
CYS O    O N N 77  
CYS CB   C N N 78  
CYS SG   S N N 79  
CYS OXT  O N N 80  
CYS H    H N N 81  
CYS H2   H N N 82  
CYS HA   H N N 83  
CYS HB2  H N N 84  
CYS HB3  H N N 85  
CYS HG   H N N 86  
CYS HXT  H N N 87  
EDO C1   C N N 88  
EDO O1   O N N 89  
EDO C2   C N N 90  
EDO O2   O N N 91  
EDO H11  H N N 92  
EDO H12  H N N 93  
EDO HO1  H N N 94  
EDO H21  H N N 95  
EDO H22  H N N 96  
EDO HO2  H N N 97  
GLN N    N N N 98  
GLN CA   C N S 99  
GLN C    C N N 100 
GLN O    O N N 101 
GLN CB   C N N 102 
GLN CG   C N N 103 
GLN CD   C N N 104 
GLN OE1  O N N 105 
GLN NE2  N N N 106 
GLN OXT  O N N 107 
GLN H    H N N 108 
GLN H2   H N N 109 
GLN HA   H N N 110 
GLN HB2  H N N 111 
GLN HB3  H N N 112 
GLN HG2  H N N 113 
GLN HG3  H N N 114 
GLN HE21 H N N 115 
GLN HE22 H N N 116 
GLN HXT  H N N 117 
GLU N    N N N 118 
GLU CA   C N S 119 
GLU C    C N N 120 
GLU O    O N N 121 
GLU CB   C N N 122 
GLU CG   C N N 123 
GLU CD   C N N 124 
GLU OE1  O N N 125 
GLU OE2  O N N 126 
GLU OXT  O N N 127 
GLU H    H N N 128 
GLU H2   H N N 129 
GLU HA   H N N 130 
GLU HB2  H N N 131 
GLU HB3  H N N 132 
GLU HG2  H N N 133 
GLU HG3  H N N 134 
GLU HE2  H N N 135 
GLU HXT  H N N 136 
GLY N    N N N 137 
GLY CA   C N N 138 
GLY C    C N N 139 
GLY O    O N N 140 
GLY OXT  O N N 141 
GLY H    H N N 142 
GLY H2   H N N 143 
GLY HA2  H N N 144 
GLY HA3  H N N 145 
GLY HXT  H N N 146 
HIS N    N N N 147 
HIS CA   C N S 148 
HIS C    C N N 149 
HIS O    O N N 150 
HIS CB   C N N 151 
HIS CG   C Y N 152 
HIS ND1  N Y N 153 
HIS CD2  C Y N 154 
HIS CE1  C Y N 155 
HIS NE2  N Y N 156 
HIS OXT  O N N 157 
HIS H    H N N 158 
HIS H2   H N N 159 
HIS HA   H N N 160 
HIS HB2  H N N 161 
HIS HB3  H N N 162 
HIS HD1  H N N 163 
HIS HD2  H N N 164 
HIS HE1  H N N 165 
HIS HE2  H N N 166 
HIS HXT  H N N 167 
HOH O    O N N 168 
HOH H1   H N N 169 
HOH H2   H N N 170 
ILE N    N N N 171 
ILE CA   C N S 172 
ILE C    C N N 173 
ILE O    O N N 174 
ILE CB   C N S 175 
ILE CG1  C N N 176 
ILE CG2  C N N 177 
ILE CD1  C N N 178 
ILE OXT  O N N 179 
ILE H    H N N 180 
ILE H2   H N N 181 
ILE HA   H N N 182 
ILE HB   H N N 183 
ILE HG12 H N N 184 
ILE HG13 H N N 185 
ILE HG21 H N N 186 
ILE HG22 H N N 187 
ILE HG23 H N N 188 
ILE HD11 H N N 189 
ILE HD12 H N N 190 
ILE HD13 H N N 191 
ILE HXT  H N N 192 
LEU N    N N N 193 
LEU CA   C N S 194 
LEU C    C N N 195 
LEU O    O N N 196 
LEU CB   C N N 197 
LEU CG   C N N 198 
LEU CD1  C N N 199 
LEU CD2  C N N 200 
LEU OXT  O N N 201 
LEU H    H N N 202 
LEU H2   H N N 203 
LEU HA   H N N 204 
LEU HB2  H N N 205 
LEU HB3  H N N 206 
LEU HG   H N N 207 
LEU HD11 H N N 208 
LEU HD12 H N N 209 
LEU HD13 H N N 210 
LEU HD21 H N N 211 
LEU HD22 H N N 212 
LEU HD23 H N N 213 
LEU HXT  H N N 214 
LYS N    N N N 215 
LYS CA   C N S 216 
LYS C    C N N 217 
LYS O    O N N 218 
LYS CB   C N N 219 
LYS CG   C N N 220 
LYS CD   C N N 221 
LYS CE   C N N 222 
LYS NZ   N N N 223 
LYS OXT  O N N 224 
LYS H    H N N 225 
LYS H2   H N N 226 
LYS HA   H N N 227 
LYS HB2  H N N 228 
LYS HB3  H N N 229 
LYS HG2  H N N 230 
LYS HG3  H N N 231 
LYS HD2  H N N 232 
LYS HD3  H N N 233 
LYS HE2  H N N 234 
LYS HE3  H N N 235 
LYS HZ1  H N N 236 
LYS HZ2  H N N 237 
LYS HZ3  H N N 238 
LYS HXT  H N N 239 
MET N    N N N 240 
MET CA   C N S 241 
MET C    C N N 242 
MET O    O N N 243 
MET CB   C N N 244 
MET CG   C N N 245 
MET SD   S N N 246 
MET CE   C N N 247 
MET OXT  O N N 248 
MET H    H N N 249 
MET H2   H N N 250 
MET HA   H N N 251 
MET HB2  H N N 252 
MET HB3  H N N 253 
MET HG2  H N N 254 
MET HG3  H N N 255 
MET HE1  H N N 256 
MET HE2  H N N 257 
MET HE3  H N N 258 
MET HXT  H N N 259 
PHE N    N N N 260 
PHE CA   C N S 261 
PHE C    C N N 262 
PHE O    O N N 263 
PHE CB   C N N 264 
PHE CG   C Y N 265 
PHE CD1  C Y N 266 
PHE CD2  C Y N 267 
PHE CE1  C Y N 268 
PHE CE2  C Y N 269 
PHE CZ   C Y N 270 
PHE OXT  O N N 271 
PHE H    H N N 272 
PHE H2   H N N 273 
PHE HA   H N N 274 
PHE HB2  H N N 275 
PHE HB3  H N N 276 
PHE HD1  H N N 277 
PHE HD2  H N N 278 
PHE HE1  H N N 279 
PHE HE2  H N N 280 
PHE HZ   H N N 281 
PHE HXT  H N N 282 
PRO N    N N N 283 
PRO CA   C N S 284 
PRO C    C N N 285 
PRO O    O N N 286 
PRO CB   C N N 287 
PRO CG   C N N 288 
PRO CD   C N N 289 
PRO OXT  O N N 290 
PRO H    H N N 291 
PRO HA   H N N 292 
PRO HB2  H N N 293 
PRO HB3  H N N 294 
PRO HG2  H N N 295 
PRO HG3  H N N 296 
PRO HD2  H N N 297 
PRO HD3  H N N 298 
PRO HXT  H N N 299 
SER N    N N N 300 
SER CA   C N S 301 
SER C    C N N 302 
SER O    O N N 303 
SER CB   C N N 304 
SER OG   O N N 305 
SER OXT  O N N 306 
SER H    H N N 307 
SER H2   H N N 308 
SER HA   H N N 309 
SER HB2  H N N 310 
SER HB3  H N N 311 
SER HG   H N N 312 
SER HXT  H N N 313 
THR N    N N N 314 
THR CA   C N S 315 
THR C    C N N 316 
THR O    O N N 317 
THR CB   C N R 318 
THR OG1  O N N 319 
THR CG2  C N N 320 
THR OXT  O N N 321 
THR H    H N N 322 
THR H2   H N N 323 
THR HA   H N N 324 
THR HB   H N N 325 
THR HG1  H N N 326 
THR HG21 H N N 327 
THR HG22 H N N 328 
THR HG23 H N N 329 
THR HXT  H N N 330 
TRP N    N N N 331 
TRP CA   C N S 332 
TRP C    C N N 333 
TRP O    O N N 334 
TRP CB   C N N 335 
TRP CG   C Y N 336 
TRP CD1  C Y N 337 
TRP CD2  C Y N 338 
TRP NE1  N Y N 339 
TRP CE2  C Y N 340 
TRP CE3  C Y N 341 
TRP CZ2  C Y N 342 
TRP CZ3  C Y N 343 
TRP CH2  C Y N 344 
TRP OXT  O N N 345 
TRP H    H N N 346 
TRP H2   H N N 347 
TRP HA   H N N 348 
TRP HB2  H N N 349 
TRP HB3  H N N 350 
TRP HD1  H N N 351 
TRP HE1  H N N 352 
TRP HE3  H N N 353 
TRP HZ2  H N N 354 
TRP HZ3  H N N 355 
TRP HH2  H N N 356 
TRP HXT  H N N 357 
TYR N    N N N 358 
TYR CA   C N S 359 
TYR C    C N N 360 
TYR O    O N N 361 
TYR CB   C N N 362 
TYR CG   C Y N 363 
TYR CD1  C Y N 364 
TYR CD2  C Y N 365 
TYR CE1  C Y N 366 
TYR CE2  C Y N 367 
TYR CZ   C Y N 368 
TYR OH   O N N 369 
TYR OXT  O N N 370 
TYR H    H N N 371 
TYR H2   H N N 372 
TYR HA   H N N 373 
TYR HB2  H N N 374 
TYR HB3  H N N 375 
TYR HD1  H N N 376 
TYR HD2  H N N 377 
TYR HE1  H N N 378 
TYR HE2  H N N 379 
TYR HH   H N N 380 
TYR HXT  H N N 381 
TYZ O1   O N N 382 
TYZ O2   O N N 383 
TYZ C7   C N N 384 
TYZ C3   C Y N 385 
TYZ C4   C Y N 386 
TYZ C5   C Y N 387 
TYZ C6   C Y N 388 
TYZ C1   C Y N 389 
TYZ C2   C Y N 390 
TYZ C8   C N N 391 
TYZ N    N N N 392 
TYZ O4   O N N 393 
TYZ C9   C N N 394 
TYZ H1   H N N 395 
TYZ H4   H N N 396 
TYZ H5   H N N 397 
TYZ HA   H N N 398 
TYZ H2   H N N 399 
TYZ HN   H N N 400 
TYZ H9C1 H N N 401 
TYZ H9C2 H N N 402 
TYZ H9C3 H N N 403 
VAL N    N N N 404 
VAL CA   C N S 405 
VAL C    C N N 406 
VAL O    O N N 407 
VAL CB   C N N 408 
VAL CG1  C N N 409 
VAL CG2  C N N 410 
VAL OXT  O N N 411 
VAL H    H N N 412 
VAL H2   H N N 413 
VAL HA   H N N 414 
VAL HB   H N N 415 
VAL HG11 H N N 416 
VAL HG12 H N N 417 
VAL HG13 H N N 418 
VAL HG21 H N N 419 
VAL HG22 H N N 420 
VAL HG23 H N N 421 
VAL HXT  H N N 422 
# 
loop_
_chem_comp_bond.comp_id 
_chem_comp_bond.atom_id_1 
_chem_comp_bond.atom_id_2 
_chem_comp_bond.value_order 
_chem_comp_bond.pdbx_aromatic_flag 
_chem_comp_bond.pdbx_stereo_config 
_chem_comp_bond.pdbx_ordinal 
ALA N   CA   sing N N 1   
ALA N   H    sing N N 2   
ALA N   H2   sing N N 3   
ALA CA  C    sing N N 4   
ALA CA  CB   sing N N 5   
ALA CA  HA   sing N N 6   
ALA C   O    doub N N 7   
ALA C   OXT  sing N N 8   
ALA CB  HB1  sing N N 9   
ALA CB  HB2  sing N N 10  
ALA CB  HB3  sing N N 11  
ALA OXT HXT  sing N N 12  
ARG N   CA   sing N N 13  
ARG N   H    sing N N 14  
ARG N   H2   sing N N 15  
ARG CA  C    sing N N 16  
ARG CA  CB   sing N N 17  
ARG CA  HA   sing N N 18  
ARG C   O    doub N N 19  
ARG C   OXT  sing N N 20  
ARG CB  CG   sing N N 21  
ARG CB  HB2  sing N N 22  
ARG CB  HB3  sing N N 23  
ARG CG  CD   sing N N 24  
ARG CG  HG2  sing N N 25  
ARG CG  HG3  sing N N 26  
ARG CD  NE   sing N N 27  
ARG CD  HD2  sing N N 28  
ARG CD  HD3  sing N N 29  
ARG NE  CZ   sing N N 30  
ARG NE  HE   sing N N 31  
ARG CZ  NH1  sing N N 32  
ARG CZ  NH2  doub N N 33  
ARG NH1 HH11 sing N N 34  
ARG NH1 HH12 sing N N 35  
ARG NH2 HH21 sing N N 36  
ARG NH2 HH22 sing N N 37  
ARG OXT HXT  sing N N 38  
ASN N   CA   sing N N 39  
ASN N   H    sing N N 40  
ASN N   H2   sing N N 41  
ASN CA  C    sing N N 42  
ASN CA  CB   sing N N 43  
ASN CA  HA   sing N N 44  
ASN C   O    doub N N 45  
ASN C   OXT  sing N N 46  
ASN CB  CG   sing N N 47  
ASN CB  HB2  sing N N 48  
ASN CB  HB3  sing N N 49  
ASN CG  OD1  doub N N 50  
ASN CG  ND2  sing N N 51  
ASN ND2 HD21 sing N N 52  
ASN ND2 HD22 sing N N 53  
ASN OXT HXT  sing N N 54  
ASP N   CA   sing N N 55  
ASP N   H    sing N N 56  
ASP N   H2   sing N N 57  
ASP CA  C    sing N N 58  
ASP CA  CB   sing N N 59  
ASP CA  HA   sing N N 60  
ASP C   O    doub N N 61  
ASP C   OXT  sing N N 62  
ASP CB  CG   sing N N 63  
ASP CB  HB2  sing N N 64  
ASP CB  HB3  sing N N 65  
ASP CG  OD1  doub N N 66  
ASP CG  OD2  sing N N 67  
ASP OD2 HD2  sing N N 68  
ASP OXT HXT  sing N N 69  
CYS N   CA   sing N N 70  
CYS N   H    sing N N 71  
CYS N   H2   sing N N 72  
CYS CA  C    sing N N 73  
CYS CA  CB   sing N N 74  
CYS CA  HA   sing N N 75  
CYS C   O    doub N N 76  
CYS C   OXT  sing N N 77  
CYS CB  SG   sing N N 78  
CYS CB  HB2  sing N N 79  
CYS CB  HB3  sing N N 80  
CYS SG  HG   sing N N 81  
CYS OXT HXT  sing N N 82  
EDO C1  O1   sing N N 83  
EDO C1  C2   sing N N 84  
EDO C1  H11  sing N N 85  
EDO C1  H12  sing N N 86  
EDO O1  HO1  sing N N 87  
EDO C2  O2   sing N N 88  
EDO C2  H21  sing N N 89  
EDO C2  H22  sing N N 90  
EDO O2  HO2  sing N N 91  
GLN N   CA   sing N N 92  
GLN N   H    sing N N 93  
GLN N   H2   sing N N 94  
GLN CA  C    sing N N 95  
GLN CA  CB   sing N N 96  
GLN CA  HA   sing N N 97  
GLN C   O    doub N N 98  
GLN C   OXT  sing N N 99  
GLN CB  CG   sing N N 100 
GLN CB  HB2  sing N N 101 
GLN CB  HB3  sing N N 102 
GLN CG  CD   sing N N 103 
GLN CG  HG2  sing N N 104 
GLN CG  HG3  sing N N 105 
GLN CD  OE1  doub N N 106 
GLN CD  NE2  sing N N 107 
GLN NE2 HE21 sing N N 108 
GLN NE2 HE22 sing N N 109 
GLN OXT HXT  sing N N 110 
GLU N   CA   sing N N 111 
GLU N   H    sing N N 112 
GLU N   H2   sing N N 113 
GLU CA  C    sing N N 114 
GLU CA  CB   sing N N 115 
GLU CA  HA   sing N N 116 
GLU C   O    doub N N 117 
GLU C   OXT  sing N N 118 
GLU CB  CG   sing N N 119 
GLU CB  HB2  sing N N 120 
GLU CB  HB3  sing N N 121 
GLU CG  CD   sing N N 122 
GLU CG  HG2  sing N N 123 
GLU CG  HG3  sing N N 124 
GLU CD  OE1  doub N N 125 
GLU CD  OE2  sing N N 126 
GLU OE2 HE2  sing N N 127 
GLU OXT HXT  sing N N 128 
GLY N   CA   sing N N 129 
GLY N   H    sing N N 130 
GLY N   H2   sing N N 131 
GLY CA  C    sing N N 132 
GLY CA  HA2  sing N N 133 
GLY CA  HA3  sing N N 134 
GLY C   O    doub N N 135 
GLY C   OXT  sing N N 136 
GLY OXT HXT  sing N N 137 
HIS N   CA   sing N N 138 
HIS N   H    sing N N 139 
HIS N   H2   sing N N 140 
HIS CA  C    sing N N 141 
HIS CA  CB   sing N N 142 
HIS CA  HA   sing N N 143 
HIS C   O    doub N N 144 
HIS C   OXT  sing N N 145 
HIS CB  CG   sing N N 146 
HIS CB  HB2  sing N N 147 
HIS CB  HB3  sing N N 148 
HIS CG  ND1  sing Y N 149 
HIS CG  CD2  doub Y N 150 
HIS ND1 CE1  doub Y N 151 
HIS ND1 HD1  sing N N 152 
HIS CD2 NE2  sing Y N 153 
HIS CD2 HD2  sing N N 154 
HIS CE1 NE2  sing Y N 155 
HIS CE1 HE1  sing N N 156 
HIS NE2 HE2  sing N N 157 
HIS OXT HXT  sing N N 158 
HOH O   H1   sing N N 159 
HOH O   H2   sing N N 160 
ILE N   CA   sing N N 161 
ILE N   H    sing N N 162 
ILE N   H2   sing N N 163 
ILE CA  C    sing N N 164 
ILE CA  CB   sing N N 165 
ILE CA  HA   sing N N 166 
ILE C   O    doub N N 167 
ILE C   OXT  sing N N 168 
ILE CB  CG1  sing N N 169 
ILE CB  CG2  sing N N 170 
ILE CB  HB   sing N N 171 
ILE CG1 CD1  sing N N 172 
ILE CG1 HG12 sing N N 173 
ILE CG1 HG13 sing N N 174 
ILE CG2 HG21 sing N N 175 
ILE CG2 HG22 sing N N 176 
ILE CG2 HG23 sing N N 177 
ILE CD1 HD11 sing N N 178 
ILE CD1 HD12 sing N N 179 
ILE CD1 HD13 sing N N 180 
ILE OXT HXT  sing N N 181 
LEU N   CA   sing N N 182 
LEU N   H    sing N N 183 
LEU N   H2   sing N N 184 
LEU CA  C    sing N N 185 
LEU CA  CB   sing N N 186 
LEU CA  HA   sing N N 187 
LEU C   O    doub N N 188 
LEU C   OXT  sing N N 189 
LEU CB  CG   sing N N 190 
LEU CB  HB2  sing N N 191 
LEU CB  HB3  sing N N 192 
LEU CG  CD1  sing N N 193 
LEU CG  CD2  sing N N 194 
LEU CG  HG   sing N N 195 
LEU CD1 HD11 sing N N 196 
LEU CD1 HD12 sing N N 197 
LEU CD1 HD13 sing N N 198 
LEU CD2 HD21 sing N N 199 
LEU CD2 HD22 sing N N 200 
LEU CD2 HD23 sing N N 201 
LEU OXT HXT  sing N N 202 
LYS N   CA   sing N N 203 
LYS N   H    sing N N 204 
LYS N   H2   sing N N 205 
LYS CA  C    sing N N 206 
LYS CA  CB   sing N N 207 
LYS CA  HA   sing N N 208 
LYS C   O    doub N N 209 
LYS C   OXT  sing N N 210 
LYS CB  CG   sing N N 211 
LYS CB  HB2  sing N N 212 
LYS CB  HB3  sing N N 213 
LYS CG  CD   sing N N 214 
LYS CG  HG2  sing N N 215 
LYS CG  HG3  sing N N 216 
LYS CD  CE   sing N N 217 
LYS CD  HD2  sing N N 218 
LYS CD  HD3  sing N N 219 
LYS CE  NZ   sing N N 220 
LYS CE  HE2  sing N N 221 
LYS CE  HE3  sing N N 222 
LYS NZ  HZ1  sing N N 223 
LYS NZ  HZ2  sing N N 224 
LYS NZ  HZ3  sing N N 225 
LYS OXT HXT  sing N N 226 
MET N   CA   sing N N 227 
MET N   H    sing N N 228 
MET N   H2   sing N N 229 
MET CA  C    sing N N 230 
MET CA  CB   sing N N 231 
MET CA  HA   sing N N 232 
MET C   O    doub N N 233 
MET C   OXT  sing N N 234 
MET CB  CG   sing N N 235 
MET CB  HB2  sing N N 236 
MET CB  HB3  sing N N 237 
MET CG  SD   sing N N 238 
MET CG  HG2  sing N N 239 
MET CG  HG3  sing N N 240 
MET SD  CE   sing N N 241 
MET CE  HE1  sing N N 242 
MET CE  HE2  sing N N 243 
MET CE  HE3  sing N N 244 
MET OXT HXT  sing N N 245 
PHE N   CA   sing N N 246 
PHE N   H    sing N N 247 
PHE N   H2   sing N N 248 
PHE CA  C    sing N N 249 
PHE CA  CB   sing N N 250 
PHE CA  HA   sing N N 251 
PHE C   O    doub N N 252 
PHE C   OXT  sing N N 253 
PHE CB  CG   sing N N 254 
PHE CB  HB2  sing N N 255 
PHE CB  HB3  sing N N 256 
PHE CG  CD1  doub Y N 257 
PHE CG  CD2  sing Y N 258 
PHE CD1 CE1  sing Y N 259 
PHE CD1 HD1  sing N N 260 
PHE CD2 CE2  doub Y N 261 
PHE CD2 HD2  sing N N 262 
PHE CE1 CZ   doub Y N 263 
PHE CE1 HE1  sing N N 264 
PHE CE2 CZ   sing Y N 265 
PHE CE2 HE2  sing N N 266 
PHE CZ  HZ   sing N N 267 
PHE OXT HXT  sing N N 268 
PRO N   CA   sing N N 269 
PRO N   CD   sing N N 270 
PRO N   H    sing N N 271 
PRO CA  C    sing N N 272 
PRO CA  CB   sing N N 273 
PRO CA  HA   sing N N 274 
PRO C   O    doub N N 275 
PRO C   OXT  sing N N 276 
PRO CB  CG   sing N N 277 
PRO CB  HB2  sing N N 278 
PRO CB  HB3  sing N N 279 
PRO CG  CD   sing N N 280 
PRO CG  HG2  sing N N 281 
PRO CG  HG3  sing N N 282 
PRO CD  HD2  sing N N 283 
PRO CD  HD3  sing N N 284 
PRO OXT HXT  sing N N 285 
SER N   CA   sing N N 286 
SER N   H    sing N N 287 
SER N   H2   sing N N 288 
SER CA  C    sing N N 289 
SER CA  CB   sing N N 290 
SER CA  HA   sing N N 291 
SER C   O    doub N N 292 
SER C   OXT  sing N N 293 
SER CB  OG   sing N N 294 
SER CB  HB2  sing N N 295 
SER CB  HB3  sing N N 296 
SER OG  HG   sing N N 297 
SER OXT HXT  sing N N 298 
THR N   CA   sing N N 299 
THR N   H    sing N N 300 
THR N   H2   sing N N 301 
THR CA  C    sing N N 302 
THR CA  CB   sing N N 303 
THR CA  HA   sing N N 304 
THR C   O    doub N N 305 
THR C   OXT  sing N N 306 
THR CB  OG1  sing N N 307 
THR CB  CG2  sing N N 308 
THR CB  HB   sing N N 309 
THR OG1 HG1  sing N N 310 
THR CG2 HG21 sing N N 311 
THR CG2 HG22 sing N N 312 
THR CG2 HG23 sing N N 313 
THR OXT HXT  sing N N 314 
TRP N   CA   sing N N 315 
TRP N   H    sing N N 316 
TRP N   H2   sing N N 317 
TRP CA  C    sing N N 318 
TRP CA  CB   sing N N 319 
TRP CA  HA   sing N N 320 
TRP C   O    doub N N 321 
TRP C   OXT  sing N N 322 
TRP CB  CG   sing N N 323 
TRP CB  HB2  sing N N 324 
TRP CB  HB3  sing N N 325 
TRP CG  CD1  doub Y N 326 
TRP CG  CD2  sing Y N 327 
TRP CD1 NE1  sing Y N 328 
TRP CD1 HD1  sing N N 329 
TRP CD2 CE2  doub Y N 330 
TRP CD2 CE3  sing Y N 331 
TRP NE1 CE2  sing Y N 332 
TRP NE1 HE1  sing N N 333 
TRP CE2 CZ2  sing Y N 334 
TRP CE3 CZ3  doub Y N 335 
TRP CE3 HE3  sing N N 336 
TRP CZ2 CH2  doub Y N 337 
TRP CZ2 HZ2  sing N N 338 
TRP CZ3 CH2  sing Y N 339 
TRP CZ3 HZ3  sing N N 340 
TRP CH2 HH2  sing N N 341 
TRP OXT HXT  sing N N 342 
TYR N   CA   sing N N 343 
TYR N   H    sing N N 344 
TYR N   H2   sing N N 345 
TYR CA  C    sing N N 346 
TYR CA  CB   sing N N 347 
TYR CA  HA   sing N N 348 
TYR C   O    doub N N 349 
TYR C   OXT  sing N N 350 
TYR CB  CG   sing N N 351 
TYR CB  HB2  sing N N 352 
TYR CB  HB3  sing N N 353 
TYR CG  CD1  doub Y N 354 
TYR CG  CD2  sing Y N 355 
TYR CD1 CE1  sing Y N 356 
TYR CD1 HD1  sing N N 357 
TYR CD2 CE2  doub Y N 358 
TYR CD2 HD2  sing N N 359 
TYR CE1 CZ   doub Y N 360 
TYR CE1 HE1  sing N N 361 
TYR CE2 CZ   sing Y N 362 
TYR CE2 HE2  sing N N 363 
TYR CZ  OH   sing N N 364 
TYR OH  HH   sing N N 365 
TYR OXT HXT  sing N N 366 
TYZ O1  C7   doub N N 367 
TYZ O2  C7   sing N N 368 
TYZ O2  H1   sing N N 369 
TYZ C7  C3   sing N N 370 
TYZ C3  C4   sing Y N 371 
TYZ C3  C2   doub Y N 372 
TYZ C4  C5   doub Y N 373 
TYZ C4  H4   sing N N 374 
TYZ C5  C6   sing Y N 375 
TYZ C5  H5   sing N N 376 
TYZ C6  C1   doub Y N 377 
TYZ C6  N    sing N N 378 
TYZ C1  C2   sing Y N 379 
TYZ C1  HA   sing N N 380 
TYZ C2  H2   sing N N 381 
TYZ C8  N    sing N N 382 
TYZ C8  O4   doub N N 383 
TYZ C8  C9   sing N N 384 
TYZ N   HN   sing N N 385 
TYZ C9  H9C1 sing N N 386 
TYZ C9  H9C2 sing N N 387 
TYZ C9  H9C3 sing N N 388 
VAL N   CA   sing N N 389 
VAL N   H    sing N N 390 
VAL N   H2   sing N N 391 
VAL CA  C    sing N N 392 
VAL CA  CB   sing N N 393 
VAL CA  HA   sing N N 394 
VAL C   O    doub N N 395 
VAL C   OXT  sing N N 396 
VAL CB  CG1  sing N N 397 
VAL CB  CG2  sing N N 398 
VAL CB  HB   sing N N 399 
VAL CG1 HG11 sing N N 400 
VAL CG1 HG12 sing N N 401 
VAL CG1 HG13 sing N N 402 
VAL CG2 HG21 sing N N 403 
VAL CG2 HG22 sing N N 404 
VAL CG2 HG23 sing N N 405 
VAL OXT HXT  sing N N 406 
# 
_pdbx_deposit_group.group_id            G_1002018 
_pdbx_deposit_group.group_description   
;bromodomain of human BAZ2B screened against the ZENOBIA Fragment Library by X-ray Crystallography at the XChem
facility of Diamond Light Source beamline I04-1. Check out the PanDDA event maps at
https://zenodo.org/record/290199/files/0_index.html
;
_pdbx_deposit_group.group_title         'PanDDA analysis group deposition of models with modelled events (e.g. bound ligands)' 
_pdbx_deposit_group.group_type          'changed state' 
# 
_atom_sites.entry_id                    5PBD 
_atom_sites.fract_transf_matrix[1][1]   0.00203841 
_atom_sites.fract_transf_matrix[1][2]   -0.00847897 
_atom_sites.fract_transf_matrix[1][3]   -0.00840262 
_atom_sites.fract_transf_matrix[2][1]   0.00482047 
_atom_sites.fract_transf_matrix[2][2]   0.00699677 
_atom_sites.fract_transf_matrix[2][3]   -0.00589094 
_atom_sites.fract_transf_matrix[3][1]   0.01496680 
_atom_sites.fract_transf_matrix[3][2]   -0.00392219 
_atom_sites.fract_transf_matrix[3][3]   0.00758866 
_atom_sites.fract_transf_vector[1]      0.289279 
_atom_sites.fract_transf_vector[2]      0.287856 
_atom_sites.fract_transf_vector[3]      0.461385 
# 
loop_
_atom_type.symbol 
C 
N 
O 
S 
# 
loop_
_atom_site.group_PDB 
_atom_site.id 
_atom_site.type_symbol 
_atom_site.label_atom_id 
_atom_site.label_alt_id 
_atom_site.label_comp_id 
_atom_site.label_asym_id 
_atom_site.label_entity_id 
_atom_site.label_seq_id 
_atom_site.pdbx_PDB_ins_code 
_atom_site.Cartn_x 
_atom_site.Cartn_y 
_atom_site.Cartn_z 
_atom_site.occupancy 
_atom_site.B_iso_or_equiv 
_atom_site.pdbx_formal_charge 
_atom_site.auth_seq_id 
_atom_site.auth_comp_id 
_atom_site.auth_asym_id 
_atom_site.auth_atom_id 
_atom_site.pdbx_PDB_model_num 
ATOM   1    N N   . SER A 1 22  ? -7.747  -23.217 -19.137 1.00 39.57 ? 1856 SER A N   1 
ATOM   2    C CA  . SER A 1 22  ? -8.452  -22.901 -20.372 1.00 42.99 ? 1856 SER A CA  1 
ATOM   3    C C   . SER A 1 22  ? -9.927  -23.272 -20.228 1.00 43.95 ? 1856 SER A C   1 
ATOM   4    O O   . SER A 1 22  ? -10.361 -23.679 -19.151 1.00 42.87 ? 1856 SER A O   1 
ATOM   5    C CB  . SER A 1 22  ? -7.812  -23.632 -21.554 1.00 30.94 ? 1856 SER A CB  1 
ATOM   6    O OG  . SER A 1 22  ? -8.130  -25.014 -21.530 1.00 34.05 ? 1856 SER A OG  1 
ATOM   7    N N   . MET A 1 23  ? -10.688 -23.137 -21.311 1.00 41.26 ? 1857 MET A N   1 
ATOM   8    C CA  . MET A 1 23  ? -12.132 -23.350 -21.274 1.00 39.22 ? 1857 MET A CA  1 
ATOM   9    C C   . MET A 1 23  ? -12.532 -24.678 -20.629 1.00 39.96 ? 1857 MET A C   1 
ATOM   10   O O   . MET A 1 23  ? -12.159 -25.751 -21.102 1.00 36.85 ? 1857 MET A O   1 
ATOM   11   C CB  . MET A 1 23  ? -12.722 -23.279 -22.685 1.00 39.25 ? 1857 MET A CB  1 
ATOM   12   C CG  . MET A 1 23  ? -14.175 -22.874 -22.690 1.00 33.72 ? 1857 MET A CG  1 
ATOM   13   S SD  . MET A 1 23  ? -14.953 -22.998 -24.308 1.00 31.35 ? 1857 MET A SD  1 
ATOM   14   C CE  . MET A 1 23  ? -13.707 -22.257 -25.360 1.00 32.72 ? 1857 MET A CE  1 
ATOM   15   N N   . SER A 1 24  ? -13.293 -24.582 -19.538 1.00 40.60 ? 1858 SER A N   1 
ATOM   16   C CA  . SER A 1 24  ? -13.753 -25.744 -18.772 1.00 36.57 ? 1858 SER A CA  1 
ATOM   17   C C   . SER A 1 24  ? -12.590 -26.544 -18.159 1.00 45.18 ? 1858 SER A C   1 
ATOM   18   O O   . SER A 1 24  ? -12.689 -27.755 -17.958 1.00 51.43 ? 1858 SER A O   1 
ATOM   19   C CB  . SER A 1 24  ? -14.617 -26.659 -19.640 1.00 42.25 ? 1858 SER A CB  1 
ATOM   20   O OG  . SER A 1 24  ? -15.626 -25.913 -20.309 1.00 41.87 ? 1858 SER A OG  1 
ATOM   21   N N   . VAL A 1 25  ? -11.490 -25.856 -17.876 1.00 37.48 ? 1859 VAL A N   1 
ATOM   22   C CA  . VAL A 1 25  ? -10.349 -26.449 -17.179 1.00 40.09 ? 1859 VAL A CA  1 
ATOM   23   C C   . VAL A 1 25  ? -9.891  -25.468 -16.106 1.00 43.22 ? 1859 VAL A C   1 
ATOM   24   O O   . VAL A 1 25  ? -9.118  -24.551 -16.390 1.00 41.11 ? 1859 VAL A O   1 
ATOM   25   C CB  . VAL A 1 25  ? -9.172  -26.779 -18.140 1.00 43.07 ? 1859 VAL A CB  1 
ATOM   26   C CG1 . VAL A 1 25  ? -7.949  -27.283 -17.365 1.00 36.70 ? 1859 VAL A CG1 1 
ATOM   27   C CG2 . VAL A 1 25  ? -9.599  -27.791 -19.179 1.00 33.19 ? 1859 VAL A CG2 1 
ATOM   28   N N   . LYS A 1 26  ? -10.390 -25.654 -14.878 1.00 52.85 ? 1860 LYS A N   1 
ATOM   29   C CA  . LYS A 1 26  ? -10.078 -24.754 -13.751 1.00 50.84 ? 1860 LYS A CA  1 
ATOM   30   C C   . LYS A 1 26  ? -8.919  -25.243 -12.884 1.00 39.73 ? 1860 LYS A C   1 
ATOM   31   O O   . LYS A 1 26  ? -8.938  -26.386 -12.435 1.00 37.64 ? 1860 LYS A O   1 
ATOM   32   C CB  . LYS A 1 26  ? -11.297 -24.577 -12.841 1.00 48.29 ? 1860 LYS A CB  1 
ATOM   33   C CG  . LYS A 1 26  ? -12.293 -25.705 -12.922 1.00 57.44 ? 1860 LYS A CG  1 
ATOM   34   C CD  . LYS A 1 26  ? -13.284 -25.779 -11.763 1.00 65.30 ? 1860 LYS A CD  1 
ATOM   35   C CE  . LYS A 1 26  ? -13.850 -27.206 -11.715 1.00 66.35 ? 1860 LYS A CE  1 
ATOM   36   N NZ  . LYS A 1 26  ? -14.575 -27.618 -10.481 1.00 68.96 ? 1860 LYS A NZ  1 
ATOM   37   N N   . LYS A 1 27  ? -7.939  -24.373 -12.631 1.00 38.37 ? 1861 LYS A N   1 
ATOM   38   C CA  . LYS A 1 27  ? -6.977  -24.576 -11.553 1.00 45.63 ? 1861 LYS A CA  1 
ATOM   39   C C   . LYS A 1 27  ? -7.707  -24.463 -10.222 1.00 46.73 ? 1861 LYS A C   1 
ATOM   40   O O   . LYS A 1 27  ? -8.688  -23.727 -10.126 1.00 47.06 ? 1861 LYS A O   1 
ATOM   41   C CB  . LYS A 1 27  ? -5.860  -23.525 -11.579 1.00 49.15 ? 1861 LYS A CB  1 
ATOM   42   C CG  . LYS A 1 27  ? -5.379  -23.065 -12.942 1.00 55.32 ? 1861 LYS A CG  1 
ATOM   43   C CD  . LYS A 1 27  ? -4.074  -22.242 -12.827 1.00 51.04 ? 1861 LYS A CD  1 
ATOM   44   C CE  . LYS A 1 27  ? -3.309  -22.533 -11.541 1.00 53.48 ? 1861 LYS A CE  1 
ATOM   45   N NZ  . LYS A 1 27  ? -1.946  -21.919 -11.553 1.00 59.14 ? 1861 LYS A NZ  1 
ATOM   46   N N   A PRO A 1 28  ? -7.239  -25.199 -9.210  0.56 47.48 ? 1862 PRO A N   1 
ATOM   47   N N   B PRO A 1 28  ? -7.236  -25.177 -9.182  0.44 47.46 ? 1862 PRO A N   1 
ATOM   48   C CA  A PRO A 1 28  ? -7.655  -24.853 -7.852  0.56 48.81 ? 1862 PRO A CA  1 
ATOM   49   C CA  B PRO A 1 28  ? -7.896  -25.180 -7.864  0.44 48.30 ? 1862 PRO A CA  1 
ATOM   50   C C   A PRO A 1 28  ? -7.083  -23.479 -7.529  0.56 46.08 ? 1862 PRO A C   1 
ATOM   51   C C   B PRO A 1 28  ? -8.125  -23.778 -7.283  0.44 45.63 ? 1862 PRO A C   1 
ATOM   52   O O   A PRO A 1 28  ? -5.962  -23.180 -7.951  0.56 47.95 ? 1862 PRO A O   1 
ATOM   53   O O   B PRO A 1 28  ? -7.271  -22.909 -7.437  0.44 45.15 ? 1862 PRO A O   1 
ATOM   54   C CB  A PRO A 1 28  ? -7.033  -25.957 -6.989  0.56 49.14 ? 1862 PRO A CB  1 
ATOM   55   C CB  B PRO A 1 28  ? -6.920  -25.973 -6.988  0.44 49.13 ? 1862 PRO A CB  1 
ATOM   56   C CG  A PRO A 1 28  ? -6.749  -27.087 -7.950  0.56 48.42 ? 1862 PRO A CG  1 
ATOM   57   C CG  B PRO A 1 28  ? -6.197  -26.863 -7.945  0.44 48.63 ? 1862 PRO A CG  1 
ATOM   58   C CD  A PRO A 1 28  ? -6.410  -26.416 -9.248  0.56 47.76 ? 1862 PRO A CD  1 
ATOM   59   C CD  B PRO A 1 28  ? -6.055  -26.061 -9.210  0.44 47.68 ? 1862 PRO A CD  1 
ATOM   60   N N   A LYS A 1 29  ? -7.842  -22.647 -6.827  0.56 46.51 ? 1863 LYS A N   1 
ATOM   61   N N   B LYS A 1 29  ? -9.262  -23.574 -6.620  0.44 45.45 ? 1863 LYS A N   1 
ATOM   62   C CA  A LYS A 1 29  ? -7.396  -21.288 -6.543  0.56 43.45 ? 1863 LYS A CA  1 
ATOM   63   C CA  B LYS A 1 29  ? -9.659  -22.240 -6.170  0.44 48.61 ? 1863 LYS A CA  1 
ATOM   64   C C   A LYS A 1 29  ? -7.480  -20.978 -5.057  0.56 43.93 ? 1863 LYS A C   1 
ATOM   65   C C   B LYS A 1 29  ? -9.078  -21.851 -4.808  0.44 44.18 ? 1863 LYS A C   1 
ATOM   66   O O   A LYS A 1 29  ? -8.127  -21.700 -4.298  0.56 43.45 ? 1863 LYS A O   1 
ATOM   67   O O   B LYS A 1 29  ? -9.558  -22.305 -3.766  0.44 45.52 ? 1863 LYS A O   1 
ATOM   68   C CB  A LYS A 1 29  ? -8.221  -20.276 -7.341  0.56 42.58 ? 1863 LYS A CB  1 
ATOM   69   C CB  B LYS A 1 29  ? -11.188 -22.136 -6.118  0.44 45.42 ? 1863 LYS A CB  1 
ATOM   70   N N   A ARG A 1 30  ? -6.811  -19.901 -4.655  0.56 44.97 ? 1864 ARG A N   1 
ATOM   71   N N   B ARG A 1 30  ? -8.047  -21.008 -4.826  0.44 44.36 ? 1864 ARG A N   1 
ATOM   72   C CA  A ARG A 1 30  ? -6.869  -19.399 -3.286  0.56 44.50 ? 1864 ARG A CA  1 
ATOM   73   C CA  B ARG A 1 30  ? -7.490  -20.433 -3.601  0.44 44.73 ? 1864 ARG A CA  1 
ATOM   74   C C   A ARG A 1 30  ? -8.291  -19.215 -2.776  0.56 42.87 ? 1864 ARG A C   1 
ATOM   75   C C   B ARG A 1 30  ? -8.562  -19.622 -2.875  0.44 44.18 ? 1864 ARG A C   1 
ATOM   76   O O   A ARG A 1 30  ? -9.146  -18.693 -3.486  0.56 44.97 ? 1864 ARG A O   1 
ATOM   77   O O   B ARG A 1 30  ? -9.393  -18.971 -3.509  0.44 45.29 ? 1864 ARG A O   1 
ATOM   78   C CB  A ARG A 1 30  ? -6.151  -18.047 -3.178  0.56 42.87 ? 1864 ARG A CB  1 
ATOM   79   C CB  B ARG A 1 30  ? -6.277  -19.553 -3.910  0.44 44.74 ? 1864 ARG A CB  1 
ATOM   80   C CG  A ARG A 1 30  ? -4.646  -18.081 -3.294  0.56 45.46 ? 1864 ARG A CG  1 
ATOM   81   C CG  B ARG A 1 30  ? -5.684  -18.871 -2.686  0.44 43.11 ? 1864 ARG A CG  1 
ATOM   82   C CD  A ARG A 1 30  ? -4.052  -16.727 -2.895  0.56 40.54 ? 1864 ARG A CD  1 
ATOM   83   C CD  B ARG A 1 30  ? -5.128  -17.491 -3.019  0.44 40.79 ? 1864 ARG A CD  1 
ATOM   84   N NE  A ARG A 1 30  ? -4.433  -16.348 -1.535  0.56 40.50 ? 1864 ARG A NE  1 
ATOM   85   N NE  B ARG A 1 30  ? -4.874  -16.709 -1.812  0.44 41.06 ? 1864 ARG A NE  1 
ATOM   86   C CZ  A ARG A 1 30  ? -5.330  -15.411 -1.235  0.56 39.58 ? 1864 ARG A CZ  1 
ATOM   87   C CZ  B ARG A 1 30  ? -5.569  -15.631 -1.453  0.44 40.08 ? 1864 ARG A CZ  1 
ATOM   88   N NH1 A ARG A 1 30  ? -5.943  -14.736 -2.201  0.56 34.39 ? 1864 ARG A NH1 1 
ATOM   89   N NH1 B ARG A 1 30  ? -5.267  -14.990 -0.332  0.44 37.40 ? 1864 ARG A NH1 1 
ATOM   90   N NH2 A ARG A 1 30  ? -5.612  -15.149 0.036   0.56 36.65 ? 1864 ARG A NH2 1 
ATOM   91   N NH2 B ARG A 1 30  ? -6.560  -15.188 -2.219  0.44 35.91 ? 1864 ARG A NH2 1 
ATOM   92   N N   . ASP A 1 31  ? -8.539  -19.656 -1.548  1.00 44.91 ? 1865 ASP A N   1 
ATOM   93   C CA  . ASP A 1 31  ? -9.642  -19.113 -0.767  1.00 46.58 ? 1865 ASP A CA  1 
ATOM   94   C C   . ASP A 1 31  ? -9.363  -17.624 -0.529  1.00 40.34 ? 1865 ASP A C   1 
ATOM   95   O O   . ASP A 1 31  ? -8.444  -17.271 0.209   1.00 36.41 ? 1865 ASP A O   1 
ATOM   96   C CB  . ASP A 1 31  ? -9.789  -19.878 0.556   1.00 42.53 ? 1865 ASP A CB  1 
ATOM   97   C CG  . ASP A 1 31  ? -10.900 -19.337 1.441   1.00 45.42 ? 1865 ASP A CG  1 
ATOM   98   O OD1 . ASP A 1 31  ? -11.683 -18.467 0.994   1.00 42.21 ? 1865 ASP A OD1 1 
ATOM   99   O OD2 . ASP A 1 31  ? -11.003 -19.806 2.594   1.00 55.32 ? 1865 ASP A OD2 1 
ATOM   100  N N   . ASP A 1 32  ? -10.139 -16.755 -1.167  1.00 40.96 ? 1866 ASP A N   1 
ATOM   101  C CA  . ASP A 1 32  ? -9.894  -15.316 -1.053  1.00 43.55 ? 1866 ASP A CA  1 
ATOM   102  C C   . ASP A 1 32  ? -10.957 -14.593 -0.228  1.00 41.27 ? 1866 ASP A C   1 
ATOM   103  O O   . ASP A 1 32  ? -11.010 -13.362 -0.218  1.00 39.37 ? 1866 ASP A O   1 
ATOM   104  C CB  . ASP A 1 32  ? -9.810  -14.691 -2.446  1.00 37.42 ? 1866 ASP A CB  1 
ATOM   105  C CG  . ASP A 1 32  ? -11.119 -14.783 -3.207  1.00 41.60 ? 1866 ASP A CG  1 
ATOM   106  O OD1 . ASP A 1 32  ? -12.059 -15.446 -2.713  1.00 45.28 ? 1866 ASP A OD1 1 
ATOM   107  O OD2 . ASP A 1 32  ? -11.204 -14.200 -4.308  1.00 46.66 ? 1866 ASP A OD2 1 
ATOM   108  N N   . SER A 1 33  ? -11.805 -15.353 0.452   1.00 37.73 ? 1867 SER A N   1 
ATOM   109  C CA  . SER A 1 33  ? -12.980 -14.788 1.115   1.00 43.46 ? 1867 SER A CA  1 
ATOM   110  C C   . SER A 1 33  ? -12.622 -13.890 2.301   1.00 38.29 ? 1867 SER A C   1 
ATOM   111  O O   . SER A 1 33  ? -13.417 -13.044 2.711   1.00 44.03 ? 1867 SER A O   1 
ATOM   112  C CB  . SER A 1 33  ? -13.908 -15.911 1.586   1.00 45.44 ? 1867 SER A CB  1 
ATOM   113  O OG  . SER A 1 33  ? -13.245 -16.744 2.522   1.00 44.87 ? 1867 SER A OG  1 
ATOM   114  N N   . LYS A 1 34  ? -11.425 -14.078 2.844   1.00 40.37 ? 1868 LYS A N   1 
ATOM   115  C CA  . LYS A 1 34  ? -10.977 -13.285 3.976   1.00 35.83 ? 1868 LYS A CA  1 
ATOM   116  C C   . LYS A 1 34  ? -9.998  -12.170 3.578   1.00 39.13 ? 1868 LYS A C   1 
ATOM   117  O O   . LYS A 1 34  ? -9.456  -11.477 4.449   1.00 35.22 ? 1868 LYS A O   1 
ATOM   118  C CB  . LYS A 1 34  ? -10.338 -14.194 5.022   1.00 43.32 ? 1868 LYS A CB  1 
ATOM   119  C CG  . LYS A 1 34  ? -11.319 -15.202 5.641   1.00 45.59 ? 1868 LYS A CG  1 
ATOM   120  C CD  . LYS A 1 34  ? -10.629 -16.064 6.690   1.00 54.31 ? 1868 LYS A CD  1 
ATOM   121  N N   . ASP A 1 35  ? -9.779  -11.985 2.279   1.00 33.83 ? 1869 ASP A N   1 
ATOM   122  C CA  . ASP A 1 35  ? -8.734  -11.053 1.831   1.00 36.31 ? 1869 ASP A CA  1 
ATOM   123  C C   . ASP A 1 35  ? -9.018  -9.611  2.251   1.00 31.32 ? 1869 ASP A C   1 
ATOM   124  O O   . ASP A 1 35  ? -8.110  -8.901  2.706   1.00 32.58 ? 1869 ASP A O   1 
ATOM   125  C CB  . ASP A 1 35  ? -8.550  -11.120 0.313   1.00 27.79 ? 1869 ASP A CB  1 
ATOM   126  C CG  . ASP A 1 35  ? -7.851  -12.398 -0.138  1.00 31.61 ? 1869 ASP A CG  1 
ATOM   127  O OD1 . ASP A 1 35  ? -7.461  -13.217 0.733   1.00 28.95 ? 1869 ASP A OD1 1 
ATOM   128  O OD2 . ASP A 1 35  ? -7.679  -12.572 -1.363  1.00 31.18 ? 1869 ASP A OD2 1 
ATOM   129  N N   . LEU A 1 36  ? -10.267 -9.180  2.101   1.00 32.69 ? 1870 LEU A N   1 
ATOM   130  C CA  . LEU A 1 36  ? -10.656 -7.814  2.473   1.00 37.94 ? 1870 LEU A CA  1 
ATOM   131  C C   . LEU A 1 36  ? -10.360 -7.504  3.942   1.00 40.30 ? 1870 LEU A C   1 
ATOM   132  O O   . LEU A 1 36  ? -9.759  -6.473  4.267   1.00 37.52 ? 1870 LEU A O   1 
ATOM   133  C CB  . LEU A 1 36  ? -12.139 -7.592  2.186   1.00 39.34 ? 1870 LEU A CB  1 
ATOM   134  C CG  . LEU A 1 36  ? -12.695 -6.205  2.520   1.00 48.93 ? 1870 LEU A CG  1 
ATOM   135  C CD1 . LEU A 1 36  ? -12.035 -5.124  1.669   1.00 38.13 ? 1870 LEU A CD1 1 
ATOM   136  C CD2 . LEU A 1 36  ? -14.210 -6.187  2.340   1.00 46.78 ? 1870 LEU A CD2 1 
ATOM   137  N N   . ALA A 1 37  ? -10.772 -8.402  4.829   1.00 36.01 ? 1871 ALA A N   1 
ATOM   138  C CA  . ALA A 1 37  ? -10.512 -8.250  6.257   1.00 37.72 ? 1871 ALA A CA  1 
ATOM   139  C C   . ALA A 1 37  ? -9.023  -8.260  6.581   1.00 39.99 ? 1871 ALA A C   1 
ATOM   140  O O   . ALA A 1 37  ? -8.560  -7.540  7.467   1.00 37.29 ? 1871 ALA A O   1 
ATOM   141  C CB  . ALA A 1 37  ? -11.223 -9.361  7.042   1.00 37.69 ? 1871 ALA A CB  1 
ATOM   142  N N   . LEU A 1 38  ? -8.267  -9.091  5.873   1.00 30.76 ? 1872 LEU A N   1 
ATOM   143  C CA  . LEU A 1 38  ? -6.848  -9.203  6.150   1.00 31.52 ? 1872 LEU A CA  1 
ATOM   144  C C   . LEU A 1 38  ? -6.082  -7.969  5.659   1.00 32.34 ? 1872 LEU A C   1 
ATOM   145  O O   . LEU A 1 38  ? -5.199  -7.466  6.360   1.00 32.80 ? 1872 LEU A O   1 
ATOM   146  C CB  . LEU A 1 38  ? -6.284  -10.474 5.522   1.00 35.81 ? 1872 LEU A CB  1 
ATOM   147  C CG  . LEU A 1 38  ? -6.736  -11.737 6.268   1.00 37.29 ? 1872 LEU A CG  1 
ATOM   148  C CD1 . LEU A 1 38  ? -6.524  -12.981 5.413   1.00 39.54 ? 1872 LEU A CD1 1 
ATOM   149  C CD2 . LEU A 1 38  ? -5.993  -11.845 7.588   1.00 36.57 ? 1872 LEU A CD2 1 
ATOM   150  N N   . CYS A 1 39  ? -6.424  -7.484  4.472   1.00 28.36 ? 1873 CYS A N   1 
ATOM   151  C CA  . CYS A 1 39  ? -5.814  -6.241  3.978   1.00 29.01 ? 1873 CYS A CA  1 
ATOM   152  C C   . CYS A 1 39  ? -6.154  -5.050  4.879   1.00 33.41 ? 1873 CYS A C   1 
ATOM   153  O O   . CYS A 1 39  ? -5.336  -4.144  5.068   1.00 28.69 ? 1873 CYS A O   1 
ATOM   154  C CB  . CYS A 1 39  ? -6.262  -5.945  2.559   1.00 25.67 ? 1873 CYS A CB  1 
ATOM   155  S SG  . CYS A 1 39  ? -5.522  -7.047  1.327   1.00 28.02 ? 1873 CYS A SG  1 
ATOM   156  N N   . SER A 1 40  ? -7.365  -5.053  5.430   1.00 29.42 ? 1874 SER A N   1 
ATOM   157  C CA  . SER A 1 40  ? -7.790  -3.979  6.319   1.00 34.26 ? 1874 SER A CA  1 
ATOM   158  C C   . SER A 1 40  ? -6.952  -4.000  7.601   1.00 33.49 ? 1874 SER A C   1 
ATOM   159  O O   . SER A 1 40  ? -6.554  -2.957  8.111   1.00 30.79 ? 1874 SER A O   1 
ATOM   160  C CB  . SER A 1 40  ? -9.287  -4.104  6.632   1.00 40.84 ? 1874 SER A CB  1 
ATOM   161  O OG  . SER A 1 40  ? -9.736  -3.023  7.433   1.00 43.88 ? 1874 SER A OG  1 
ATOM   162  N N   . MET A 1 41  ? -6.683  -5.199  8.108   1.00 33.25 ? 1875 MET A N   1 
ATOM   163  C CA  A MET A 1 41  ? -5.850  -5.373  9.296   0.43 37.20 ? 1875 MET A CA  1 
ATOM   164  C CA  B MET A 1 41  ? -5.855  -5.373  9.296   0.57 37.20 ? 1875 MET A CA  1 
ATOM   165  C C   . MET A 1 41  ? -4.429  -4.892  9.046   1.00 36.21 ? 1875 MET A C   1 
ATOM   166  O O   . MET A 1 41  ? -3.836  -4.216  9.882   1.00 30.78 ? 1875 MET A O   1 
ATOM   167  C CB  A MET A 1 41  ? -5.827  -6.841  9.732   0.43 37.74 ? 1875 MET A CB  1 
ATOM   168  C CB  B MET A 1 41  ? -5.851  -6.846  9.728   0.57 37.70 ? 1875 MET A CB  1 
ATOM   169  C CG  A MET A 1 41  ? -7.077  -7.296  10.460  0.43 45.41 ? 1875 MET A CG  1 
ATOM   170  C CG  B MET A 1 41  ? -5.442  -7.080  11.172  0.57 47.55 ? 1875 MET A CG  1 
ATOM   171  S SD  A MET A 1 41  ? -6.928  -8.982  11.087  0.43 54.33 ? 1875 MET A SD  1 
ATOM   172  S SD  B MET A 1 41  ? -6.155  -8.593  11.862  0.57 64.76 ? 1875 MET A SD  1 
ATOM   173  C CE  A MET A 1 41  ? -5.551  -8.803  12.225  0.43 58.06 ? 1875 MET A CE  1 
ATOM   174  C CE  B MET A 1 41  ? -7.899  -8.165  11.913  0.57 52.52 ? 1875 MET A CE  1 
ATOM   175  N N   . ILE A 1 42  ? -3.879  -5.251  7.892   1.00 27.11 ? 1876 ILE A N   1 
ATOM   176  C CA  . ILE A 1 42  ? -2.529  -4.823  7.540   1.00 28.20 ? 1876 ILE A CA  1 
ATOM   177  C C   . ILE A 1 42  ? -2.474  -3.291  7.430   1.00 29.49 ? 1876 ILE A C   1 
ATOM   178  O O   . ILE A 1 42  ? -1.537  -2.654  7.924   1.00 27.74 ? 1876 ILE A O   1 
ATOM   179  C CB  . ILE A 1 42  ? -2.051  -5.464  6.219   1.00 26.29 ? 1876 ILE A CB  1 
ATOM   180  C CG1 . ILE A 1 42  ? -1.916  -6.982  6.377   1.00 29.73 ? 1876 ILE A CG1 1 
ATOM   181  C CG2 . ILE A 1 42  ? -0.712  -4.877  5.778   1.00 26.40 ? 1876 ILE A CG2 1 
ATOM   182  C CD1 . ILE A 1 42  ? -1.503  -7.673  5.097   1.00 31.00 ? 1876 ILE A CD1 1 
ATOM   183  N N   . LEU A 1 43  ? -3.490  -2.712  6.803   1.00 26.07 ? 1877 LEU A N   1 
ATOM   184  C CA  . LEU A 1 43  ? -3.519  -1.263  6.606   1.00 26.41 ? 1877 LEU A CA  1 
ATOM   185  C C   . LEU A 1 43  ? -3.595  -0.560  7.958   1.00 30.53 ? 1877 LEU A C   1 
ATOM   186  O O   . LEU A 1 43  ? -2.916  0.440   8.171   1.00 29.16 ? 1877 LEU A O   1 
ATOM   187  C CB  . LEU A 1 43  ? -4.690  -0.851  5.713   1.00 26.38 ? 1877 LEU A CB  1 
ATOM   188  C CG  . LEU A 1 43  ? -4.790  0.632   5.353   1.00 26.78 ? 1877 LEU A CG  1 
ATOM   189  C CD1 . LEU A 1 43  ? -3.514  1.132   4.689   1.00 23.76 ? 1877 LEU A CD1 1 
ATOM   190  C CD2 . LEU A 1 43  ? -5.982  0.881   4.461   1.00 26.55 ? 1877 LEU A CD2 1 
ATOM   191  N N   . THR A 1 44  ? -4.395  -1.105  8.873   1.00 28.93 ? 1878 THR A N   1 
ATOM   192  C CA  . THR A 1 44  ? -4.488  -0.558  10.237  1.00 29.39 ? 1878 THR A CA  1 
ATOM   193  C C   . THR A 1 44  ? -3.129  -0.545  10.919  1.00 30.90 ? 1878 THR A C   1 
ATOM   194  O O   . THR A 1 44  ? -2.730  0.459   11.514  1.00 33.77 ? 1878 THR A O   1 
ATOM   195  C CB  . THR A 1 44  ? -5.493  -1.353  11.096  1.00 34.66 ? 1878 THR A CB  1 
ATOM   196  O OG1 . THR A 1 44  ? -6.816  -1.116  10.612  1.00 31.65 ? 1878 THR A OG1 1 
ATOM   197  C CG2 . THR A 1 44  ? -5.406  -0.934  12.565  1.00 37.72 ? 1878 THR A CG2 1 
ATOM   198  N N   . GLU A 1 45  ? -2.399  -1.648  10.803  1.00 27.57 ? 1879 GLU A N   1 
ATOM   199  C CA  . GLU A 1 45  ? -1.079  -1.750  11.406  1.00 30.25 ? 1879 GLU A CA  1 
ATOM   200  C C   . GLU A 1 45  ? -0.117  -0.741  10.773  1.00 32.92 ? 1879 GLU A C   1 
ATOM   201  O O   . GLU A 1 45  ? 0.738   -0.191  11.457  1.00 32.01 ? 1879 GLU A O   1 
ATOM   202  C CB  . GLU A 1 45  ? -0.555  -3.182  11.285  1.00 36.96 ? 1879 GLU A CB  1 
ATOM   203  C CG  . GLU A 1 45  ? -1.374  -4.136  12.154  1.00 41.92 ? 1879 GLU A CG  1 
ATOM   204  C CD  . GLU A 1 45  ? -1.178  -5.606  11.832  1.00 52.53 ? 1879 GLU A CD  1 
ATOM   205  O OE1 . GLU A 1 45  ? -0.355  -5.934  10.949  1.00 49.86 ? 1879 GLU A OE1 1 
ATOM   206  O OE2 . GLU A 1 45  ? -1.865  -6.433  12.475  1.00 57.86 ? 1879 GLU A OE2 1 
ATOM   207  N N   . MET A 1 46  ? -0.266  -0.484  9.476   1.00 25.16 ? 1880 MET A N   1 
ATOM   208  C CA  A MET A 1 46  ? 0.582   0.530   8.868   0.50 27.38 ? 1880 MET A CA  1 
ATOM   209  C CA  B MET A 1 46  ? 0.512   0.549   8.783   0.50 27.40 ? 1880 MET A CA  1 
ATOM   210  C C   . MET A 1 46  ? 0.171   1.928   9.323   1.00 29.13 ? 1880 MET A C   1 
ATOM   211  O O   . MET A 1 46  ? 1.043   2.748   9.606   1.00 29.58 ? 1880 MET A O   1 
ATOM   212  C CB  A MET A 1 46  ? 0.555   0.425   7.351   0.50 27.92 ? 1880 MET A CB  1 
ATOM   213  C CB  B MET A 1 46  ? 0.236   0.532   7.274   0.50 27.91 ? 1880 MET A CB  1 
ATOM   214  C CG  A MET A 1 46  ? 1.256   -0.823  6.856   0.50 27.93 ? 1880 MET A CG  1 
ATOM   215  C CG  B MET A 1 46  ? 0.489   -0.797  6.601   0.50 29.50 ? 1880 MET A CG  1 
ATOM   216  S SD  A MET A 1 46  ? 1.630   -0.723  5.112   0.50 25.33 ? 1880 MET A SD  1 
ATOM   217  S SD  B MET A 1 46  ? 2.234   -1.195  6.603   0.50 25.35 ? 1880 MET A SD  1 
ATOM   218  C CE  A MET A 1 46  ? -0.008  -0.542  4.421   0.50 22.27 ? 1880 MET A CE  1 
ATOM   219  C CE  B MET A 1 46  ? 2.832   -0.042  5.370   0.50 26.63 ? 1880 MET A CE  1 
ATOM   220  N N   . GLU A 1 47  ? -1.130  2.177   9.425   1.00 26.47 ? 1881 GLU A N   1 
ATOM   221  C CA  . GLU A 1 47  ? -1.631  3.480   9.857   1.00 29.16 ? 1881 GLU A CA  1 
ATOM   222  C C   . GLU A 1 47  ? -1.142  3.839   11.264  1.00 33.00 ? 1881 GLU A C   1 
ATOM   223  O O   . GLU A 1 47  ? -0.978  5.015   11.583  1.00 29.48 ? 1881 GLU A O   1 
ATOM   224  C CB  . GLU A 1 47  ? -3.165  3.508   9.803   1.00 28.60 ? 1881 GLU A CB  1 
ATOM   225  C CG  . GLU A 1 47  ? -3.753  3.588   8.386   1.00 27.95 ? 1881 GLU A CG  1 
ATOM   226  C CD  . GLU A 1 47  ? -5.228  3.211   8.328   1.00 31.98 ? 1881 GLU A CD  1 
ATOM   227  O OE1 . GLU A 1 47  ? -5.715  2.514   9.238   1.00 35.17 ? 1881 GLU A OE1 1 
ATOM   228  O OE2 . GLU A 1 47  ? -5.911  3.606   7.364   1.00 33.56 ? 1881 GLU A OE2 1 
ATOM   229  N N   . THR A 1 48  ? -0.881  2.836   12.097  1.00 31.36 ? 1882 THR A N   1 
ATOM   230  C CA  . THR A 1 48  ? -0.538  3.104   13.498  1.00 32.09 ? 1882 THR A CA  1 
ATOM   231  C C   . THR A 1 48  ? 0.961   2.977   13.790  1.00 33.37 ? 1882 THR A C   1 
ATOM   232  O O   . THR A 1 48  ? 1.408   3.177   14.919  1.00 40.22 ? 1882 THR A O   1 
ATOM   233  C CB  . THR A 1 48  ? -1.327  2.170   14.443  1.00 40.21 ? 1882 THR A CB  1 
ATOM   234  O OG1 . THR A 1 48  ? -0.968  0.811   14.176  1.00 38.65 ? 1882 THR A OG1 1 
ATOM   235  C CG2 . THR A 1 48  ? -2.813  2.333   14.230  1.00 36.11 ? 1882 THR A CG2 1 
ATOM   236  N N   . HIS A 1 49  ? 1.747   2.676   12.766  1.00 26.42 ? 1883 HIS A N   1 
ATOM   237  C CA  . HIS A 1 49  ? 3.198   2.651   12.887  1.00 26.53 ? 1883 HIS A CA  1 
ATOM   238  C C   . HIS A 1 49  ? 3.709   4.077   13.144  1.00 34.73 ? 1883 HIS A C   1 
ATOM   239  O O   . HIS A 1 49  ? 3.211   5.027   12.544  1.00 31.62 ? 1883 HIS A O   1 
ATOM   240  C CB  . HIS A 1 49  ? 3.793   2.063   11.613  1.00 30.04 ? 1883 HIS A CB  1 
ATOM   241  C CG  . HIS A 1 49  ? 5.241   1.709   11.706  1.00 34.48 ? 1883 HIS A CG  1 
ATOM   242  N ND1 . HIS A 1 49  ? 6.222   2.630   12.009  1.00 32.34 ? 1883 HIS A ND1 1 
ATOM   243  C CD2 . HIS A 1 49  ? 5.880   0.535   11.476  1.00 33.26 ? 1883 HIS A CD2 1 
ATOM   244  C CE1 . HIS A 1 49  ? 7.402   2.034   11.981  1.00 37.17 ? 1883 HIS A CE1 1 
ATOM   245  N NE2 . HIS A 1 49  ? 7.223   0.767   11.654  1.00 35.59 ? 1883 HIS A NE2 1 
ATOM   246  N N   . GLU A 1 50  ? 4.691   4.247   14.023  1.00 38.77 ? 1884 GLU A N   1 
ATOM   247  C CA  . GLU A 1 50  ? 5.080   5.610   14.376  1.00 34.95 ? 1884 GLU A CA  1 
ATOM   248  C C   . GLU A 1 50  ? 5.801   6.319   13.223  1.00 37.29 ? 1884 GLU A C   1 
ATOM   249  O O   . GLU A 1 50  ? 5.872   7.549   13.204  1.00 36.84 ? 1884 GLU A O   1 
ATOM   250  C CB  . GLU A 1 50  ? 5.934   5.629   15.655  1.00 44.50 ? 1884 GLU A CB  1 
ATOM   251  C CG  . GLU A 1 50  ? 7.366   5.208   15.474  1.00 34.11 ? 1884 GLU A CG  1 
ATOM   252  C CD  . GLU A 1 50  ? 8.267   5.644   16.632  1.00 54.25 ? 1884 GLU A CD  1 
ATOM   253  O OE1 . GLU A 1 50  ? 9.020   6.631   16.467  1.00 47.90 ? 1884 GLU A OE1 1 
ATOM   254  O OE2 . GLU A 1 50  ? 8.234   4.992   17.699  1.00 58.24 ? 1884 GLU A OE2 1 
ATOM   255  N N   . ASP A 1 51  ? 6.304   5.560   12.248  1.00 30.02 ? 1885 ASP A N   1 
ATOM   256  C CA  . ASP A 1 51  ? 6.947   6.161   11.087  1.00 28.71 ? 1885 ASP A CA  1 
ATOM   257  C C   . ASP A 1 51  ? 5.962   6.364   9.934   1.00 27.58 ? 1885 ASP A C   1 
ATOM   258  O O   . ASP A 1 51  ? 6.382   6.612   8.813   1.00 28.87 ? 1885 ASP A O   1 
ATOM   259  C CB  . ASP A 1 51  ? 8.122   5.316   10.593  1.00 29.70 ? 1885 ASP A CB  1 
ATOM   260  C CG  . ASP A 1 51  ? 9.309   5.318   11.560  1.00 40.26 ? 1885 ASP A CG  1 
ATOM   261  O OD1 . ASP A 1 51  ? 9.365   6.190   12.454  1.00 36.26 ? 1885 ASP A OD1 1 
ATOM   262  O OD2 . ASP A 1 51  ? 10.192  4.443   11.415  1.00 33.15 ? 1885 ASP A OD2 1 
ATOM   263  N N   . ALA A 1 52  ? 4.666   6.263   10.209  1.00 25.81 ? 1886 ALA A N   1 
ATOM   264  C CA  . ALA A 1 52  ? 3.665   6.397   9.147   1.00 26.05 ? 1886 ALA A CA  1 
ATOM   265  C C   . ALA A 1 52  ? 3.330   7.855   8.833   1.00 26.69 ? 1886 ALA A C   1 
ATOM   266  O O   . ALA A 1 52  ? 2.644   8.124   7.846   1.00 24.00 ? 1886 ALA A O   1 
ATOM   267  C CB  . ALA A 1 52  ? 2.390   5.651   9.515   1.00 29.28 ? 1886 ALA A CB  1 
ATOM   268  N N   . TRP A 1 53  ? 3.811   8.797   9.651   1.00 26.42 ? 1887 TRP A N   1 
ATOM   269  C CA  . TRP A 1 53  ? 3.351   10.189  9.516   1.00 29.62 ? 1887 TRP A CA  1 
ATOM   270  C C   . TRP A 1 53  ? 3.545   10.843  8.124   1.00 25.24 ? 1887 TRP A C   1 
ATOM   271  O O   . TRP A 1 53  ? 2.701   11.672  7.741   1.00 26.03 ? 1887 TRP A O   1 
ATOM   272  C CB  . TRP A 1 53  ? 3.993   11.077  10.607  1.00 32.23 ? 1887 TRP A CB  1 
ATOM   273  C CG  . TRP A 1 53  ? 5.474   11.009  10.650  1.00 28.86 ? 1887 TRP A CG  1 
ATOM   274  C CD1 . TRP A 1 53  ? 6.232   10.149  11.397  1.00 30.47 ? 1887 TRP A CD1 1 
ATOM   275  C CD2 . TRP A 1 53  ? 6.393   11.839  9.934   1.00 29.93 ? 1887 TRP A CD2 1 
ATOM   276  N NE1 . TRP A 1 53  ? 7.566   10.381  11.169  1.00 32.37 ? 1887 TRP A NE1 1 
ATOM   277  C CE2 . TRP A 1 53  ? 7.692   11.410  10.270  1.00 31.72 ? 1887 TRP A CE2 1 
ATOM   278  C CE3 . TRP A 1 53  ? 6.245   12.892  9.018   1.00 31.62 ? 1887 TRP A CE3 1 
ATOM   279  C CZ2 . TRP A 1 53  ? 8.839   12.004  9.736   1.00 35.12 ? 1887 TRP A CZ2 1 
ATOM   280  C CZ3 . TRP A 1 53  ? 7.386   13.477  8.484   1.00 30.94 ? 1887 TRP A CZ3 1 
ATOM   281  C CH2 . TRP A 1 53  ? 8.666   13.032  8.848   1.00 34.47 ? 1887 TRP A CH2 1 
ATOM   282  N N   . PRO A 1 54  ? 4.603   10.480  7.343   1.00 24.34 ? 1888 PRO A N   1 
ATOM   283  C CA  . PRO A 1 54  ? 4.667   11.111  6.013   1.00 23.29 ? 1888 PRO A CA  1 
ATOM   284  C C   . PRO A 1 54  ? 3.613   10.609  5.033   1.00 29.35 ? 1888 PRO A C   1 
ATOM   285  O O   . PRO A 1 54  ? 3.475   11.210  3.960   1.00 26.33 ? 1888 PRO A O   1 
ATOM   286  C CB  . PRO A 1 54  ? 6.061   10.719  5.480   1.00 25.19 ? 1888 PRO A CB  1 
ATOM   287  C CG  . PRO A 1 54  ? 6.820   10.213  6.674   1.00 27.02 ? 1888 PRO A CG  1 
ATOM   288  C CD  . PRO A 1 54  ? 5.793   9.644   7.596   1.00 26.23 ? 1888 PRO A CD  1 
ATOM   289  N N   . PHE A 1 55  ? 2.922   9.519   5.381   1.00 25.88 ? 1889 PHE A N   1 
ATOM   290  C CA  . PHE A 1 55  ? 2.093   8.776   4.427   1.00 24.20 ? 1889 PHE A CA  1 
ATOM   291  C C   . PHE A 1 55  ? 0.607   8.733   4.776   1.00 25.76 ? 1889 PHE A C   1 
ATOM   292  O O   . PHE A 1 55  ? -0.180  8.115   4.051   1.00 25.11 ? 1889 PHE A O   1 
ATOM   293  C CB  . PHE A 1 55  ? 2.639   7.341   4.304   1.00 20.94 ? 1889 PHE A CB  1 
ATOM   294  C CG  . PHE A 1 55  ? 4.127   7.295   4.161   1.00 23.90 ? 1889 PHE A CG  1 
ATOM   295  C CD1 . PHE A 1 55  ? 4.742   7.851   3.046   1.00 25.48 ? 1889 PHE A CD1 1 
ATOM   296  C CD2 . PHE A 1 55  ? 4.924   6.746   5.172   1.00 21.55 ? 1889 PHE A CD2 1 
ATOM   297  C CE1 . PHE A 1 55  ? 6.143   7.851   2.921   1.00 23.71 ? 1889 PHE A CE1 1 
ATOM   298  C CE2 . PHE A 1 55  ? 6.319   6.735   5.049   1.00 23.46 ? 1889 PHE A CE2 1 
ATOM   299  C CZ  . PHE A 1 55  ? 6.924   7.276   3.927   1.00 22.14 ? 1889 PHE A CZ  1 
ATOM   300  N N   . LEU A 1 56  ? 0.222   9.385   5.867   1.00 25.87 ? 1890 LEU A N   1 
ATOM   301  C CA  . LEU A 1 56  ? -1.160  9.315   6.351   1.00 26.36 ? 1890 LEU A CA  1 
ATOM   302  C C   . LEU A 1 56  ? -2.143  10.076  5.462   1.00 32.66 ? 1890 LEU A C   1 
ATOM   303  O O   . LEU A 1 56  ? -3.284  9.646   5.292   1.00 31.27 ? 1890 LEU A O   1 
ATOM   304  C CB  . LEU A 1 56  ? -1.256  9.830   7.786   1.00 27.02 ? 1890 LEU A CB  1 
ATOM   305  C CG  . LEU A 1 56  ? -0.500  9.002   8.836   1.00 29.44 ? 1890 LEU A CG  1 
ATOM   306  C CD1 . LEU A 1 56  ? -0.610  9.629   10.214  1.00 33.94 ? 1890 LEU A CD1 1 
ATOM   307  C CD2 . LEU A 1 56  ? -1.008  7.556   8.857   1.00 31.15 ? 1890 LEU A CD2 1 
ATOM   308  N N   . LEU A 1 57  ? -1.691  11.188  4.891   1.00 26.99 ? 1891 LEU A N   1 
ATOM   309  C CA  . LEU A 1 57  ? -2.531  12.040  4.042   1.00 26.49 ? 1891 LEU A CA  1 
ATOM   310  C C   . LEU A 1 57  ? -1.861  12.305  2.708   1.00 26.99 ? 1891 LEU A C   1 
ATOM   311  O O   . LEU A 1 57  ? -0.643  12.146  2.579   1.00 26.00 ? 1891 LEU A O   1 
ATOM   312  C CB  . LEU A 1 57  ? -2.825  13.367  4.761   1.00 28.01 ? 1891 LEU A CB  1 
ATOM   313  C CG  . LEU A 1 57  ? -3.577  13.259  6.086   1.00 36.05 ? 1891 LEU A CG  1 
ATOM   314  C CD1 . LEU A 1 57  ? -3.689  14.622  6.750   1.00 36.21 ? 1891 LEU A CD1 1 
ATOM   315  C CD2 . LEU A 1 57  ? -4.957  12.658  5.885   1.00 34.48 ? 1891 LEU A CD2 1 
ATOM   316  N N   . PRO A 1 58  ? -2.636  12.727  1.692   1.00 26.54 ? 1892 PRO A N   1 
ATOM   317  C CA  . PRO A 1 58  ? -1.983  13.068  0.427   1.00 25.91 ? 1892 PRO A CA  1 
ATOM   318  C C   . PRO A 1 58  ? -0.969  14.186  0.615   1.00 28.39 ? 1892 PRO A C   1 
ATOM   319  O O   . PRO A 1 58  ? -1.186  15.062  1.458   1.00 29.72 ? 1892 PRO A O   1 
ATOM   320  C CB  . PRO A 1 58  ? -3.139  13.547  -0.465  1.00 28.17 ? 1892 PRO A CB  1 
ATOM   321  C CG  . PRO A 1 58  ? -4.360  13.020  0.167   1.00 29.79 ? 1892 PRO A CG  1 
ATOM   322  C CD  . PRO A 1 58  ? -4.100  12.891  1.628   1.00 30.26 ? 1892 PRO A CD  1 
ATOM   323  N N   . VAL A 1 59  ? 0.124   14.137  -0.132  1.00 27.77 ? 1893 VAL A N   1 
ATOM   324  C CA  . VAL A 1 59  ? 1.068   15.249  -0.169  1.00 31.09 ? 1893 VAL A CA  1 
ATOM   325  C C   . VAL A 1 59  ? 0.346   16.478  -0.716  1.00 33.35 ? 1893 VAL A C   1 
ATOM   326  O O   . VAL A 1 59  ? -0.368  16.378  -1.715  1.00 30.11 ? 1893 VAL A O   1 
ATOM   327  C CB  . VAL A 1 59  ? 2.289   14.921  -1.052  1.00 32.54 ? 1893 VAL A CB  1 
ATOM   328  C CG1 . VAL A 1 59  ? 3.198   16.149  -1.209  1.00 33.16 ? 1893 VAL A CG1 1 
ATOM   329  C CG2 . VAL A 1 59  ? 3.046   13.731  -0.489  1.00 27.41 ? 1893 VAL A CG2 1 
ATOM   330  N N   . ASN A 1 60  ? 0.514   17.626  -0.064  1.00 35.25 ? 1894 ASN A N   1 
ATOM   331  C CA  . ASN A 1 60  ? -0.140  18.855  -0.527  1.00 38.31 ? 1894 ASN A CA  1 
ATOM   332  C C   . ASN A 1 60  ? 0.494   19.379  -1.823  1.00 38.16 ? 1894 ASN A C   1 
ATOM   333  O O   . ASN A 1 60  ? 1.595   19.933  -1.801  1.00 41.48 ? 1894 ASN A O   1 
ATOM   334  C CB  . ASN A 1 60  ? -0.086  19.930  0.565   1.00 39.42 ? 1894 ASN A CB  1 
ATOM   335  C CG  . ASN A 1 60  ? -0.997  21.116  0.271   1.00 48.26 ? 1894 ASN A CG  1 
ATOM   336  O OD1 . ASN A 1 60  ? -1.147  21.534  -0.878  1.00 51.26 ? 1894 ASN A OD1 1 
ATOM   337  N ND2 . ASN A 1 60  ? -1.616  21.656  1.314   1.00 46.27 ? 1894 ASN A ND2 1 
ATOM   338  N N   . LEU A 1 61  ? -0.208  19.215  -2.943  1.00 34.25 ? 1895 LEU A N   1 
ATOM   339  C CA  . LEU A 1 61  ? 0.368   19.524  -4.252  1.00 40.60 ? 1895 LEU A CA  1 
ATOM   340  C C   . LEU A 1 61  ? 0.547   21.026  -4.460  1.00 47.94 ? 1895 LEU A C   1 
ATOM   341  O O   . LEU A 1 61  ? 1.334   21.459  -5.309  1.00 47.97 ? 1895 LEU A O   1 
ATOM   342  C CB  . LEU A 1 61  ? -0.497  18.939  -5.373  1.00 43.57 ? 1895 LEU A CB  1 
ATOM   343  C CG  . LEU A 1 61  ? -0.567  17.410  -5.429  1.00 47.39 ? 1895 LEU A CG  1 
ATOM   344  C CD1 . LEU A 1 61  ? -1.310  16.937  -6.672  1.00 41.93 ? 1895 LEU A CD1 1 
ATOM   345  C CD2 . LEU A 1 61  ? 0.837   16.798  -5.362  1.00 38.29 ? 1895 LEU A CD2 1 
ATOM   346  N N   . LYS A 1 62  ? -0.183  21.814  -3.676  1.00 50.22 ? 1896 LYS A N   1 
ATOM   347  C CA  . LYS A 1 62  ? -0.090  23.268  -3.748  1.00 55.01 ? 1896 LYS A CA  1 
ATOM   348  C C   . LYS A 1 62  ? 1.137   23.778  -3.007  1.00 54.87 ? 1896 LYS A C   1 
ATOM   349  O O   . LYS A 1 62  ? 1.733   24.781  -3.398  1.00 57.88 ? 1896 LYS A O   1 
ATOM   350  C CB  . LYS A 1 62  ? -1.344  23.928  -3.165  1.00 52.04 ? 1896 LYS A CB  1 
ATOM   351  C CG  . LYS A 1 62  ? -2.603  23.838  -4.015  1.00 55.05 ? 1896 LYS A CG  1 
ATOM   352  C CD  . LYS A 1 62  ? -3.760  24.506  -3.271  1.00 64.83 ? 1896 LYS A CD  1 
ATOM   353  C CE  . LYS A 1 62  ? -5.112  24.256  -3.927  1.00 67.43 ? 1896 LYS A CE  1 
ATOM   354  N NZ  . LYS A 1 62  ? -5.365  25.172  -5.073  1.00 80.34 ? 1896 LYS A NZ  1 
ATOM   355  N N   . LEU A 1 63  ? 1.517   23.085  -1.939  1.00 49.03 ? 1897 LEU A N   1 
ATOM   356  C CA  . LEU A 1 63  ? 2.531   23.610  -1.034  1.00 46.16 ? 1897 LEU A CA  1 
ATOM   357  C C   . LEU A 1 63  ? 3.867   22.891  -1.111  1.00 51.31 ? 1897 LEU A C   1 
ATOM   358  O O   . LEU A 1 63  ? 4.825   23.300  -0.457  1.00 51.65 ? 1897 LEU A O   1 
ATOM   359  C CB  . LEU A 1 63  ? 2.029   23.560  0.407   1.00 49.16 ? 1897 LEU A CB  1 
ATOM   360  C CG  . LEU A 1 63  ? 0.671   24.204  0.697   1.00 54.58 ? 1897 LEU A CG  1 
ATOM   361  C CD1 . LEU A 1 63  ? 0.408   24.176  2.191   1.00 54.79 ? 1897 LEU A CD1 1 
ATOM   362  C CD2 . LEU A 1 63  ? 0.592   25.632  0.155   1.00 53.49 ? 1897 LEU A CD2 1 
ATOM   363  N N   . VAL A 1 64  ? 3.943   21.814  -1.885  1.00 44.94 ? 1898 VAL A N   1 
ATOM   364  C CA  . VAL A 1 64  ? 5.209   21.094  -1.999  1.00 39.02 ? 1898 VAL A CA  1 
ATOM   365  C C   . VAL A 1 64  ? 5.716   21.189  -3.423  1.00 48.71 ? 1898 VAL A C   1 
ATOM   366  O O   . VAL A 1 64  ? 5.188   20.540  -4.329  1.00 45.08 ? 1898 VAL A O   1 
ATOM   367  C CB  . VAL A 1 64  ? 5.082   19.616  -1.576  1.00 41.34 ? 1898 VAL A CB  1 
ATOM   368  C CG1 . VAL A 1 64  ? 6.401   18.890  -1.781  1.00 37.87 ? 1898 VAL A CG1 1 
ATOM   369  C CG2 . VAL A 1 64  ? 4.653   19.518  -0.123  1.00 38.18 ? 1898 VAL A CG2 1 
ATOM   370  N N   . PRO A 1 65  ? 6.743   22.028  -3.625  1.00 56.37 ? 1899 PRO A N   1 
ATOM   371  C CA  . PRO A 1 65  ? 7.326   22.283  -4.946  1.00 53.92 ? 1899 PRO A CA  1 
ATOM   372  C C   . PRO A 1 65  ? 7.753   20.999  -5.642  1.00 44.68 ? 1899 PRO A C   1 
ATOM   373  O O   . PRO A 1 65  ? 8.354   20.126  -5.019  1.00 45.14 ? 1899 PRO A O   1 
ATOM   374  C CB  . PRO A 1 65  ? 8.549   23.160  -4.630  1.00 53.36 ? 1899 PRO A CB  1 
ATOM   375  C CG  . PRO A 1 65  ? 8.234   23.798  -3.322  1.00 50.62 ? 1899 PRO A CG  1 
ATOM   376  C CD  . PRO A 1 65  ? 7.433   22.780  -2.560  1.00 55.16 ? 1899 PRO A CD  1 
ATOM   377  N N   . GLY A 1 66  ? 7.435   20.883  -6.921  1.00 41.55 ? 1900 GLY A N   1 
ATOM   378  C CA  . GLY A 1 66  ? 7.940   19.787  -7.716  1.00 42.19 ? 1900 GLY A CA  1 
ATOM   379  C C   . GLY A 1 66  ? 7.104   18.525  -7.658  1.00 44.42 ? 1900 GLY A C   1 
ATOM   380  O O   . GLY A 1 66  ? 7.163   17.716  -8.587  1.00 35.77 ? 1900 GLY A O   1 
ATOM   381  N N   . TYR A 1 67  ? 6.316   18.356  -6.597  1.00 41.28 ? 1901 TYR A N   1 
ATOM   382  C CA  . TYR A 1 67  ? 5.659   17.064  -6.373  1.00 40.58 ? 1901 TYR A CA  1 
ATOM   383  C C   . TYR A 1 67  ? 4.674   16.712  -7.488  1.00 38.60 ? 1901 TYR A C   1 
ATOM   384  O O   . TYR A 1 67  ? 4.670   15.575  -7.980  1.00 36.23 ? 1901 TYR A O   1 
ATOM   385  C CB  . TYR A 1 67  ? 4.944   17.016  -5.013  1.00 35.76 ? 1901 TYR A CB  1 
ATOM   386  C CG  . TYR A 1 67  ? 4.832   15.585  -4.523  1.00 35.24 ? 1901 TYR A CG  1 
ATOM   387  C CD1 . TYR A 1 67  ? 5.897   14.978  -3.874  1.00 32.59 ? 1901 TYR A CD1 1 
ATOM   388  C CD2 . TYR A 1 67  ? 3.689   14.824  -4.764  1.00 30.74 ? 1901 TYR A CD2 1 
ATOM   389  C CE1 . TYR A 1 67  ? 5.827   13.648  -3.446  1.00 34.01 ? 1901 TYR A CE1 1 
ATOM   390  C CE2 . TYR A 1 67  ? 3.606   13.488  -4.337  1.00 27.85 ? 1901 TYR A CE2 1 
ATOM   391  C CZ  . TYR A 1 67  ? 4.677   12.910  -3.681  1.00 34.69 ? 1901 TYR A CZ  1 
ATOM   392  O OH  . TYR A 1 67  ? 4.619   11.588  -3.257  1.00 27.33 ? 1901 TYR A OH  1 
ATOM   393  N N   . LYS A 1 68  ? 3.863   17.681  -7.904  1.00 39.91 ? 1902 LYS A N   1 
ATOM   394  C CA  . LYS A 1 68  ? 2.836   17.416  -8.905  1.00 45.78 ? 1902 LYS A CA  1 
ATOM   395  C C   . LYS A 1 68  ? 3.424   16.945  -10.236 1.00 43.75 ? 1902 LYS A C   1 
ATOM   396  O O   . LYS A 1 68  ? 2.911   16.009  -10.847 1.00 41.99 ? 1902 LYS A O   1 
ATOM   397  C CB  . LYS A 1 68  ? 1.971   18.658  -9.135  1.00 46.63 ? 1902 LYS A CB  1 
ATOM   398  C CG  . LYS A 1 68  ? 0.672   18.365  -9.893  1.00 48.46 ? 1902 LYS A CG  1 
ATOM   399  C CD  . LYS A 1 68  ? -0.224  19.593  -9.961  1.00 54.99 ? 1902 LYS A CD  1 
ATOM   400  C CE  . LYS A 1 68  ? -1.663  19.236  -10.323 1.00 63.20 ? 1902 LYS A CE  1 
ATOM   401  N NZ  . LYS A 1 68  ? -1.785  18.598  -11.663 1.00 61.35 ? 1902 LYS A NZ  1 
ATOM   402  N N   . LYS A 1 69  ? 4.505   17.586  -10.671 1.00 40.04 ? 1903 LYS A N   1 
ATOM   403  C CA  . LYS A 1 69  ? 5.083   17.302  -11.978 1.00 42.46 ? 1903 LYS A CA  1 
ATOM   404  C C   . LYS A 1 69  ? 5.862   15.991  -11.976 1.00 42.38 ? 1903 LYS A C   1 
ATOM   405  O O   . LYS A 1 69  ? 5.796   15.212  -12.926 1.00 45.21 ? 1903 LYS A O   1 
ATOM   406  C CB  . LYS A 1 69  ? 5.998   18.458  -12.414 1.00 42.75 ? 1903 LYS A CB  1 
ATOM   407  C CG  . LYS A 1 69  ? 6.667   18.249  -13.763 1.00 42.12 ? 1903 LYS A CG  1 
ATOM   408  C CD  . LYS A 1 69  ? 5.638   17.940  -14.835 1.00 46.52 ? 1903 LYS A CD  1 
ATOM   409  C CE  . LYS A 1 69  ? 6.243   17.992  -16.224 1.00 45.88 ? 1903 LYS A CE  1 
ATOM   410  N NZ  . LYS A 1 69  ? 6.423   19.402  -16.663 1.00 48.44 ? 1903 LYS A NZ  1 
ATOM   411  N N   . VAL A 1 70  ? 6.593   15.762  -10.891 1.00 37.07 ? 1904 VAL A N   1 
ATOM   412  C CA  . VAL A 1 70  ? 7.497   14.634  -10.779 1.00 39.28 ? 1904 VAL A CA  1 
ATOM   413  C C   . VAL A 1 70  ? 6.779   13.320  -10.468 1.00 40.96 ? 1904 VAL A C   1 
ATOM   414  O O   . VAL A 1 70  ? 7.105   12.281  -11.051 1.00 39.13 ? 1904 VAL A O   1 
ATOM   415  C CB  . VAL A 1 70  ? 8.559   14.901  -9.689  1.00 36.53 ? 1904 VAL A CB  1 
ATOM   416  C CG1 . VAL A 1 70  ? 9.375   13.655  -9.405  1.00 37.71 ? 1904 VAL A CG1 1 
ATOM   417  C CG2 . VAL A 1 70  ? 9.469   16.050  -10.116 1.00 39.03 ? 1904 VAL A CG2 1 
ATOM   418  N N   . ILE A 1 71  ? 5.817   13.359  -9.551  1.00 36.53 ? 1905 ILE A N   1 
ATOM   419  C CA  . ILE A 1 71  ? 5.169   12.122  -9.098  1.00 36.34 ? 1905 ILE A CA  1 
ATOM   420  C C   . ILE A 1 71  ? 3.856   11.910  -9.838  1.00 33.07 ? 1905 ILE A C   1 
ATOM   421  O O   . ILE A 1 71  ? 2.844   12.529  -9.514  1.00 33.99 ? 1905 ILE A O   1 
ATOM   422  C CB  . ILE A 1 71  ? 4.907   12.133  -7.576  1.00 37.29 ? 1905 ILE A CB  1 
ATOM   423  C CG1 . ILE A 1 71  ? 6.219   12.307  -6.805  1.00 32.73 ? 1905 ILE A CG1 1 
ATOM   424  C CG2 . ILE A 1 71  ? 4.174   10.840  -7.145  1.00 34.09 ? 1905 ILE A CG2 1 
ATOM   425  C CD1 . ILE A 1 71  ? 7.243   11.183  -7.029  1.00 30.90 ? 1905 ILE A CD1 1 
ATOM   426  N N   . LYS A 1 72  ? 3.882   11.031  -10.837 1.00 34.70 ? 1906 LYS A N   1 
ATOM   427  C CA  . LYS A 1 72  ? 2.753   10.889  -11.757 1.00 39.14 ? 1906 LYS A CA  1 
ATOM   428  C C   . LYS A 1 72  ? 1.496   10.318  -11.100 1.00 42.45 ? 1906 LYS A C   1 
ATOM   429  O O   . LYS A 1 72  ? 0.381   10.704  -11.454 1.00 38.27 ? 1906 LYS A O   1 
ATOM   430  C CB  . LYS A 1 72  ? 3.157   10.013  -12.947 1.00 44.36 ? 1906 LYS A CB  1 
ATOM   431  C CG  . LYS A 1 72  ? 4.383   10.535  -13.692 1.00 48.67 ? 1906 LYS A CG  1 
ATOM   432  C CD  . LYS A 1 72  ? 4.203   11.993  -14.108 1.00 46.43 ? 1906 LYS A CD  1 
ATOM   433  C CE  . LYS A 1 72  ? 5.475   12.551  -14.731 1.00 48.69 ? 1906 LYS A CE  1 
ATOM   434  N NZ  . LYS A 1 72  ? 5.313   13.976  -15.160 1.00 55.66 ? 1906 LYS A NZ  1 
ATOM   435  N N   . LYS A 1 73  ? 1.677   9.405   -10.147 1.00 33.21 ? 1907 LYS A N   1 
ATOM   436  C CA  . LYS A 1 73  ? 0.547   8.797   -9.452  1.00 32.50 ? 1907 LYS A CA  1 
ATOM   437  C C   . LYS A 1 73  ? 0.725   8.862   -7.937  1.00 30.41 ? 1907 LYS A C   1 
ATOM   438  O O   . LYS A 1 73  ? 1.229   7.918   -7.324  1.00 29.16 ? 1907 LYS A O   1 
ATOM   439  C CB  . LYS A 1 73  ? 0.366   7.345   -9.889  1.00 34.10 ? 1907 LYS A CB  1 
ATOM   440  C CG  . LYS A 1 73  ? 0.122   7.178   -11.383 1.00 41.21 ? 1907 LYS A CG  1 
ATOM   441  C CD  . LYS A 1 73  ? 0.146   5.709   -11.787 1.00 52.99 ? 1907 LYS A CD  1 
ATOM   442  C CE  . LYS A 1 73  ? -0.985  4.924   -11.122 1.00 59.98 ? 1907 LYS A CE  1 
ATOM   443  N NZ  . LYS A 1 73  ? -0.885  3.458   -11.401 1.00 63.32 ? 1907 LYS A NZ  1 
ATOM   444  N N   . PRO A 1 74  ? 0.322   9.987   -7.334  1.00 30.72 ? 1908 PRO A N   1 
ATOM   445  C CA  . PRO A 1 74  ? 0.373   10.130  -5.872  1.00 26.97 ? 1908 PRO A CA  1 
ATOM   446  C C   . PRO A 1 74  ? -0.512  9.102   -5.176  1.00 28.20 ? 1908 PRO A C   1 
ATOM   447  O O   . PRO A 1 74  ? -1.577  8.746   -5.675  1.00 26.84 ? 1908 PRO A O   1 
ATOM   448  C CB  . PRO A 1 74  ? -0.154  11.547  -5.632  1.00 29.22 ? 1908 PRO A CB  1 
ATOM   449  C CG  . PRO A 1 74  ? 0.094   12.258  -6.919  1.00 31.53 ? 1908 PRO A CG  1 
ATOM   450  C CD  . PRO A 1 74  ? -0.122  11.225  -7.988  1.00 31.04 ? 1908 PRO A CD  1 
ATOM   451  N N   . MET A 1 75  ? -0.071  8.637   -4.019  1.00 23.88 ? 1909 MET A N   1 
ATOM   452  C CA  . MET A 1 75  ? -0.843  7.663   -3.262  1.00 24.96 ? 1909 MET A CA  1 
ATOM   453  C C   . MET A 1 75  ? -0.440  7.785   -1.804  1.00 24.50 ? 1909 MET A C   1 
ATOM   454  O O   . MET A 1 75  ? 0.715   8.135   -1.489  1.00 23.95 ? 1909 MET A O   1 
ATOM   455  C CB  . MET A 1 75  ? -0.617  6.243   -3.793  1.00 23.44 ? 1909 MET A CB  1 
ATOM   456  C CG  . MET A 1 75  ? -1.518  5.154   -3.152  1.00 21.66 ? 1909 MET A CG  1 
ATOM   457  S SD  . MET A 1 75  ? -3.296  5.550   -3.191  1.00 25.85 ? 1909 MET A SD  1 
ATOM   458  C CE  . MET A 1 75  ? -3.524  5.738   -4.960  1.00 25.74 ? 1909 MET A CE  1 
ATOM   459  N N   . ASP A 1 76  ? -1.398  7.543   -0.918  1.00 20.31 ? 1910 ASP A N   1 
ATOM   460  C CA  . ASP A 1 76  ? -1.175  7.677   0.522   1.00 19.21 ? 1910 ASP A CA  1 
ATOM   461  C C   . ASP A 1 76  ? -2.122  6.739   1.272   1.00 23.35 ? 1910 ASP A C   1 
ATOM   462  O O   . ASP A 1 76  ? -3.074  6.228   0.686   1.00 24.96 ? 1910 ASP A O   1 
ATOM   463  C CB  . ASP A 1 76  ? -1.409  9.123   0.989   1.00 22.28 ? 1910 ASP A CB  1 
ATOM   464  C CG  . ASP A 1 76  ? -2.878  9.500   0.956   1.00 26.24 ? 1910 ASP A CG  1 
ATOM   465  O OD1 . ASP A 1 76  ? -3.386  9.791   -0.149  1.00 27.36 ? 1910 ASP A OD1 1 
ATOM   466  O OD2 . ASP A 1 76  ? -3.516  9.490   2.024   1.00 29.80 ? 1910 ASP A OD2 1 
ATOM   467  N N   . PHE A 1 77  ? -1.886  6.542   2.570   1.00 20.43 ? 1911 PHE A N   1 
ATOM   468  C CA  . PHE A 1 77  ? -2.660  5.556   3.309   1.00 23.40 ? 1911 PHE A CA  1 
ATOM   469  C C   . PHE A 1 77  ? -4.146  5.913   3.380   1.00 22.24 ? 1911 PHE A C   1 
ATOM   470  O O   . PHE A 1 77  ? -4.990  5.014   3.323   1.00 23.96 ? 1911 PHE A O   1 
ATOM   471  C CB  . PHE A 1 77  ? -2.109  5.361   4.733   1.00 21.88 ? 1911 PHE A CB  1 
ATOM   472  C CG  . PHE A 1 77  ? -0.734  4.716   4.786   1.00 24.26 ? 1911 PHE A CG  1 
ATOM   473  C CD1 . PHE A 1 77  ? -0.188  4.089   3.671   1.00 22.20 ? 1911 PHE A CD1 1 
ATOM   474  C CD2 . PHE A 1 77  ? 0.001   4.735   5.967   1.00 26.67 ? 1911 PHE A CD2 1 
ATOM   475  C CE1 . PHE A 1 77  ? 1.093   3.504   3.732   1.00 24.18 ? 1911 PHE A CE1 1 
ATOM   476  C CE2 . PHE A 1 77  ? 1.266   4.170   6.035   1.00 22.47 ? 1911 PHE A CE2 1 
ATOM   477  C CZ  . PHE A 1 77  ? 1.812   3.549   4.915   1.00 21.88 ? 1911 PHE A CZ  1 
ATOM   478  N N   . SER A 1 78  ? -4.490  7.201   3.490   1.00 23.06 ? 1912 SER A N   1 
ATOM   479  C CA  . SER A 1 78  ? -5.917  7.546   3.654   1.00 26.09 ? 1912 SER A CA  1 
ATOM   480  C C   . SER A 1 78  ? -6.678  7.297   2.359   1.00 29.55 ? 1912 SER A C   1 
ATOM   481  O O   . SER A 1 78  ? -7.873  6.974   2.372   1.00 29.59 ? 1912 SER A O   1 
ATOM   482  C CB  . SER A 1 78  ? -6.096  9.006   4.104   1.00 26.77 ? 1912 SER A CB  1 
ATOM   483  O OG  . SER A 1 78  ? -5.832  9.907   3.038   1.00 27.60 ? 1912 SER A OG  1 
ATOM   484  N N   . THR A 1 79  ? -5.976  7.416   1.237   1.00 23.53 ? 1913 THR A N   1 
ATOM   485  C CA  . THR A 1 79  ? -6.578  7.187   -0.073  1.00 25.04 ? 1913 THR A CA  1 
ATOM   486  C C   . THR A 1 79  ? -6.771  5.684   -0.286  1.00 27.07 ? 1913 THR A C   1 
ATOM   487  O O   . THR A 1 79  ? -7.791  5.231   -0.816  1.00 26.60 ? 1913 THR A O   1 
ATOM   488  C CB  . THR A 1 79  ? -5.715  7.788   -1.195  1.00 30.78 ? 1913 THR A CB  1 
ATOM   489  O OG1 . THR A 1 79  ? -5.659  9.216   -1.037  1.00 24.11 ? 1913 THR A OG1 1 
ATOM   490  C CG2 . THR A 1 79  ? -6.294  7.465   -2.561  1.00 28.90 ? 1913 THR A CG2 1 
ATOM   491  N N   . ILE A 1 80  ? -5.794  4.908   0.159   1.00 25.82 ? 1914 ILE A N   1 
ATOM   492  C CA  . ILE A 1 80  ? -5.927  3.454   0.117   1.00 23.47 ? 1914 ILE A CA  1 
ATOM   493  C C   . ILE A 1 80  ? -7.092  3.008   1.001   1.00 24.78 ? 1914 ILE A C   1 
ATOM   494  O O   . ILE A 1 80  ? -7.901  2.155   0.592   1.00 27.01 ? 1914 ILE A O   1 
ATOM   495  C CB  . ILE A 1 80  ? -4.611  2.776   0.562   1.00 23.05 ? 1914 ILE A CB  1 
ATOM   496  C CG1 . ILE A 1 80  ? -3.482  3.172   -0.394  1.00 21.23 ? 1914 ILE A CG1 1 
ATOM   497  C CG2 . ILE A 1 80  ? -4.789  1.251   0.682   1.00 19.53 ? 1914 ILE A CG2 1 
ATOM   498  C CD1 . ILE A 1 80  ? -2.095  2.635   0.004   1.00 23.45 ? 1914 ILE A CD1 1 
ATOM   499  N N   . ARG A 1 81  ? -7.185  3.583   2.204   1.00 24.34 ? 1915 ARG A N   1 
ATOM   500  C CA  . ARG A 1 81  ? -8.271  3.255   3.135   1.00 28.49 ? 1915 ARG A CA  1 
ATOM   501  C C   . ARG A 1 81  ? -9.632  3.523   2.501   1.00 32.10 ? 1915 ARG A C   1 
ATOM   502  O O   . ARG A 1 81  ? -10.556 2.698   2.603   1.00 27.45 ? 1915 ARG A O   1 
ATOM   503  C CB  . ARG A 1 81  ? -8.128  4.051   4.441   1.00 28.80 ? 1915 ARG A CB  1 
ATOM   504  C CG  . ARG A 1 81  ? -9.269  3.880   5.445   1.00 32.04 ? 1915 ARG A CG  1 
ATOM   505  C CD  . ARG A 1 81  ? -9.427  2.450   5.929   1.00 29.85 ? 1915 ARG A CD  1 
ATOM   506  N NE  . ARG A 1 81  ? -8.373  2.030   6.851   1.00 29.31 ? 1915 ARG A NE  1 
ATOM   507  C CZ  . ARG A 1 81  ? -8.256  0.788   7.310   1.00 32.20 ? 1915 ARG A CZ  1 
ATOM   508  N NH1 . ARG A 1 81  ? -9.122  -0.139  6.929   1.00 33.65 ? 1915 ARG A NH1 1 
ATOM   509  N NH2 . ARG A 1 81  ? -7.280  0.466   8.144   1.00 33.23 ? 1915 ARG A NH2 1 
ATOM   510  N N   . GLU A 1 82  ? -9.753  4.663   1.834   1.00 26.63 ? 1916 GLU A N   1 
ATOM   511  C CA  . GLU A 1 82  ? -11.022 5.007   1.191   1.00 31.59 ? 1916 GLU A CA  1 
ATOM   512  C C   . GLU A 1 82  ? -11.342 4.020   0.079   1.00 36.22 ? 1916 GLU A C   1 
ATOM   513  O O   . GLU A 1 82  ? -12.486 3.576   -0.056  1.00 32.96 ? 1916 GLU A O   1 
ATOM   514  C CB  . GLU A 1 82  ? -10.985 6.430   0.633   1.00 31.35 ? 1916 GLU A CB  1 
ATOM   515  C CG  . GLU A 1 82  ? -12.298 6.885   -0.026  1.00 37.82 ? 1916 GLU A CG  1 
ATOM   516  C CD  . GLU A 1 82  ? -13.457 6.999   0.965   1.00 41.68 ? 1916 GLU A CD  1 
ATOM   517  O OE1 . GLU A 1 82  ? -13.223 7.397   2.128   1.00 42.54 ? 1916 GLU A OE1 1 
ATOM   518  O OE2 . GLU A 1 82  ? -14.609 6.687   0.582   1.00 44.91 ? 1916 GLU A OE2 1 
ATOM   519  N N   . LYS A 1 83  ? -10.333 3.671   -0.717  1.00 31.96 ? 1917 LYS A N   1 
ATOM   520  C CA  . LYS A 1 83  ? -10.538 2.734   -1.819  1.00 30.66 ? 1917 LYS A CA  1 
ATOM   521  C C   . LYS A 1 83  ? -10.914 1.346   -1.297  1.00 30.18 ? 1917 LYS A C   1 
ATOM   522  O O   . LYS A 1 83  ? -11.767 0.673   -1.884  1.00 34.08 ? 1917 LYS A O   1 
ATOM   523  C CB  . LYS A 1 83  ? -9.293  2.664   -2.710  1.00 29.10 ? 1917 LYS A CB  1 
ATOM   524  C CG  . LYS A 1 83  ? -9.120  3.878   -3.620  1.00 29.29 ? 1917 LYS A CG  1 
ATOM   525  C CD  . LYS A 1 83  ? -7.793  3.868   -4.339  1.00 26.78 ? 1917 LYS A CD  1 
ATOM   526  C CE  . LYS A 1 83  ? -7.763  2.799   -5.428  1.00 29.17 ? 1917 LYS A CE  1 
ATOM   527  N NZ  . LYS A 1 83  ? -6.615  3.040   -6.349  1.00 25.62 ? 1917 LYS A NZ  1 
ATOM   528  N N   . LEU A 1 84  ? -10.303 0.927   -0.190  1.00 28.89 ? 1918 LEU A N   1 
ATOM   529  C CA  . LEU A 1 84  ? -10.588 -0.386  0.386   1.00 31.07 ? 1918 LEU A CA  1 
ATOM   530  C C   . LEU A 1 84  ? -12.006 -0.437  0.944   1.00 36.73 ? 1918 LEU A C   1 
ATOM   531  O O   . LEU A 1 84  ? -12.693 -1.451  0.823   1.00 38.53 ? 1918 LEU A O   1 
ATOM   532  C CB  . LEU A 1 84  ? -9.577  -0.733  1.484   1.00 31.69 ? 1918 LEU A CB  1 
ATOM   533  C CG  . LEU A 1 84  ? -9.497  -2.181  1.979   1.00 29.82 ? 1918 LEU A CG  1 
ATOM   534  C CD1 . LEU A 1 84  ? -9.111  -3.123  0.844   1.00 27.09 ? 1918 LEU A CD1 1 
ATOM   535  C CD2 . LEU A 1 84  ? -8.518  -2.327  3.145   1.00 28.88 ? 1918 LEU A CD2 1 
ATOM   536  N N   . SER A 1 85  ? -12.438 0.661   1.554   1.00 29.76 ? 1919 SER A N   1 
ATOM   537  C CA  . SER A 1 85  ? -13.765 0.745   2.177   1.00 33.21 ? 1919 SER A CA  1 
ATOM   538  C C   . SER A 1 85  ? -14.922 0.859   1.187   1.00 36.46 ? 1919 SER A C   1 
ATOM   539  O O   . SER A 1 85  ? -16.081 0.735   1.575   1.00 34.29 ? 1919 SER A O   1 
ATOM   540  C CB  . SER A 1 85  ? -13.815 1.940   3.128   1.00 33.26 ? 1919 SER A CB  1 
ATOM   541  O OG  . SER A 1 85  ? -13.021 1.697   4.277   1.00 36.58 ? 1919 SER A OG  1 
ATOM   542  N N   . SER A 1 86  ? -14.610 1.099   -0.079  1.00 31.66 ? 1920 SER A N   1 
ATOM   543  C CA  . SER A 1 86  ? -15.625 1.405   -1.073  1.00 32.61 ? 1920 SER A CA  1 
ATOM   544  C C   . SER A 1 86  ? -15.530 0.493   -2.297  1.00 30.77 ? 1920 SER A C   1 
ATOM   545  O O   . SER A 1 86  ? -15.959 0.858   -3.388  1.00 31.67 ? 1920 SER A O   1 
ATOM   546  C CB  . SER A 1 86  ? -15.513 2.870   -1.499  1.00 34.84 ? 1920 SER A CB  1 
ATOM   547  O OG  . SER A 1 86  ? -14.266 3.131   -2.131  1.00 34.82 ? 1920 SER A OG  1 
ATOM   548  N N   . GLY A 1 87  ? -14.943 -0.688  -2.114  1.00 30.34 ? 1921 GLY A N   1 
ATOM   549  C CA  . GLY A 1 87  ? -14.890 -1.697  -3.166  1.00 29.70 ? 1921 GLY A CA  1 
ATOM   550  C C   . GLY A 1 87  ? -14.109 -1.348  -4.409  1.00 31.38 ? 1921 GLY A C   1 
ATOM   551  O O   . GLY A 1 87  ? -14.431 -1.815  -5.505  1.00 32.33 ? 1921 GLY A O   1 
ATOM   552  N N   . GLN A 1 88  ? -13.056 -0.544  -4.265  1.00 30.15 ? 1922 GLN A N   1 
ATOM   553  C CA  . GLN A 1 88  ? -12.290 -0.136  -5.435  1.00 28.31 ? 1922 GLN A CA  1 
ATOM   554  C C   . GLN A 1 88  ? -11.033 -1.000  -5.708  1.00 27.78 ? 1922 GLN A C   1 
ATOM   555  O O   . GLN A 1 88  ? -10.365 -0.816  -6.733  1.00 30.29 ? 1922 GLN A O   1 
ATOM   556  C CB  . GLN A 1 88  ? -11.907 1.346   -5.312  1.00 28.32 ? 1922 GLN A CB  1 
ATOM   557  C CG  . GLN A 1 88  ? -13.131 2.272   -5.410  1.00 33.19 ? 1922 GLN A CG  1 
ATOM   558  C CD  . GLN A 1 88  ? -12.764 3.742   -5.354  1.00 33.18 ? 1922 GLN A CD  1 
ATOM   559  O OE1 . GLN A 1 88  ? -12.150 4.268   -6.274  1.00 34.68 ? 1922 GLN A OE1 1 
ATOM   560  N NE2 . GLN A 1 88  ? -13.150 4.413   -4.268  1.00 32.72 ? 1922 GLN A NE2 1 
ATOM   561  N N   . TYR A 1 89  ? -10.732 -1.948  -4.824  1.00 30.33 ? 1923 TYR A N   1 
ATOM   562  C CA  . TYR A 1 89  ? -9.726  -2.972  -5.141  1.00 25.97 ? 1923 TYR A CA  1 
ATOM   563  C C   . TYR A 1 89  ? -10.408 -4.274  -5.572  1.00 26.62 ? 1923 TYR A C   1 
ATOM   564  O O   . TYR A 1 89  ? -11.118 -4.907  -4.786  1.00 30.63 ? 1923 TYR A O   1 
ATOM   565  C CB  . TYR A 1 89  ? -8.797  -3.241  -3.956  1.00 24.74 ? 1923 TYR A CB  1 
ATOM   566  C CG  . TYR A 1 89  ? -7.963  -2.029  -3.600  1.00 23.79 ? 1923 TYR A CG  1 
ATOM   567  C CD1 . TYR A 1 89  ? -7.038  -1.514  -4.502  1.00 26.60 ? 1923 TYR A CD1 1 
ATOM   568  C CD2 . TYR A 1 89  ? -8.116  -1.394  -2.370  1.00 24.36 ? 1923 TYR A CD2 1 
ATOM   569  C CE1 . TYR A 1 89  ? -6.274  -0.383  -4.185  1.00 26.22 ? 1923 TYR A CE1 1 
ATOM   570  C CE2 . TYR A 1 89  ? -7.361  -0.263  -2.049  1.00 24.33 ? 1923 TYR A CE2 1 
ATOM   571  C CZ  . TYR A 1 89  ? -6.454  0.236   -2.958  1.00 25.20 ? 1923 TYR A CZ  1 
ATOM   572  O OH  . TYR A 1 89  ? -5.712  1.356   -2.635  1.00 26.70 ? 1923 TYR A OH  1 
ATOM   573  N N   . PRO A 1 90  ? -10.198 -4.666  -6.831  1.00 28.84 ? 1924 PRO A N   1 
ATOM   574  C CA  . PRO A 1 90  ? -10.792 -5.913  -7.326  1.00 38.58 ? 1924 PRO A CA  1 
ATOM   575  C C   . PRO A 1 90  ? -10.186 -7.152  -6.669  1.00 37.43 ? 1924 PRO A C   1 
ATOM   576  O O   . PRO A 1 90  ? -10.885 -8.154  -6.499  1.00 36.65 ? 1924 PRO A O   1 
ATOM   577  C CB  . PRO A 1 90  ? -10.495 -5.873  -8.830  1.00 38.32 ? 1924 PRO A CB  1 
ATOM   578  C CG  . PRO A 1 90  ? -9.427  -4.859  -9.001  1.00 41.34 ? 1924 PRO A CG  1 
ATOM   579  C CD  . PRO A 1 90  ? -9.613  -3.861  -7.914  1.00 34.32 ? 1924 PRO A CD  1 
ATOM   580  N N   . ASN A 1 91  ? -8.913  -7.084  -6.283  1.00 30.29 ? 1925 ASN A N   1 
ATOM   581  C CA  . ASN A 1 91  ? -8.273  -8.218  -5.623  1.00 31.46 ? 1925 ASN A CA  1 
ATOM   582  C C   . ASN A 1 91  ? -7.132  -7.787  -4.708  1.00 33.64 ? 1925 ASN A C   1 
ATOM   583  O O   . ASN A 1 91  ? -6.764  -6.611  -4.677  1.00 29.10 ? 1925 ASN A O   1 
ATOM   584  C CB  . ASN A 1 91  ? -7.746  -9.206  -6.659  1.00 30.80 ? 1925 ASN A CB  1 
ATOM   585  C CG  . ASN A 1 91  ? -6.809  -8.556  -7.640  1.00 32.63 ? 1925 ASN A CG  1 
ATOM   586  O OD1 . ASN A 1 91  ? -5.738  -8.077  -7.271  1.00 33.10 ? 1925 ASN A OD1 1 
ATOM   587  N ND2 . ASN A 1 91  ? -7.207  -8.525  -8.901  1.00 32.59 ? 1925 ASN A ND2 1 
ATOM   588  N N   A LEU A 1 92  ? -6.617  -8.767  -3.962  0.15 31.02 ? 1926 LEU A N   1 
ATOM   589  N N   B LEU A 1 92  ? -6.545  -8.722  -3.967  0.85 31.07 ? 1926 LEU A N   1 
ATOM   590  C CA  A LEU A 1 92  ? -5.427  -8.639  -3.123  0.15 29.85 ? 1926 LEU A CA  1 
ATOM   591  C CA  B LEU A 1 92  ? -5.517  -8.318  -3.004  0.85 28.92 ? 1926 LEU A CA  1 
ATOM   592  C C   A LEU A 1 92  ? -4.353  -7.782  -3.738  0.15 28.91 ? 1926 LEU A C   1 
ATOM   593  C C   B LEU A 1 92  ? -4.244  -7.797  -3.688  0.85 28.81 ? 1926 LEU A C   1 
ATOM   594  O O   A LEU A 1 92  ? -3.868  -6.816  -3.149  0.15 29.10 ? 1926 LEU A O   1 
ATOM   595  O O   B LEU A 1 92  ? -3.496  -7.029  -3.073  0.85 29.20 ? 1926 LEU A O   1 
ATOM   596  C CB  A LEU A 1 92  ? -4.815  -10.017 -2.864  0.15 31.34 ? 1926 LEU A CB  1 
ATOM   597  C CB  B LEU A 1 92  ? -5.174  -9.468  -2.047  0.85 31.24 ? 1926 LEU A CB  1 
ATOM   598  C CG  A LEU A 1 92  ? -5.245  -10.794 -1.635  0.15 31.83 ? 1926 LEU A CG  1 
ATOM   599  C CG  B LEU A 1 92  ? -4.261  -10.590 -2.545  0.85 29.14 ? 1926 LEU A CG  1 
ATOM   600  C CD1 A LEU A 1 92  ? -4.325  -11.982 -1.408  0.15 32.15 ? 1926 LEU A CD1 1 
ATOM   601  C CD1 B LEU A 1 92  ? -3.878  -11.489 -1.379  0.85 32.64 ? 1926 LEU A CD1 1 
ATOM   602  C CD2 A LEU A 1 92  ? -5.238  -9.879  -0.454  0.15 29.73 ? 1926 LEU A CD2 1 
ATOM   603  C CD2 B LEU A 1 92  ? -4.944  -11.402 -3.638  0.85 31.02 ? 1926 LEU A CD2 1 
ATOM   604  N N   . GLU A 1 93  ? -3.981  -8.181  -4.941  1.00 29.51 ? 1927 GLU A N   1 
ATOM   605  C CA  . GLU A 1 93  ? -2.774  -7.695  -5.594  1.00 30.92 ? 1927 GLU A CA  1 
ATOM   606  C C   . GLU A 1 93  ? -2.871  -6.224  -5.994  1.00 29.94 ? 1927 GLU A C   1 
ATOM   607  O O   . GLU A 1 93  ? -1.867  -5.510  -5.984  1.00 29.26 ? 1927 GLU A O   1 
ATOM   608  C CB  . GLU A 1 93  ? -2.443  -8.562  -6.809  1.00 32.51 ? 1927 GLU A CB  1 
ATOM   609  C CG  . GLU A 1 93  ? -2.254  -10.044 -6.456  1.00 37.59 ? 1927 GLU A CG  1 
ATOM   610  C CD  . GLU A 1 93  ? -1.037  -10.319 -5.562  1.00 44.47 ? 1927 GLU A CD  1 
ATOM   611  O OE1 . GLU A 1 93  ? -0.140  -9.449  -5.447  1.00 41.58 ? 1927 GLU A OE1 1 
ATOM   612  O OE2 . GLU A 1 93  ? -0.983  -11.419 -4.966  1.00 44.88 ? 1927 GLU A OE2 1 
ATOM   613  N N   . THR A 1 94  ? -4.065  -5.761  -6.340  1.00 26.64 ? 1928 THR A N   1 
ATOM   614  C CA  . THR A 1 94  ? -4.198  -4.353  -6.672  1.00 27.82 ? 1928 THR A CA  1 
ATOM   615  C C   . THR A 1 94  ? -4.027  -3.520  -5.403  1.00 28.23 ? 1928 THR A C   1 
ATOM   616  O O   . THR A 1 94  ? -3.559  -2.387  -5.462  1.00 26.21 ? 1928 THR A O   1 
ATOM   617  C CB  . THR A 1 94  ? -5.558  -4.031  -7.337  1.00 29.05 ? 1928 THR A CB  1 
ATOM   618  O OG1 . THR A 1 94  ? -6.622  -4.441  -6.479  1.00 26.89 ? 1928 THR A OG1 1 
ATOM   619  C CG2 . THR A 1 94  ? -5.686  -4.769  -8.658  1.00 31.52 ? 1928 THR A CG2 1 
ATOM   620  N N   . PHE A 1 95  ? -4.413  -4.078  -4.259  1.00 25.91 ? 1929 PHE A N   1 
ATOM   621  C CA  . PHE A 1 95  ? -4.194  -3.403  -2.985  1.00 24.58 ? 1929 PHE A CA  1 
ATOM   622  C C   . PHE A 1 95  ? -2.688  -3.282  -2.745  1.00 24.52 ? 1929 PHE A C   1 
ATOM   623  O O   . PHE A 1 95  ? -2.195  -2.196  -2.441  1.00 23.41 ? 1929 PHE A O   1 
ATOM   624  C CB  . PHE A 1 95  ? -4.895  -4.154  -1.843  1.00 22.74 ? 1929 PHE A CB  1 
ATOM   625  C CG  . PHE A 1 95  ? -4.464  -3.729  -0.467  1.00 23.42 ? 1929 PHE A CG  1 
ATOM   626  C CD1 . PHE A 1 95  ? -5.051  -2.636  0.162   1.00 21.77 ? 1929 PHE A CD1 1 
ATOM   627  C CD2 . PHE A 1 95  ? -3.474  -4.432  0.201   1.00 21.71 ? 1929 PHE A CD2 1 
ATOM   628  C CE1 . PHE A 1 95  ? -4.646  -2.237  1.442   1.00 22.67 ? 1929 PHE A CE1 1 
ATOM   629  C CE2 . PHE A 1 95  ? -3.067  -4.057  1.468   1.00 25.15 ? 1929 PHE A CE2 1 
ATOM   630  C CZ  . PHE A 1 95  ? -3.649  -2.946  2.093   1.00 23.59 ? 1929 PHE A CZ  1 
ATOM   631  N N   . ALA A 1 96  ? -1.949  -4.380  -2.920  1.00 24.06 ? 1930 ALA A N   1 
ATOM   632  C CA  . ALA A 1 96  ? -0.501  -4.333  -2.647  1.00 24.54 ? 1930 ALA A CA  1 
ATOM   633  C C   . ALA A 1 96  ? 0.216   -3.357  -3.585  1.00 25.69 ? 1930 ALA A C   1 
ATOM   634  O O   . ALA A 1 96  ? 1.210   -2.731  -3.195  1.00 23.18 ? 1930 ALA A O   1 
ATOM   635  C CB  . ALA A 1 96  ? 0.113   -5.717  -2.762  1.00 24.53 ? 1930 ALA A CB  1 
ATOM   636  N N   . LEU A 1 97  ? -0.265  -3.238  -4.822  1.00 25.96 ? 1931 LEU A N   1 
ATOM   637  C CA  . LEU A 1 97  ? 0.357   -2.318  -5.771  1.00 26.36 ? 1931 LEU A CA  1 
ATOM   638  C C   . LEU A 1 97  ? 0.262   -0.873  -5.277  1.00 26.73 ? 1931 LEU A C   1 
ATOM   639  O O   . LEU A 1 97  ? 1.223   -0.104  -5.384  1.00 27.01 ? 1931 LEU A O   1 
ATOM   640  C CB  . LEU A 1 97  ? -0.280  -2.449  -7.161  1.00 28.11 ? 1931 LEU A CB  1 
ATOM   641  C CG  . LEU A 1 97  ? 0.059   -3.728  -7.937  1.00 33.34 ? 1931 LEU A CG  1 
ATOM   642  C CD1 . LEU A 1 97  ? -0.796  -3.838  -9.196  1.00 36.89 ? 1931 LEU A CD1 1 
ATOM   643  C CD2 . LEU A 1 97  ? 1.548   -3.764  -8.278  1.00 34.16 ? 1931 LEU A CD2 1 
ATOM   644  N N   . ASP A 1 98  ? -0.889  -0.501  -4.720  1.00 24.35 ? 1932 ASP A N   1 
ATOM   645  C CA  . ASP A 1 98  ? -1.052  0.858   -4.205  1.00 24.42 ? 1932 ASP A CA  1 
ATOM   646  C C   . ASP A 1 98  ? -0.188  1.102   -2.971  1.00 23.90 ? 1932 ASP A C   1 
ATOM   647  O O   . ASP A 1 98  ? 0.367   2.183   -2.818  1.00 22.06 ? 1932 ASP A O   1 
ATOM   648  C CB  . ASP A 1 98  ? -2.511  1.148   -3.863  1.00 23.11 ? 1932 ASP A CB  1 
ATOM   649  C CG  . ASP A 1 98  ? -3.228  1.929   -4.956  1.00 26.05 ? 1932 ASP A CG  1 
ATOM   650  O OD1 . ASP A 1 98  ? -2.587  2.278   -5.975  1.00 28.39 ? 1932 ASP A OD1 1 
ATOM   651  O OD2 . ASP A 1 98  ? -4.432  2.209   -4.775  1.00 26.82 ? 1932 ASP A OD2 1 
ATOM   652  N N   . VAL A 1 99  ? -0.081  0.108   -2.086  1.00 22.90 ? 1933 VAL A N   1 
ATOM   653  C CA  . VAL A 1 99  ? 0.792   0.275   -0.929  1.00 21.10 ? 1933 VAL A CA  1 
ATOM   654  C C   . VAL A 1 99  ? 2.240   0.488   -1.400  1.00 23.81 ? 1933 VAL A C   1 
ATOM   655  O O   . VAL A 1 99  ? 2.917   1.402   -0.935  1.00 25.23 ? 1933 VAL A O   1 
ATOM   656  C CB  . VAL A 1 99  ? 0.742   -0.936  0.034   1.00 21.17 ? 1933 VAL A CB  1 
ATOM   657  C CG1 . VAL A 1 99  ? 1.757   -0.749  1.163   1.00 22.17 ? 1933 VAL A CG1 1 
ATOM   658  C CG2 . VAL A 1 99  ? -0.664  -1.095  0.598   1.00 20.12 ? 1933 VAL A CG2 1 
ATOM   659  N N   . ARG A 1 100 ? 2.703   -0.357  -2.321  1.00 23.03 ? 1934 ARG A N   1 
ATOM   660  C CA  . ARG A 1 100 ? 4.077   -0.240  -2.831  1.00 24.01 ? 1934 ARG A CA  1 
ATOM   661  C C   . ARG A 1 100 ? 4.297   1.110   -3.536  1.00 26.14 ? 1934 ARG A C   1 
ATOM   662  O O   . ARG A 1 100 ? 5.383   1.700   -3.423  1.00 24.18 ? 1934 ARG A O   1 
ATOM   663  C CB  . ARG A 1 100 ? 4.400   -1.411  -3.760  1.00 26.52 ? 1934 ARG A CB  1 
ATOM   664  C CG  . ARG A 1 100 ? 4.522   -2.727  -2.989  1.00 23.04 ? 1934 ARG A CG  1 
ATOM   665  C CD  . ARG A 1 100 ? 4.498   -3.975  -3.863  1.00 26.93 ? 1934 ARG A CD  1 
ATOM   666  N NE  . ARG A 1 100 ? 4.597   -5.138  -2.987  1.00 26.97 ? 1934 ARG A NE  1 
ATOM   667  C CZ  . ARG A 1 100 ? 4.018   -6.309  -3.222  1.00 31.97 ? 1934 ARG A CZ  1 
ATOM   668  N NH1 . ARG A 1 100 ? 3.324   -6.494  -4.331  1.00 28.30 ? 1934 ARG A NH1 1 
ATOM   669  N NH2 . ARG A 1 100 ? 4.147   -7.293  -2.347  1.00 33.93 ? 1934 ARG A NH2 1 
ATOM   670  N N   . LEU A 1 101 ? 3.267   1.595   -4.233  1.00 27.37 ? 1935 LEU A N   1 
ATOM   671  C CA  . LEU A 1 101 ? 3.304   2.901   -4.904  1.00 24.09 ? 1935 LEU A CA  1 
ATOM   672  C C   . LEU A 1 101 ? 3.651   4.017   -3.917  1.00 25.57 ? 1935 LEU A C   1 
ATOM   673  O O   . LEU A 1 101 ? 4.428   4.926   -4.234  1.00 26.27 ? 1935 LEU A O   1 
ATOM   674  C CB  . LEU A 1 101 ? 1.956   3.185   -5.583  1.00 24.82 ? 1935 LEU A CB  1 
ATOM   675  C CG  . LEU A 1 101 ? 1.772   4.512   -6.330  1.00 26.60 ? 1935 LEU A CG  1 
ATOM   676  C CD1 . LEU A 1 101 ? 2.862   4.679   -7.407  1.00 30.98 ? 1935 LEU A CD1 1 
ATOM   677  C CD2 . LEU A 1 101 ? 0.382   4.569   -6.957  1.00 26.33 ? 1935 LEU A CD2 1 
ATOM   678  N N   . VAL A 1 102 ? 3.079   3.948   -2.717  1.00 21.28 ? 1936 VAL A N   1 
ATOM   679  C CA  . VAL A 1 102 ? 3.406   4.928   -1.677  1.00 20.58 ? 1936 VAL A CA  1 
ATOM   680  C C   . VAL A 1 102 ? 4.920   4.978   -1.438  1.00 25.62 ? 1936 VAL A C   1 
ATOM   681  O O   . VAL A 1 102 ? 5.523   6.064   -1.384  1.00 24.90 ? 1936 VAL A O   1 
ATOM   682  C CB  . VAL A 1 102 ? 2.698   4.613   -0.350  1.00 21.91 ? 1936 VAL A CB  1 
ATOM   683  C CG1 . VAL A 1 102 ? 3.166   5.582   0.759   1.00 21.93 ? 1936 VAL A CG1 1 
ATOM   684  C CG2 . VAL A 1 102 ? 1.160   4.664   -0.527  1.00 20.61 ? 1936 VAL A CG2 1 
ATOM   685  N N   . PHE A 1 103 ? 5.545   3.809   -1.325  1.00 22.97 ? 1937 PHE A N   1 
ATOM   686  C CA  . PHE A 1 103 ? 6.965   3.777   -0.960  1.00 25.16 ? 1937 PHE A CA  1 
ATOM   687  C C   . PHE A 1 103 ? 7.864   4.026   -2.156  1.00 28.56 ? 1937 PHE A C   1 
ATOM   688  O O   . PHE A 1 103 ? 8.952   4.604   -2.019  1.00 30.25 ? 1937 PHE A O   1 
ATOM   689  C CB  . PHE A 1 103 ? 7.298   2.447   -0.277  1.00 23.69 ? 1937 PHE A CB  1 
ATOM   690  C CG  . PHE A 1 103 ? 6.407   2.162   0.888   1.00 25.33 ? 1937 PHE A CG  1 
ATOM   691  C CD1 . PHE A 1 103 ? 6.111   3.174   1.800   1.00 24.65 ? 1937 PHE A CD1 1 
ATOM   692  C CD2 . PHE A 1 103 ? 5.798   0.930   1.035   1.00 25.06 ? 1937 PHE A CD2 1 
ATOM   693  C CE1 . PHE A 1 103 ? 5.255   2.952   2.864   1.00 25.91 ? 1937 PHE A CE1 1 
ATOM   694  C CE2 . PHE A 1 103 ? 4.935   0.695   2.105   1.00 27.11 ? 1937 PHE A CE2 1 
ATOM   695  C CZ  . PHE A 1 103 ? 4.661   1.705   3.013   1.00 24.80 ? 1937 PHE A CZ  1 
ATOM   696  N N   . ASP A 1 104 ? 7.397   3.619   -3.332  1.00 26.86 ? 1938 ASP A N   1 
ATOM   697  C CA  . ASP A 1 104 ? 8.099   3.918   -4.570  1.00 28.97 ? 1938 ASP A CA  1 
ATOM   698  C C   . ASP A 1 104 ? 8.111   5.420   -4.843  1.00 34.54 ? 1938 ASP A C   1 
ATOM   699  O O   . ASP A 1 104 ? 9.147   5.978   -5.222  1.00 33.15 ? 1938 ASP A O   1 
ATOM   700  C CB  . ASP A 1 104 ? 7.466   3.168   -5.735  1.00 27.84 ? 1938 ASP A CB  1 
ATOM   701  C CG  . ASP A 1 104 ? 7.790   1.692   -5.717  1.00 32.06 ? 1938 ASP A CG  1 
ATOM   702  O OD1 . ASP A 1 104 ? 8.643   1.272   -4.907  1.00 32.68 ? 1938 ASP A OD1 1 
ATOM   703  O OD2 . ASP A 1 104 ? 7.196   0.951   -6.527  1.00 33.54 ? 1938 ASP A OD2 1 
ATOM   704  N N   . ASN A 1 105 ? 6.972   6.079   -4.632  1.00 28.95 ? 1939 ASN A N   1 
ATOM   705  C CA  . ASN A 1 105 ? 6.910   7.538   -4.734  1.00 29.38 ? 1939 ASN A CA  1 
ATOM   706  C C   . ASN A 1 105 ? 7.867   8.196   -3.758  1.00 31.03 ? 1939 ASN A C   1 
ATOM   707  O O   . ASN A 1 105 ? 8.547   9.167   -4.101  1.00 30.01 ? 1939 ASN A O   1 
ATOM   708  C CB  . ASN A 1 105 ? 5.493   8.059   -4.475  1.00 23.74 ? 1939 ASN A CB  1 
ATOM   709  C CG  . ASN A 1 105 ? 4.533   7.742   -5.605  1.00 30.93 ? 1939 ASN A CG  1 
ATOM   710  O OD1 . ASN A 1 105 ? 4.950   7.367   -6.703  1.00 28.81 ? 1939 ASN A OD1 1 
ATOM   711  N ND2 . ASN A 1 105 ? 3.231   7.916   -5.347  1.00 24.92 ? 1939 ASN A ND2 1 
ATOM   712  N N   . CYS A 1 106 ? 7.916   7.660   -2.539  1.00 25.89 ? 1940 CYS A N   1 
ATOM   713  C CA  . CYS A 1 106 ? 8.748   8.238   -1.483  1.00 31.08 ? 1940 CYS A CA  1 
ATOM   714  C C   . CYS A 1 106 ? 10.221  8.175   -1.881  1.00 33.28 ? 1940 CYS A C   1 
ATOM   715  O O   . CYS A 1 106 ? 10.965  9.142   -1.682  1.00 32.42 ? 1940 CYS A O   1 
ATOM   716  C CB  . CYS A 1 106 ? 8.521   7.510   -0.151  1.00 25.53 ? 1940 CYS A CB  1 
ATOM   717  S SG  . CYS A 1 106 ? 9.472   8.126   1.281   1.00 28.51 ? 1940 CYS A SG  1 
ATOM   718  N N   . GLU A 1 107 ? 10.634  7.039   -2.437  1.00 28.59 ? 1941 GLU A N   1 
ATOM   719  C CA  . GLU A 1 107 ? 12.018  6.877   -2.917  1.00 36.55 ? 1941 GLU A CA  1 
ATOM   720  C C   . GLU A 1 107 ? 12.353  7.805   -4.084  1.00 36.39 ? 1941 GLU A C   1 
ATOM   721  O O   . GLU A 1 107 ? 13.488  8.272   -4.205  1.00 44.57 ? 1941 GLU A O   1 
ATOM   722  C CB  . GLU A 1 107 ? 12.285  5.433   -3.347  1.00 33.46 ? 1941 GLU A CB  1 
ATOM   723  C CG  . GLU A 1 107 ? 12.618  4.509   -2.216  1.00 39.46 ? 1941 GLU A CG  1 
ATOM   724  C CD  . GLU A 1 107 ? 13.315  3.249   -2.686  1.00 49.89 ? 1941 GLU A CD  1 
ATOM   725  O OE1 . GLU A 1 107 ? 14.307  3.359   -3.444  1.00 52.34 ? 1941 GLU A OE1 1 
ATOM   726  O OE2 . GLU A 1 107 ? 12.865  2.149   -2.300  1.00 46.57 ? 1941 GLU A OE2 1 
ATOM   727  N N   . THR A 1 108 ? 11.382  8.051   -4.955  1.00 32.55 ? 1942 THR A N   1 
ATOM   728  C CA  . THR A 1 108 ? 11.584  8.945   -6.097  1.00 34.93 ? 1942 THR A CA  1 
ATOM   729  C C   . THR A 1 108 ? 11.865  10.390  -5.648  1.00 43.73 ? 1942 THR A C   1 
ATOM   730  O O   . THR A 1 108 ? 12.705  11.084  -6.227  1.00 39.59 ? 1942 THR A O   1 
ATOM   731  C CB  . THR A 1 108 ? 10.360  8.927   -7.043  1.00 38.81 ? 1942 THR A CB  1 
ATOM   732  O OG1 . THR A 1 108 ? 10.299  7.663   -7.714  1.00 39.23 ? 1942 THR A OG1 1 
ATOM   733  C CG2 . THR A 1 108 ? 10.449  10.025  -8.091  1.00 37.26 ? 1942 THR A CG2 1 
ATOM   734  N N   . PHE A 1 109 ? 11.184  10.828  -4.597  1.00 31.83 ? 1943 PHE A N   1 
ATOM   735  C CA  . PHE A 1 109 ? 11.187  12.237  -4.229  1.00 37.01 ? 1943 PHE A CA  1 
ATOM   736  C C   . PHE A 1 109 ? 12.099  12.592  -3.055  1.00 37.38 ? 1943 PHE A C   1 
ATOM   737  O O   . PHE A 1 109 ? 12.418  13.764  -2.843  1.00 36.31 ? 1943 PHE A O   1 
ATOM   738  C CB  . PHE A 1 109 ? 9.761   12.684  -3.905  1.00 30.44 ? 1943 PHE A CB  1 
ATOM   739  C CG  . PHE A 1 109 ? 9.550   14.170  -4.011  1.00 29.05 ? 1943 PHE A CG  1 
ATOM   740  C CD1 . PHE A 1 109 ? 9.316   14.757  -5.248  1.00 33.56 ? 1943 PHE A CD1 1 
ATOM   741  C CD2 . PHE A 1 109 ? 9.547   14.974  -2.881  1.00 33.20 ? 1943 PHE A CD2 1 
ATOM   742  C CE1 . PHE A 1 109 ? 9.106   16.128  -5.359  1.00 36.41 ? 1943 PHE A CE1 1 
ATOM   743  C CE2 . PHE A 1 109 ? 9.333   16.341  -2.984  1.00 40.01 ? 1943 PHE A CE2 1 
ATOM   744  C CZ  . PHE A 1 109 ? 9.109   16.915  -4.227  1.00 36.20 ? 1943 PHE A CZ  1 
ATOM   745  N N   . ASN A 1 110 ? 12.503  11.596  -2.280  1.00 32.88 ? 1944 ASN A N   1 
ATOM   746  C CA  . ASN A 1 110 ? 13.228  11.861  -1.041  1.00 35.98 ? 1944 ASN A CA  1 
ATOM   747  C C   . ASN A 1 110 ? 14.594  11.186  -1.011  1.00 40.56 ? 1944 ASN A C   1 
ATOM   748  O O   . ASN A 1 110 ? 14.752  10.067  -1.496  1.00 39.18 ? 1944 ASN A O   1 
ATOM   749  C CB  . ASN A 1 110 ? 12.417  11.401  0.170   1.00 34.88 ? 1944 ASN A CB  1 
ATOM   750  C CG  . ASN A 1 110 ? 11.111  12.154  0.318   1.00 37.04 ? 1944 ASN A CG  1 
ATOM   751  O OD1 . ASN A 1 110 ? 11.069  13.240  0.901   1.00 36.99 ? 1944 ASN A OD1 1 
ATOM   752  N ND2 . ASN A 1 110 ? 10.026  11.575  -0.201  1.00 30.05 ? 1944 ASN A ND2 1 
ATOM   753  N N   . GLU A 1 111 ? 15.581  11.876  -0.446  1.00 43.95 ? 1945 GLU A N   1 
ATOM   754  C CA  . GLU A 1 111 ? 16.898  11.278  -0.248  1.00 45.10 ? 1945 GLU A CA  1 
ATOM   755  C C   . GLU A 1 111 ? 16.805  10.138  0.766   1.00 36.07 ? 1945 GLU A C   1 
ATOM   756  O O   . GLU A 1 111 ? 16.071  10.248  1.756   1.00 40.24 ? 1945 GLU A O   1 
ATOM   757  C CB  A GLU A 1 111 ? 17.898  12.335  0.223   0.43 45.09 ? 1945 GLU A CB  1 
ATOM   758  C CB  B GLU A 1 111 ? 17.909  12.335  0.210   0.57 45.08 ? 1945 GLU A CB  1 
ATOM   759  C CG  A GLU A 1 111 ? 18.048  13.510  -0.730  0.43 48.20 ? 1945 GLU A CG  1 
ATOM   760  C CG  B GLU A 1 111 ? 18.430  13.242  -0.911  0.57 48.34 ? 1945 GLU A CG  1 
ATOM   761  C CD  A GLU A 1 111 ? 18.883  14.632  -0.150  0.43 50.32 ? 1945 GLU A CD  1 
ATOM   762  C CD  B GLU A 1 111 ? 19.395  12.532  -1.846  0.57 47.85 ? 1945 GLU A CD  1 
ATOM   763  O OE1 A GLU A 1 111 ? 20.023  14.366  0.285   0.43 50.79 ? 1945 GLU A OE1 1 
ATOM   764  O OE1 B GLU A 1 111 ? 19.986  11.510  -1.433  0.57 52.18 ? 1945 GLU A OE1 1 
ATOM   765  O OE2 A GLU A 1 111 ? 18.395  15.783  -0.125  0.43 49.19 ? 1945 GLU A OE2 1 
ATOM   766  O OE2 B GLU A 1 111 ? 19.564  12.988  -2.996  0.57 46.40 ? 1945 GLU A OE2 1 
ATOM   767  N N   . ASP A 1 112 ? 17.544  9.053   0.521   1.00 39.98 ? 1946 ASP A N   1 
ATOM   768  C CA  . ASP A 1 112 ? 17.528  7.888   1.410   1.00 42.09 ? 1946 ASP A CA  1 
ATOM   769  C C   . ASP A 1 112 ? 17.870  8.279   2.847   1.00 44.77 ? 1946 ASP A C   1 
ATOM   770  O O   . ASP A 1 112 ? 17.378  7.668   3.791   1.00 49.61 ? 1946 ASP A O   1 
ATOM   771  C CB  . ASP A 1 112 ? 18.504  6.801   0.930   1.00 38.60 ? 1946 ASP A CB  1 
ATOM   772  C CG  . ASP A 1 112 ? 18.054  6.112   -0.352  1.00 49.62 ? 1946 ASP A CG  1 
ATOM   773  O OD1 . ASP A 1 112 ? 16.849  6.150   -0.688  1.00 46.17 ? 1946 ASP A OD1 1 
ATOM   774  O OD2 . ASP A 1 112 ? 18.916  5.518   -1.031  1.00 49.41 ? 1946 ASP A OD2 1 
ATOM   775  N N   . ASP A 1 113 ? 18.692  9.315   3.008   1.00 53.17 ? 1947 ASP A N   1 
ATOM   776  C CA  . ASP A 1 113 ? 19.154  9.734   4.331   1.00 51.51 ? 1947 ASP A CA  1 
ATOM   777  C C   . ASP A 1 113 ? 18.198  10.688  5.068   1.00 53.26 ? 1947 ASP A C   1 
ATOM   778  O O   . ASP A 1 113 ? 18.368  10.947  6.258   1.00 57.25 ? 1947 ASP A O   1 
ATOM   779  C CB  . ASP A 1 113 ? 20.533  10.387  4.217   1.00 60.34 ? 1947 ASP A CB  1 
ATOM   780  C CG  . ASP A 1 113 ? 21.151  10.675  5.576   1.00 73.55 ? 1947 ASP A CG  1 
ATOM   781  O OD1 . ASP A 1 113 ? 21.160  11.853  5.996   1.00 78.21 ? 1947 ASP A OD1 1 
ATOM   782  O OD2 . ASP A 1 113 ? 21.600  9.717   6.240   1.00 79.36 ? 1947 ASP A OD2 1 
ATOM   783  N N   . SER A 1 114 ? 17.189  11.210  4.381   1.00 47.11 ? 1948 SER A N   1 
ATOM   784  C CA  . SER A 1 114 ? 16.230  12.091  5.044   1.00 40.02 ? 1948 SER A CA  1 
ATOM   785  C C   . SER A 1 114 ? 15.387  11.309  6.047   1.00 40.93 ? 1948 SER A C   1 
ATOM   786  O O   . SER A 1 114 ? 15.386  10.071  6.043   1.00 38.58 ? 1948 SER A O   1 
ATOM   787  C CB  . SER A 1 114 ? 15.329  12.775  4.021   1.00 41.81 ? 1948 SER A CB  1 
ATOM   788  O OG  . SER A 1 114 ? 14.799  11.827  3.113   1.00 40.02 ? 1948 SER A OG  1 
ATOM   789  N N   . ASP A 1 115 ? 14.668  12.023  6.903   1.00 39.58 ? 1949 ASP A N   1 
ATOM   790  C CA  . ASP A 1 115 ? 13.765  11.363  7.841   1.00 39.99 ? 1949 ASP A CA  1 
ATOM   791  C C   . ASP A 1 115 ? 12.650  10.674  7.066   1.00 38.18 ? 1949 ASP A C   1 
ATOM   792  O O   . ASP A 1 115 ? 12.303  9.537   7.365   1.00 32.18 ? 1949 ASP A O   1 
ATOM   793  C CB  . ASP A 1 115 ? 13.169  12.348  8.842   1.00 39.86 ? 1949 ASP A CB  1 
ATOM   794  C CG  . ASP A 1 115 ? 14.220  12.992  9.717   1.00 51.32 ? 1949 ASP A CG  1 
ATOM   795  O OD1 . ASP A 1 115 ? 14.711  12.315  10.644  1.00 45.50 ? 1949 ASP A OD1 1 
ATOM   796  O OD2 . ASP A 1 115 ? 14.527  14.178  9.476   1.00 50.86 ? 1949 ASP A OD2 1 
ATOM   797  N N   . ILE A 1 116 ? 12.100  11.369  6.075   1.00 36.17 ? 1950 ILE A N   1 
ATOM   798  C CA  . ILE A 1 116 ? 11.013  10.810  5.279   1.00 35.11 ? 1950 ILE A CA  1 
ATOM   799  C C   . ILE A 1 116 ? 11.514  9.631   4.451   1.00 34.12 ? 1950 ILE A C   1 
ATOM   800  O O   . ILE A 1 116 ? 10.848  8.587   4.368   1.00 31.86 ? 1950 ILE A O   1 
ATOM   801  C CB  . ILE A 1 116 ? 10.380  11.886  4.385   1.00 35.30 ? 1950 ILE A CB  1 
ATOM   802  C CG1 . ILE A 1 116 ? 9.624   12.882  5.280   1.00 35.73 ? 1950 ILE A CG1 1 
ATOM   803  C CG2 . ILE A 1 116 ? 9.439   11.263  3.343   1.00 30.31 ? 1950 ILE A CG2 1 
ATOM   804  C CD1 . ILE A 1 116 ? 8.885   13.952  4.526   1.00 36.82 ? 1950 ILE A CD1 1 
ATOM   805  N N   . GLY A 1 117 ? 12.704  9.779   3.877   1.00 32.33 ? 1951 GLY A N   1 
ATOM   806  C CA  . GLY A 1 117 ? 13.337  8.706   3.130   1.00 31.54 ? 1951 GLY A CA  1 
ATOM   807  C C   . GLY A 1 117 ? 13.548  7.457   3.971   1.00 33.98 ? 1951 GLY A C   1 
ATOM   808  O O   . GLY A 1 117 ? 13.296  6.338   3.519   1.00 33.26 ? 1951 GLY A O   1 
ATOM   809  N N   . ARG A 1 118 ? 14.029  7.651   5.194   1.00 35.65 ? 1952 ARG A N   1 
ATOM   810  C CA  . ARG A 1 118 ? 14.207  6.555   6.139   1.00 37.11 ? 1952 ARG A CA  1 
ATOM   811  C C   . ARG A 1 118 ? 12.872  5.954   6.547   1.00 33.22 ? 1952 ARG A C   1 
ATOM   812  O O   . ARG A 1 118 ? 12.744  4.734   6.662   1.00 30.10 ? 1952 ARG A O   1 
ATOM   813  C CB  . ARG A 1 118 ? 14.952  7.023   7.391   1.00 40.67 ? 1952 ARG A CB  1 
ATOM   814  C CG  . ARG A 1 118 ? 16.437  6.728   7.382   1.00 51.26 ? 1952 ARG A CG  1 
ATOM   815  C CD  . ARG A 1 118 ? 17.065  7.025   8.743   1.00 54.49 ? 1952 ARG A CD  1 
ATOM   816  N NE  . ARG A 1 118 ? 16.918  8.431   9.111   1.00 55.66 ? 1952 ARG A NE  1 
ATOM   817  C CZ  . ARG A 1 118 ? 17.778  9.384   8.767   1.00 55.12 ? 1952 ARG A CZ  1 
ATOM   818  N NH1 . ARG A 1 118 ? 17.565  10.642  9.142   1.00 54.37 ? 1952 ARG A NH1 1 
ATOM   819  N NH2 . ARG A 1 118 ? 18.845  9.077   8.040   1.00 58.33 ? 1952 ARG A NH2 1 
ATOM   820  N N   . ALA A 1 119 ? 11.884  6.815   6.786   1.00 30.39 ? 1953 ALA A N   1 
ATOM   821  C CA  . ALA A 1 119 ? 10.557  6.346   7.156   1.00 31.38 ? 1953 ALA A CA  1 
ATOM   822  C C   . ALA A 1 119 ? 10.021  5.411   6.082   1.00 26.89 ? 1953 ALA A C   1 
ATOM   823  O O   . ALA A 1 119 ? 9.409   4.385   6.390   1.00 31.13 ? 1953 ALA A O   1 
ATOM   824  C CB  . ALA A 1 119 ? 9.613   7.505   7.353   1.00 27.49 ? 1953 ALA A CB  1 
ATOM   825  N N   . GLY A 1 120 ? 10.241  5.783   4.822   1.00 26.85 ? 1954 GLY A N   1 
ATOM   826  C CA  . GLY A 1 120 ? 9.719   5.020   3.704   1.00 26.49 ? 1954 GLY A CA  1 
ATOM   827  C C   . GLY A 1 120 ? 10.332  3.637   3.622   1.00 32.70 ? 1954 GLY A C   1 
ATOM   828  O O   . GLY A 1 120 ? 9.626   2.640   3.490   1.00 28.35 ? 1954 GLY A O   1 
ATOM   829  N N   . HIS A 1 121 ? 11.654  3.567   3.731   1.00 29.11 ? 1955 HIS A N   1 
ATOM   830  C CA  . HIS A 1 121 ? 12.331  2.280   3.728   1.00 31.72 ? 1955 HIS A CA  1 
ATOM   831  C C   . HIS A 1 121 ? 11.835  1.406   4.882   1.00 26.03 ? 1955 HIS A C   1 
ATOM   832  O O   . HIS A 1 121 ? 11.559  0.223   4.686   1.00 34.78 ? 1955 HIS A O   1 
ATOM   833  C CB  . HIS A 1 121 ? 13.855  2.473   3.788   1.00 28.43 ? 1955 HIS A CB  1 
ATOM   834  C CG  . HIS A 1 121 ? 14.447  2.916   2.484   1.00 35.40 ? 1955 HIS A CG  1 
ATOM   835  N ND1 . HIS A 1 121 ? 14.447  2.119   1.360   1.00 38.58 ? 1955 HIS A ND1 1 
ATOM   836  C CD2 . HIS A 1 121 ? 15.039  4.078   2.121   1.00 35.33 ? 1955 HIS A CD2 1 
ATOM   837  C CE1 . HIS A 1 121 ? 15.020  2.768   0.360   1.00 41.58 ? 1955 HIS A CE1 1 
ATOM   838  N NE2 . HIS A 1 121 ? 15.388  3.959   0.796   1.00 40.34 ? 1955 HIS A NE2 1 
ATOM   839  N N   . ASN A 1 122 ? 11.706  1.985   6.075   1.00 30.20 ? 1956 ASN A N   1 
ATOM   840  C CA  . ASN A 1 122 ? 11.221  1.248   7.232   1.00 28.40 ? 1956 ASN A CA  1 
ATOM   841  C C   . ASN A 1 122 ? 9.818   0.678   7.026   1.00 34.04 ? 1956 ASN A C   1 
ATOM   842  O O   . ASN A 1 122 ? 9.550   -0.492  7.345   1.00 30.03 ? 1956 ASN A O   1 
ATOM   843  C CB  . ASN A 1 122 ? 11.211  2.134   8.472   1.00 31.42 ? 1956 ASN A CB  1 
ATOM   844  C CG  . ASN A 1 122 ? 12.609  2.422   9.008   1.00 33.21 ? 1956 ASN A CG  1 
ATOM   845  O OD1 . ASN A 1 122 ? 13.601  1.822   8.579   1.00 33.27 ? 1956 ASN A OD1 1 
ATOM   846  N ND2 . ASN A 1 122 ? 12.688  3.346   9.955   1.00 30.17 ? 1956 ASN A ND2 1 
ATOM   847  N N   . MET A 1 123 ? 8.917   1.514   6.508   1.00 26.15 ? 1957 MET A N   1 
ATOM   848  C CA  . MET A 1 123 ? 7.523   1.096   6.296   1.00 25.58 ? 1957 MET A CA  1 
ATOM   849  C C   . MET A 1 123 ? 7.378   0.044   5.203   1.00 21.71 ? 1957 MET A C   1 
ATOM   850  O O   . MET A 1 123 ? 6.491   -0.819  5.283   1.00 26.85 ? 1957 MET A O   1 
ATOM   851  C CB  . MET A 1 123 ? 6.633   2.307   5.946   1.00 25.86 ? 1957 MET A CB  1 
ATOM   852  C CG  . MET A 1 123 ? 6.498   3.355   7.045   1.00 28.63 ? 1957 MET A CG  1 
ATOM   853  S SD  . MET A 1 123 ? 5.706   2.797   8.553   1.00 39.61 ? 1957 MET A SD  1 
ATOM   854  C CE  . MET A 1 123 ? 4.141   2.186   7.948   1.00 34.37 ? 1957 MET A CE  1 
ATOM   855  N N   . ARG A 1 124 ? 8.220   0.115   4.179   1.00 23.14 ? 1958 ARG A N   1 
ATOM   856  C CA  . ARG A 1 124 ? 8.185   -0.889  3.113   1.00 25.60 ? 1958 ARG A CA  1 
ATOM   857  C C   . ARG A 1 124 ? 8.564   -2.252  3.676   1.00 30.89 ? 1958 ARG A C   1 
ATOM   858  O O   . ARG A 1 124 ? 7.887   -3.249  3.418   1.00 27.36 ? 1958 ARG A O   1 
ATOM   859  C CB  . ARG A 1 124 ? 9.124   -0.531  1.970   1.00 28.00 ? 1958 ARG A CB  1 
ATOM   860  C CG  . ARG A 1 124 ? 8.985   -1.467  0.783   1.00 25.26 ? 1958 ARG A CG  1 
ATOM   861  C CD  . ARG A 1 124 ? 10.159  -1.354  -0.172  1.00 28.54 ? 1958 ARG A CD  1 
ATOM   862  N NE  . ARG A 1 124 ? 10.259  -0.069  -0.860  1.00 29.08 ? 1958 ARG A NE  1 
ATOM   863  C CZ  . ARG A 1 124 ? 9.645   0.225   -2.006  1.00 31.43 ? 1958 ARG A CZ  1 
ATOM   864  N NH1 . ARG A 1 124 ? 8.836   -0.656  -2.592  1.00 29.07 ? 1958 ARG A NH1 1 
ATOM   865  N NH2 . ARG A 1 124 ? 9.836   1.408   -2.565  1.00 27.38 ? 1958 ARG A NH2 1 
ATOM   866  N N   . LYS A 1 125 ? 9.651   -2.279  4.448   1.00 29.26 ? 1959 LYS A N   1 
ATOM   867  C CA  . LYS A 1 125 ? 10.101  -3.512  5.087   1.00 34.19 ? 1959 LYS A CA  1 
ATOM   868  C C   . LYS A 1 125 ? 9.007   -4.075  5.988   1.00 28.96 ? 1959 LYS A C   1 
ATOM   869  O O   . LYS A 1 125 ? 8.692   -5.269  5.944   1.00 31.77 ? 1959 LYS A O   1 
ATOM   870  C CB  . LYS A 1 125 ? 11.384  -3.271  5.889   1.00 34.28 ? 1959 LYS A CB  1 
ATOM   871  C CG  . LYS A 1 125 ? 11.977  -4.546  6.496   1.00 39.84 ? 1959 LYS A CG  1 
ATOM   872  C CD  . LYS A 1 125 ? 12.721  -5.362  5.445   1.00 52.02 ? 1959 LYS A CD  1 
ATOM   873  C CE  . LYS A 1 125 ? 13.253  -6.680  6.018   1.00 57.80 ? 1959 LYS A CE  1 
ATOM   874  N NZ  . LYS A 1 125 ? 13.934  -7.518  4.985   1.00 68.88 ? 1959 LYS A NZ  1 
ATOM   875  N N   . TYR A 1 126 ? 8.420   -3.205  6.804   1.00 27.23 ? 1960 TYR A N   1 
ATOM   876  C CA  . TYR A 1 126 ? 7.333   -3.571  7.691   1.00 26.50 ? 1960 TYR A CA  1 
ATOM   877  C C   . TYR A 1 126 ? 6.147   -4.170  6.926   1.00 31.49 ? 1960 TYR A C   1 
ATOM   878  O O   . TYR A 1 126 ? 5.590   -5.207  7.325   1.00 29.75 ? 1960 TYR A O   1 
ATOM   879  C CB  . TYR A 1 126 ? 6.896   -2.338  8.483   1.00 28.31 ? 1960 TYR A CB  1 
ATOM   880  C CG  . TYR A 1 126 ? 5.907   -2.578  9.593   1.00 29.97 ? 1960 TYR A CG  1 
ATOM   881  C CD1 . TYR A 1 126 ? 6.293   -3.203  10.787  1.00 32.90 ? 1960 TYR A CD1 1 
ATOM   882  C CD2 . TYR A 1 126 ? 4.596   -2.146  9.480   1.00 26.86 ? 1960 TYR A CD2 1 
ATOM   883  C CE1 . TYR A 1 126 ? 5.383   -3.397  11.817  1.00 28.78 ? 1960 TYR A CE1 1 
ATOM   884  C CE2 . TYR A 1 126 ? 3.685   -2.344  10.495  1.00 33.03 ? 1960 TYR A CE2 1 
ATOM   885  C CZ  . TYR A 1 126 ? 4.079   -2.971  11.662  1.00 33.66 ? 1960 TYR A CZ  1 
ATOM   886  O OH  . TYR A 1 126 ? 3.152   -3.150  12.665  1.00 38.25 ? 1960 TYR A OH  1 
ATOM   887  N N   . PHE A 1 127 ? 5.744   -3.509  5.839   1.00 25.71 ? 1961 PHE A N   1 
ATOM   888  C CA  . PHE A 1 127 ? 4.626   -4.006  5.027   1.00 24.39 ? 1961 PHE A CA  1 
ATOM   889  C C   . PHE A 1 127 ? 4.913   -5.377  4.415   1.00 29.11 ? 1961 PHE A C   1 
ATOM   890  O O   . PHE A 1 127 ? 4.078   -6.289  4.502   1.00 31.64 ? 1961 PHE A O   1 
ATOM   891  C CB  . PHE A 1 127 ? 4.273   -3.025  3.897   1.00 24.56 ? 1961 PHE A CB  1 
ATOM   892  C CG  . PHE A 1 127 ? 3.309   -3.604  2.894   1.00 24.65 ? 1961 PHE A CG  1 
ATOM   893  C CD1 . PHE A 1 127 ? 1.974   -3.841  3.255   1.00 21.86 ? 1961 PHE A CD1 1 
ATOM   894  C CD2 . PHE A 1 127 ? 3.727   -3.931  1.604   1.00 28.08 ? 1961 PHE A CD2 1 
ATOM   895  C CE1 . PHE A 1 127 ? 1.077   -4.396  2.336   1.00 27.22 ? 1961 PHE A CE1 1 
ATOM   896  C CE2 . PHE A 1 127 ? 2.833   -4.479  0.678   1.00 25.88 ? 1961 PHE A CE2 1 
ATOM   897  C CZ  . PHE A 1 127 ? 1.512   -4.713  1.043   1.00 26.68 ? 1961 PHE A CZ  1 
ATOM   898  N N   . GLU A 1 128 ? 6.079   -5.527  3.790   1.00 27.13 ? 1962 GLU A N   1 
ATOM   899  C CA  . GLU A 1 128 ? 6.354   -6.741  3.031   1.00 29.75 ? 1962 GLU A CA  1 
ATOM   900  C C   . GLU A 1 128 ? 6.397   -7.968  3.942   1.00 35.72 ? 1962 GLU A C   1 
ATOM   901  O O   . GLU A 1 128 ? 5.978   -9.068  3.530   1.00 33.26 ? 1962 GLU A O   1 
ATOM   902  C CB  . GLU A 1 128 ? 7.655   -6.602  2.238   1.00 28.79 ? 1962 GLU A CB  1 
ATOM   903  C CG  . GLU A 1 128 ? 7.618   -5.539  1.114   1.00 28.65 ? 1962 GLU A CG  1 
ATOM   904  C CD  . GLU A 1 128 ? 6.571   -5.798  0.022   1.00 31.37 ? 1962 GLU A CD  1 
ATOM   905  O OE1 . GLU A 1 128 ? 5.993   -6.901  -0.045  1.00 33.78 ? 1962 GLU A OE1 1 
ATOM   906  O OE2 . GLU A 1 128 ? 6.331   -4.884  -0.790  1.00 29.80 ? 1962 GLU A OE2 1 
ATOM   907  N N   . LYS A 1 129 ? 6.859   -7.797  5.181   1.00 31.06 ? 1963 LYS A N   1 
ATOM   908  C CA  . LYS A 1 129 ? 6.825   -8.926  6.114   1.00 33.17 ? 1963 LYS A CA  1 
ATOM   909  C C   . LYS A 1 129 ? 5.390   -9.296  6.474   1.00 37.20 ? 1963 LYS A C   1 
ATOM   910  O O   . LYS A 1 129 ? 5.036   -10.474 6.459   1.00 39.11 ? 1963 LYS A O   1 
ATOM   911  C CB  . LYS A 1 129 ? 7.623   -8.645  7.395   1.00 41.24 ? 1963 LYS A CB  1 
ATOM   912  C CG  . LYS A 1 129 ? 7.526   -9.817  8.384   1.00 42.48 ? 1963 LYS A CG  1 
ATOM   913  C CD  . LYS A 1 129 ? 8.319   -9.626  9.663   1.00 46.81 ? 1963 LYS A CD  1 
ATOM   914  C CE  . LYS A 1 129 ? 8.173   -10.859 10.560  1.00 55.23 ? 1963 LYS A CE  1 
ATOM   915  N NZ  . LYS A 1 129 ? 8.411   -12.136 9.807   1.00 51.39 ? 1963 LYS A NZ  1 
ATOM   916  N N   . LYS A 1 130 ? 4.559   -8.306  6.799   1.00 31.88 ? 1964 LYS A N   1 
ATOM   917  C CA  . LYS A 1 130 ? 3.146   -8.585  7.059   1.00 36.91 ? 1964 LYS A CA  1 
ATOM   918  C C   . LYS A 1 130 ? 2.504   -9.272  5.858   1.00 36.03 ? 1964 LYS A C   1 
ATOM   919  O O   . LYS A 1 130 ? 1.672   -10.157 6.017   1.00 37.51 ? 1964 LYS A O   1 
ATOM   920  C CB  . LYS A 1 130 ? 2.363   -7.309  7.375   1.00 31.25 ? 1964 LYS A CB  1 
ATOM   921  C CG  . LYS A 1 130 ? 2.899   -6.491  8.522   1.00 40.19 ? 1964 LYS A CG  1 
ATOM   922  C CD  . LYS A 1 130 ? 2.429   -7.032  9.840   1.00 51.45 ? 1964 LYS A CD  1 
ATOM   923  C CE  . LYS A 1 130 ? 2.766   -6.075  10.960  1.00 44.04 ? 1964 LYS A CE  1 
ATOM   924  N NZ  . LYS A 1 130 ? 2.251   -6.612  12.242  1.00 54.77 ? 1964 LYS A NZ  1 
ATOM   925  N N   . TRP A 1 131 ? 2.902   -8.865  4.655   1.00 29.81 ? 1965 TRP A N   1 
ATOM   926  C CA  . TRP A 1 131 ? 2.290   -9.395  3.441   1.00 28.67 ? 1965 TRP A CA  1 
ATOM   927  C C   . TRP A 1 131 ? 2.642   -10.863 3.261   1.00 34.54 ? 1965 TRP A C   1 
ATOM   928  O O   . TRP A 1 131 ? 1.775   -11.696 3.009   1.00 32.99 ? 1965 TRP A O   1 
ATOM   929  C CB  . TRP A 1 131 ? 2.732   -8.591  2.219   1.00 31.01 ? 1965 TRP A CB  1 
ATOM   930  C CG  . TRP A 1 131 ? 1.961   -8.925  0.978   1.00 31.18 ? 1965 TRP A CG  1 
ATOM   931  C CD1 . TRP A 1 131 ? 2.395   -9.668  -0.083  1.00 33.81 ? 1965 TRP A CD1 1 
ATOM   932  C CD2 . TRP A 1 131 ? 0.614   -8.528  0.664   1.00 30.67 ? 1965 TRP A CD2 1 
ATOM   933  N NE1 . TRP A 1 131 ? 1.408   -9.754  -1.038  1.00 34.11 ? 1965 TRP A NE1 1 
ATOM   934  C CE2 . TRP A 1 131 ? 0.303   -9.067  -0.602  1.00 29.68 ? 1965 TRP A CE2 1 
ATOM   935  C CE3 . TRP A 1 131 ? -0.354  -7.771  1.329   1.00 30.45 ? 1965 TRP A CE3 1 
ATOM   936  C CZ2 . TRP A 1 131 ? -0.941  -8.867  -1.221  1.00 28.81 ? 1965 TRP A CZ2 1 
ATOM   937  C CZ3 . TRP A 1 131 ? -1.599  -7.578  0.708   1.00 26.49 ? 1965 TRP A CZ3 1 
ATOM   938  C CH2 . TRP A 1 131 ? -1.873  -8.125  -0.546  1.00 28.51 ? 1965 TRP A CH2 1 
ATOM   939  N N   . THR A 1 132 ? 3.927   -11.161 3.392   1.00 32.12 ? 1966 THR A N   1 
ATOM   940  C CA  . THR A 1 132 ? 4.426   -12.526 3.319   1.00 41.11 ? 1966 THR A CA  1 
ATOM   941  C C   . THR A 1 132 ? 3.817   -13.409 4.403   1.00 43.00 ? 1966 THR A C   1 
ATOM   942  O O   . THR A 1 132 ? 3.318   -14.498 4.113   1.00 45.52 ? 1966 THR A O   1 
ATOM   943  C CB  . THR A 1 132 ? 5.957   -12.559 3.442   1.00 39.01 ? 1966 THR A CB  1 
ATOM   944  O OG1 . THR A 1 132 ? 6.533   -11.918 2.300   1.00 39.86 ? 1966 THR A OG1 1 
ATOM   945  C CG2 . THR A 1 132 ? 6.452   -13.994 3.509   1.00 44.71 ? 1966 THR A CG2 1 
ATOM   946  N N   . ASP A 1 133 ? 3.844   -12.939 5.648   1.00 36.67 ? 1967 ASP A N   1 
ATOM   947  C CA  . ASP A 1 133 ? 3.309   -13.725 6.760   1.00 37.55 ? 1967 ASP A CA  1 
ATOM   948  C C   . ASP A 1 133 ? 1.805   -13.980 6.663   1.00 46.56 ? 1967 ASP A C   1 
ATOM   949  O O   . ASP A 1 133 ? 1.316   -15.008 7.140   1.00 44.35 ? 1967 ASP A O   1 
ATOM   950  C CB  . ASP A 1 133 ? 3.614   -13.048 8.096   1.00 40.94 ? 1967 ASP A CB  1 
ATOM   951  C CG  . ASP A 1 133 ? 5.096   -13.022 8.411   1.00 44.13 ? 1967 ASP A CG  1 
ATOM   952  O OD1 . ASP A 1 133 ? 5.882   -13.646 7.667   1.00 45.11 ? 1967 ASP A OD1 1 
ATOM   953  O OD2 . ASP A 1 133 ? 5.474   -12.370 9.407   1.00 46.55 ? 1967 ASP A OD2 1 
ATOM   954  N N   . THR A 1 134 ? 1.068   -13.057 6.051   1.00 37.98 ? 1968 THR A N   1 
ATOM   955  C CA  . THR A 1 134 ? -0.391  -13.159 6.010   1.00 38.37 ? 1968 THR A CA  1 
ATOM   956  C C   . THR A 1 134 ? -0.903  -13.989 4.824   1.00 40.65 ? 1968 THR A C   1 
ATOM   957  O O   . THR A 1 134 ? -1.918  -14.668 4.934   1.00 42.56 ? 1968 THR A O   1 
ATOM   958  C CB  . THR A 1 134 ? -1.040  -11.750 5.954   1.00 34.01 ? 1968 THR A CB  1 
ATOM   959  O OG1 . THR A 1 134 ? -0.617  -10.971 7.084   1.00 35.07 ? 1968 THR A OG1 1 
ATOM   960  C CG2 . THR A 1 134 ? -2.556  -11.828 5.944   1.00 35.90 ? 1968 THR A CG2 1 
ATOM   961  N N   . PHE A 1 135 ? -0.204  -13.938 3.697   1.00 38.64 ? 1969 PHE A N   1 
ATOM   962  C CA  . PHE A 1 135 ? -0.726  -14.507 2.457   1.00 41.18 ? 1969 PHE A CA  1 
ATOM   963  C C   . PHE A 1 135 ? 0.173   -15.553 1.798   1.00 45.95 ? 1969 PHE A C   1 
ATOM   964  O O   . PHE A 1 135 ? -0.293  -16.349 0.983   1.00 54.04 ? 1969 PHE A O   1 
ATOM   965  C CB  . PHE A 1 135 ? -1.001  -13.387 1.447   1.00 39.06 ? 1969 PHE A CB  1 
ATOM   966  C CG  . PHE A 1 135 ? -2.114  -12.466 1.856   1.00 38.91 ? 1969 PHE A CG  1 
ATOM   967  C CD1 . PHE A 1 135 ? -3.418  -12.928 1.933   1.00 33.97 ? 1969 PHE A CD1 1 
ATOM   968  C CD2 . PHE A 1 135 ? -1.861  -11.133 2.158   1.00 34.62 ? 1969 PHE A CD2 1 
ATOM   969  C CE1 . PHE A 1 135 ? -4.446  -12.087 2.303   1.00 33.54 ? 1969 PHE A CE1 1 
ATOM   970  C CE2 . PHE A 1 135 ? -2.893  -10.286 2.532   1.00 30.78 ? 1969 PHE A CE2 1 
ATOM   971  C CZ  . PHE A 1 135 ? -4.177  -10.760 2.606   1.00 32.75 ? 1969 PHE A CZ  1 
ATOM   972  N N   . LYS A 1 136 ? 1.457   -15.550 2.137   1.00 54.55 ? 1970 LYS A N   1 
ATOM   973  C CA  . LYS A 1 136 ? 2.396   -16.495 1.532   1.00 56.89 ? 1970 LYS A CA  1 
ATOM   974  C C   . LYS A 1 136 ? 2.833   -17.573 2.527   1.00 59.93 ? 1970 LYS A C   1 
ATOM   975  O O   . LYS A 1 136 ? 1.999   -18.271 3.110   1.00 64.37 ? 1970 LYS A O   1 
ATOM   976  C CB  . LYS A 1 136 ? 3.618   -15.753 0.981   1.00 50.97 ? 1970 LYS A CB  1 
HETATM 977  C C1  C EDO B 2 .   ? 7.016   14.859  0.386   0.45 36.75 ? 2001 EDO A C1  1 
HETATM 978  O O1  C EDO B 2 .   ? 8.406   15.068  0.662   0.45 35.66 ? 2001 EDO A O1  1 
HETATM 979  C C2  C EDO B 2 .   ? 6.621   13.451  0.812   0.45 33.58 ? 2001 EDO A C2  1 
HETATM 980  O O2  C EDO B 2 .   ? 7.100   12.515  -0.158  0.45 28.68 ? 2001 EDO A O2  1 
HETATM 981  C C1  . EDO C 2 .   ? -3.016  -9.662  9.393   0.85 45.37 ? 2002 EDO A C1  1 
HETATM 982  O O1  . EDO C 2 .   ? -2.170  -10.813 9.245   0.85 47.85 ? 2002 EDO A O1  1 
HETATM 983  C C2  . EDO C 2 .   ? -2.309  -8.618  10.255  0.85 45.32 ? 2002 EDO A C2  1 
HETATM 984  O O2  . EDO C 2 .   ? -0.923  -8.516  9.890   0.85 45.84 ? 2002 EDO A O2  1 
HETATM 985  O O1  D TYZ D 3 .   ? 8.619   19.760  2.492   0.55 43.02 ? 2003 TYZ A O1  1 
HETATM 986  O O2  D TYZ D 3 .   ? 10.434  18.601  2.039   0.55 51.68 ? 2003 TYZ A O2  1 
HETATM 987  C C7  D TYZ D 3 .   ? 9.221   18.640  2.175   0.55 50.79 ? 2003 TYZ A C7  1 
HETATM 988  C C3  D TYZ D 3 .   ? 8.422   17.401  1.990   0.55 43.19 ? 2003 TYZ A C3  1 
HETATM 989  C C4  D TYZ D 3 .   ? 7.058   17.429  2.250   0.55 43.46 ? 2003 TYZ A C4  1 
HETATM 990  C C5  D TYZ D 3 .   ? 6.304   16.286  2.091   0.55 40.57 ? 2003 TYZ A C5  1 
HETATM 991  C C6  D TYZ D 3 .   ? 6.896   15.107  1.661   0.55 38.32 ? 2003 TYZ A C6  1 
HETATM 992  C C1  D TYZ D 3 .   ? 8.266   15.089  1.403   0.55 36.93 ? 2003 TYZ A C1  1 
HETATM 993  C C2  D TYZ D 3 .   ? 9.028   16.226  1.569   0.55 43.11 ? 2003 TYZ A C2  1 
HETATM 994  C C8  D TYZ D 3 .   ? 6.410   12.739  1.072   0.55 34.29 ? 2003 TYZ A C8  1 
HETATM 995  N N   D TYZ D 3 .   ? 6.064   13.967  1.531   0.55 35.81 ? 2003 TYZ A N   1 
HETATM 996  O O4  D TYZ D 3 .   ? 7.459   12.524  0.481   0.55 28.85 ? 2003 TYZ A O4  1 
HETATM 997  C C9  D TYZ D 3 .   ? 5.463   11.596  1.299   0.55 28.31 ? 2003 TYZ A C9  1 
HETATM 998  O O   . HOH E 4 .   ? 9.763   20.657  -3.490  0.5  63.93 ? 2101 HOH A O   1 
HETATM 999  O O   . HOH E 4 .   ? 18.435  17.781  0.763   1.00 57.19 ? 2102 HOH A O   1 
HETATM 1000 O O   . HOH E 4 .   ? 21.933  13.230  0.908   1.00 63.81 ? 2103 HOH A O   1 
HETATM 1001 O O   . HOH E 4 .   ? 10.145  -7.216  5.794   1.00 45.09 ? 2104 HOH A O   1 
HETATM 1002 O O   . HOH E 4 .   ? 6.434   10.702  -1.661  1.00 28.81 ? 2105 HOH A O   1 
HETATM 1003 O O   . HOH E 4 .   ? 20.602  10.238  0.586   1.00 52.39 ? 2106 HOH A O   1 
HETATM 1004 O O   . HOH E 4 .   ? 2.597   -5.278  14.316  1.00 55.51 ? 2107 HOH A O   1 
HETATM 1005 O O   D HOH E 4 .   ? 12.794  17.827  1.586   0.55 57.96 ? 2108 HOH A O   1 
HETATM 1006 O O   . HOH E 4 .   ? 13.652  -0.255  -2.026  1.00 51.09 ? 2109 HOH A O   1 
HETATM 1007 O O   . HOH E 4 .   ? 15.125  14.243  0.412   1.00 48.48 ? 2110 HOH A O   1 
HETATM 1008 O O   . HOH E 4 .   ? -0.975  20.859  3.661   1.00 58.68 ? 2111 HOH A O   1 
HETATM 1009 O O   . HOH E 4 .   ? 19.739  6.855   7.085   1.00 62.69 ? 2112 HOH A O   1 
HETATM 1010 O O   . HOH E 4 .   ? 7.206   -1.625  -6.400  1.00 35.58 ? 2113 HOH A O   1 
HETATM 1011 O O   . HOH E 4 .   ? -5.990  6.089   6.654   1.00 31.98 ? 2114 HOH A O   1 
HETATM 1012 O O   . HOH E 4 .   ? 3.703   20.002  -6.377  1.00 45.40 ? 2115 HOH A O   1 
HETATM 1013 O O   . HOH E 4 .   ? -6.531  10.918  -2.801  1.00 41.52 ? 2116 HOH A O   1 
HETATM 1014 O O   . HOH E 4 .   ? 12.820  -1.510  3.199   1.00 44.66 ? 2117 HOH A O   1 
HETATM 1015 O O   . HOH E 4 .   ? -3.055  16.749  2.164   1.00 43.40 ? 2118 HOH A O   1 
HETATM 1016 O O   . HOH E 4 .   ? -4.109  19.559  -12.411 1.00 70.47 ? 2119 HOH A O   1 
HETATM 1017 O O   . HOH E 4 .   ? 1.041   6.454   12.971  1.00 37.03 ? 2120 HOH A O   1 
HETATM 1018 O O   . HOH E 4 .   ? 21.734  16.197  1.101   1.00 67.17 ? 2121 HOH A O   1 
HETATM 1019 O O   . HOH E 4 .   ? 14.181  10.400  -8.301  1.00 40.72 ? 2122 HOH A O   1 
HETATM 1020 O O   . HOH E 4 .   ? -17.254 -0.035  3.808   1.00 44.44 ? 2123 HOH A O   1 
HETATM 1021 O O   . HOH E 4 .   ? 3.713   -10.660 10.402  1.00 39.87 ? 2124 HOH A O   1 
HETATM 1022 O O   . HOH E 4 .   ? -10.011 -26.266 -22.914 1.00 39.76 ? 2125 HOH A O   1 
HETATM 1023 O O   . HOH E 4 .   ? 2.277   -9.375  -4.343  1.00 41.04 ? 2126 HOH A O   1 
HETATM 1024 O O   . HOH E 4 .   ? 2.542   9.288   0.067   1.00 25.70 ? 2127 HOH A O   1 
HETATM 1025 O O   . HOH E 4 .   ? 2.432   10.095  -2.946  1.00 26.84 ? 2128 HOH A O   1 
HETATM 1026 O O   . HOH E 4 .   ? 1.764   11.253  1.856   1.00 26.77 ? 2129 HOH A O   1 
HETATM 1027 O O   . HOH E 4 .   ? 2.993   -0.214  -7.387  1.00 30.53 ? 2130 HOH A O   1 
HETATM 1028 O O   . HOH E 4 .   ? 8.164   -3.485  -2.155  1.00 36.49 ? 2131 HOH A O   1 
HETATM 1029 O O   . HOH E 4 .   ? -9.992  -6.606  9.543   1.00 50.50 ? 2132 HOH A O   1 
HETATM 1030 O O   . HOH E 4 .   ? 5.057   8.585   -0.570  1.00 28.04 ? 2133 HOH A O   1 
HETATM 1031 O O   . HOH E 4 .   ? 0.613   -7.050  -6.417  1.00 40.34 ? 2134 HOH A O   1 
HETATM 1032 O O   . HOH E 4 .   ? -6.777  -15.143 -4.905  1.00 46.57 ? 2135 HOH A O   1 
HETATM 1033 O O   . HOH E 4 .   ? -9.331  -28.079 -10.374 1.00 43.84 ? 2136 HOH A O   1 
HETATM 1034 O O   . HOH E 4 .   ? 0.891   14.580  -9.769  1.00 46.35 ? 2137 HOH A O   1 
HETATM 1035 O O   . HOH E 4 .   ? -3.856  3.596   -7.959  1.00 35.45 ? 2138 HOH A O   1 
HETATM 1036 O O   . HOH E 4 .   ? -14.940 6.300   -2.072  1.00 37.43 ? 2139 HOH A O   1 
HETATM 1037 O O   . HOH E 4 .   ? 6.306   -9.511  0.590   1.00 34.37 ? 2140 HOH A O   1 
HETATM 1038 O O   . HOH E 4 .   ? 4.985   1.667   -7.926  1.00 34.47 ? 2141 HOH A O   1 
HETATM 1039 O O   . HOH E 4 .   ? -8.786  -16.988 -5.570  1.00 47.20 ? 2142 HOH A O   1 
HETATM 1040 O O   . HOH E 4 .   ? -8.344  -11.082 -3.537  1.00 30.26 ? 2143 HOH A O   1 
HETATM 1041 O O   . HOH E 4 .   ? -2.970  2.072   -10.338 1.00 56.72 ? 2144 HOH A O   1 
HETATM 1042 O O   . HOH E 4 .   ? -3.628  -0.721  -7.617  1.00 31.89 ? 2145 HOH A O   1 
HETATM 1043 O O   . HOH E 4 .   ? 9.076   8.827   13.070  1.00 39.34 ? 2146 HOH A O   1 
HETATM 1044 O O   . HOH E 4 .   ? 1.690   -0.775  13.953  1.00 36.76 ? 2147 HOH A O   1 
HETATM 1045 O O   . HOH E 4 .   ? -0.629  14.249  -3.417  1.00 28.97 ? 2148 HOH A O   1 
HETATM 1046 O O   . HOH E 4 .   ? 15.507  1.145   6.728   1.00 49.34 ? 2149 HOH A O   1 
HETATM 1047 O O   . HOH E 4 .   ? -11.384 -0.376  5.017   1.00 40.09 ? 2150 HOH A O   1 
HETATM 1048 O O   . HOH E 4 .   ? -1.332  0.994   -8.048  1.00 35.03 ? 2151 HOH A O   1 
HETATM 1049 O O   . HOH E 4 .   ? -4.092  -16.578 1.824   1.00 48.74 ? 2152 HOH A O   1 
HETATM 1050 O O   . HOH E 4 .   ? 6.284   -6.462  9.671   1.00 35.20 ? 2153 HOH A O   1 
HETATM 1051 O O   . HOH E 4 .   ? -12.110 6.284   4.389   1.00 37.39 ? 2154 HOH A O   1 
HETATM 1052 O O   . HOH E 4 .   ? -13.073 -3.138  -7.504  1.00 39.58 ? 2155 HOH A O   1 
HETATM 1053 O O   . HOH E 4 .   ? -4.120  9.810   -5.612  1.00 40.95 ? 2156 HOH A O   1 
HETATM 1054 O O   . HOH E 4 .   ? -9.603  7.520   4.455   1.00 35.65 ? 2157 HOH A O   1 
HETATM 1055 O O   . HOH E 4 .   ? 16.201  1.700   -2.298  1.00 61.68 ? 2158 HOH A O   1 
HETATM 1056 O O   . HOH E 4 .   ? 1.798   3.068   -10.852 1.00 51.98 ? 2159 HOH A O   1 
HETATM 1057 O O   . HOH E 4 .   ? 2.526   14.917  -13.366 1.00 55.37 ? 2160 HOH A O   1 
HETATM 1058 O O   . HOH E 4 .   ? -1.993  10.537  -2.427  1.00 27.10 ? 2161 HOH A O   1 
HETATM 1059 O O   . HOH E 4 .   ? -6.263  -18.626 1.262   1.00 49.29 ? 2162 HOH A O   1 
HETATM 1060 O O   . HOH E 4 .   ? -4.083  7.665   7.065   1.00 34.08 ? 2163 HOH A O   1 
HETATM 1061 O O   . HOH E 4 .   ? 15.190  14.912  6.875   1.00 51.79 ? 2164 HOH A O   1 
HETATM 1062 O O   . HOH E 4 .   ? 10.334  4.423   0.392   1.00 27.56 ? 2165 HOH A O   1 
HETATM 1063 O O   . HOH E 4 .   ? -6.057  3.013   11.961  1.00 48.06 ? 2166 HOH A O   1 
HETATM 1064 O O   . HOH E 4 .   ? 6.787   5.778   -8.083  1.00 38.37 ? 2167 HOH A O   1 
HETATM 1065 O O   . HOH E 4 .   ? 0.680   12.652  6.074   1.00 27.42 ? 2168 HOH A O   1 
HETATM 1066 O O   . HOH E 4 .   ? 0.887   -12.003 -2.965  1.00 47.78 ? 2169 HOH A O   1 
HETATM 1067 O O   . HOH E 4 .   ? 2.270   17.819  2.113   1.00 38.21 ? 2170 HOH A O   1 
HETATM 1068 O O   . HOH E 4 .   ? 14.376  7.455   -0.448  1.00 35.54 ? 2171 HOH A O   1 
HETATM 1069 O O   . HOH E 4 .   ? 11.635  2.060   0.364   1.00 35.74 ? 2172 HOH A O   1 
HETATM 1070 O O   . HOH E 4 .   ? -8.767  -15.290 2.185   1.00 43.26 ? 2173 HOH A O   1 
HETATM 1071 O O   . HOH E 4 .   ? -2.911  18.439  -2.756  1.00 46.76 ? 2174 HOH A O   1 
HETATM 1072 O O   . HOH E 4 .   ? -2.672  8.341   -8.247  1.00 39.84 ? 2175 HOH A O   1 
HETATM 1073 O O   . HOH E 4 .   ? -12.534 7.137   -3.781  1.00 40.16 ? 2176 HOH A O   1 
HETATM 1074 O O   . HOH E 4 .   ? 0.765   -22.610 -12.017 1.00 51.82 ? 2177 HOH A O   1 
HETATM 1075 O O   . HOH E 4 .   ? -13.019 4.188   5.642   1.00 49.83 ? 2178 HOH A O   1 
HETATM 1076 O O   . HOH E 4 .   ? 4.029   7.754   -9.362  1.00 32.38 ? 2179 HOH A O   1 
HETATM 1077 O O   . HOH E 4 .   ? 19.104  8.859   -1.974  1.00 45.43 ? 2180 HOH A O   1 
HETATM 1078 O O   . HOH E 4 .   ? 3.868   9.183   14.393  1.00 46.76 ? 2181 HOH A O   1 
HETATM 1079 O O   . HOH E 4 .   ? -11.006 -11.379 -3.953  1.00 37.80 ? 2182 HOH A O   1 
HETATM 1080 O O   . HOH E 4 .   ? 14.066  -0.648  0.774   1.00 49.58 ? 2183 HOH A O   1 
HETATM 1081 O O   . HOH E 4 .   ? 4.063   14.129  3.566   1.00 37.18 ? 2184 HOH A O   1 
HETATM 1082 O O   . HOH E 4 .   ? 4.351   -5.391  -6.769  1.00 37.58 ? 2185 HOH A O   1 
HETATM 1083 O O   . HOH E 4 .   ? -10.744 3.319   -8.586  1.00 46.91 ? 2186 HOH A O   1 
HETATM 1084 O O   . HOH E 4 .   ? 12.257  6.226   0.840   1.00 32.76 ? 2187 HOH A O   1 
HETATM 1085 O O   . HOH E 4 .   ? 7.149   19.299  -19.446 1.00 43.66 ? 2188 HOH A O   1 
HETATM 1086 O O   . HOH E 4 .   ? -11.721 -0.172  -9.199  1.00 56.20 ? 2189 HOH A O   1 
HETATM 1087 O O   . HOH E 4 .   ? -6.712  5.758   -7.368  1.00 42.01 ? 2190 HOH A O   1 
HETATM 1088 O O   . HOH E 4 .   ? 16.258  0.702   8.968   1.00 42.11 ? 2191 HOH A O   1 
HETATM 1089 O O   . HOH E 4 .   ? -7.833  -0.694  -8.165  1.00 47.45 ? 2192 HOH A O   1 
HETATM 1090 O O   . HOH E 4 .   ? 15.999  -5.496  4.630   1.00 56.58 ? 2193 HOH A O   1 
HETATM 1091 O O   . HOH E 4 .   ? 12.706  14.192  5.648   1.00 39.40 ? 2194 HOH A O   1 
HETATM 1092 O O   . HOH E 4 .   ? -5.984  0.749   -8.067  1.00 38.58 ? 2195 HOH A O   1 
HETATM 1093 O O   . HOH E 4 .   ? 10.920  -0.266  -5.936  1.00 42.45 ? 2196 HOH A O   1 
HETATM 1094 O O   . HOH E 4 .   ? 7.262   23.293  -8.591  1.00 53.33 ? 2197 HOH A O   1 
HETATM 1095 O O   . HOH E 4 .   ? 9.042   -14.053 11.952  1.00 61.83 ? 2198 HOH A O   1 
HETATM 1096 O O   . HOH E 4 .   ? 19.409  12.866  8.484   1.00 65.98 ? 2199 HOH A O   1 
HETATM 1097 O O   . HOH E 4 .   ? -12.911 -10.380 4.223   1.00 42.06 ? 2200 HOH A O   1 
HETATM 1098 O O   . HOH E 4 .   ? 12.771  14.548  3.009   1.00 48.80 ? 2201 HOH A O   1 
HETATM 1099 O O   . HOH E 4 .   ? -9.935  6.028   -7.314  1.00 51.65 ? 2202 HOH A O   1 
HETATM 1100 O O   . HOH E 4 .   ? 0.211   11.875  -2.123  1.00 26.36 ? 2203 HOH A O   1 
HETATM 1101 O O   . HOH E 4 .   ? 10.648  7.458   18.878  1.00 52.16 ? 2204 HOH A O   1 
HETATM 1102 O O   . HOH E 4 .   ? 5.256   20.266  -9.453  1.00 52.31 ? 2205 HOH A O   1 
HETATM 1103 O O   . HOH E 4 .   ? -11.911 -2.774  -2.136  1.00 34.40 ? 2206 HOH A O   1 
HETATM 1104 O O   . HOH E 4 .   ? -8.669  -3.530  10.812  1.00 52.88 ? 2207 HOH A O   1 
HETATM 1105 O O   . HOH E 4 .   ? -7.588  11.063  0.822   1.00 47.38 ? 2208 HOH A O   1 
HETATM 1106 O O   . HOH E 4 .   ? -9.455  -10.358 -9.904  1.00 46.62 ? 2209 HOH A O   1 
HETATM 1107 O O   . HOH E 4 .   ? 1.208   13.088  10.027  1.00 53.75 ? 2210 HOH A O   1 
HETATM 1108 O O   . HOH E 4 .   ? 0.971   14.345  4.013   1.00 37.26 ? 2211 HOH A O   1 
HETATM 1109 O O   . HOH E 4 .   ? 6.214   8.999   -10.987 1.00 41.10 ? 2212 HOH A O   1 
HETATM 1110 O O   . HOH E 4 .   ? 0.142   13.413  -12.986 1.00 61.65 ? 2213 HOH A O   1 
HETATM 1111 O O   . HOH E 4 .   ? -4.770  -4.505  12.847  1.00 51.23 ? 2214 HOH A O   1 
HETATM 1112 O O   . HOH E 4 .   ? 17.495  4.802   5.027   1.00 56.00 ? 2215 HOH A O   1 
HETATM 1113 O O   . HOH E 4 .   ? 16.873  12.147  12.899  1.00 58.11 ? 2216 HOH A O   1 
HETATM 1114 O O   . HOH E 4 .   ? -16.070 -14.028 4.098   1.00 63.42 ? 2217 HOH A O   1 
HETATM 1115 O O   . HOH E 4 .   ? 4.187   -10.228 -3.499  1.00 50.90 ? 2218 HOH A O   1 
HETATM 1116 O O   . HOH E 4 .   ? 0.583   16.431  3.680   1.00 49.51 ? 2219 HOH A O   1 
HETATM 1117 O O   . HOH E 4 .   ? 5.664   1.637   15.595  1.00 39.55 ? 2220 HOH A O   1 
HETATM 1118 O O   . HOH E 4 .   ? -8.600  1.545   10.991  1.00 56.07 ? 2221 HOH A O   1 
HETATM 1119 O O   . HOH E 4 .   ? -3.442  7.113   11.605  1.00 42.32 ? 2222 HOH A O   1 
HETATM 1120 O O   . HOH E 4 .   ? 4.992   -8.191  11.478  1.00 51.67 ? 2223 HOH A O   1 
HETATM 1121 O O   . HOH E 4 .   ? 4.741   24.621  -4.769  1.00 60.14 ? 2224 HOH A O   1 
HETATM 1122 O O   . HOH E 4 .   ? 2.308   8.901   12.628  1.00 39.82 ? 2225 HOH A O   1 
HETATM 1123 O O   . HOH E 4 .   ? 11.390  3.895   -6.666  1.00 50.68 ? 2226 HOH A O   1 
HETATM 1124 O O   . HOH E 4 .   ? 0.496   -5.367  14.928  1.00 54.42 ? 2227 HOH A O   1 
HETATM 1125 O O   . HOH E 4 .   ? 9.406   1.222   -9.233  1.00 57.09 ? 2228 HOH A O   1 
HETATM 1126 O O   . HOH E 4 .   ? 9.443   -9.748  3.348   1.00 55.29 ? 2229 HOH A O   1 
HETATM 1127 O O   . HOH E 4 .   ? 8.178   -3.402  -4.766  1.00 41.02 ? 2230 HOH A O   1 
HETATM 1128 O O   . HOH E 4 .   ? -13.209 6.842   -8.515  1.00 61.81 ? 2231 HOH A O   1 
HETATM 1129 O O   . HOH E 4 .   ? 10.489  -15.098 9.662   1.00 59.92 ? 2232 HOH A O   1 
HETATM 1130 O O   . HOH E 4 .   ? 0.453   6.687   15.617  1.00 53.24 ? 2233 HOH A O   1 
HETATM 1131 O O   . HOH E 4 .   ? -8.466  4.945   9.739   1.00 56.42 ? 2234 HOH A O   1 
HETATM 1132 O O   . HOH E 4 .   ? 5.714   -11.192 -1.248  1.00 45.15 ? 2235 HOH A O   1 
HETATM 1133 O O   . HOH E 4 .   ? 8.546   -15.774 10.667  1.00 68.08 ? 2236 HOH A O   1 
HETATM 1134 O O   . HOH E 4 .   ? 8.943   -9.814  0.305   1.00 48.85 ? 2237 HOH A O   1 
HETATM 1135 O O   . HOH E 4 .   ? -3.863  -18.752 -12.277 1.00 64.24 ? 2238 HOH A O   1 
HETATM 1136 O O   . HOH E 4 .   ? 11.322  -11.598 12.234  1.00 46.83 ? 2239 HOH A O   1 
HETATM 1137 O O   . HOH E 4 .   ? 7.867   -7.650  -3.312  1.00 52.71 ? 2240 HOH A O   1 
HETATM 1138 O O   . HOH E 4 .   ? -7.829  -12.804 -5.530  1.00 40.08 ? 2241 HOH A O   1 
HETATM 1139 O O   . HOH E 4 .   ? -0.046  -2.813  15.152  1.00 52.14 ? 2242 HOH A O   1 
HETATM 1140 O O   . HOH E 4 .   ? 10.794  -2.983  -4.985  1.00 48.08 ? 2243 HOH A O   1 
HETATM 1141 O O   . HOH E 4 .   ? -10.082 7.698   -2.728  1.00 47.98 ? 2244 HOH A O   1 
HETATM 1142 O O   . HOH E 4 .   ? 3.261   15.509  7.750   1.00 50.42 ? 2245 HOH A O   1 
HETATM 1143 O O   C HOH E 4 .   ? 9.267   18.619  2.044   0.45 50.89 ? 2246 HOH A O   1 
HETATM 1144 O O   . HOH E 4 .   ? 1.084   0.731   -9.360  1.00 42.83 ? 2247 HOH A O   1 
HETATM 1145 O O   . HOH E 4 .   ? 7.167   -5.937  -5.863  1.00 46.16 ? 2248 HOH A O   1 
HETATM 1146 O O   . HOH E 4 .   ? 4.085   23.941  -6.827  1.00 59.45 ? 2249 HOH A O   1 
HETATM 1147 O O   . HOH E 4 .   ? 16.602  3.362   6.351   1.00 56.63 ? 2250 HOH A O   1 
HETATM 1148 O O   . HOH E 4 .   ? 2.343   -13.594 -1.924  1.00 60.56 ? 2251 HOH A O   1 
HETATM 1149 O O   . HOH E 4 .   ? -4.091  11.583  -3.953  1.00 30.82 ? 2252 HOH A O   1 
HETATM 1150 O O   . HOH E 4 .   ? -0.667  13.854  8.511   1.00 42.67 ? 2253 HOH A O   1 
HETATM 1151 O O   . HOH E 4 .   ? -3.719  18.380  0.064   1.00 49.94 ? 2254 HOH A O   1 
HETATM 1152 O O   . HOH E 4 .   ? 4.957   -0.782  15.475  1.00 49.37 ? 2255 HOH A O   1 
HETATM 1153 O O   . HOH E 4 .   ? -12.738 8.326   -6.037  1.00 54.19 ? 2256 HOH A O   1 
HETATM 1154 O O   . HOH E 4 .   ? -12.988 -2.898  4.844   1.00 55.76 ? 2257 HOH A O   1 
HETATM 1155 O O   . HOH E 4 .   ? 3.094   6.972   16.744  1.00 55.05 ? 2258 HOH A O   1 
HETATM 1156 O O   . HOH E 4 .   ? -4.809  9.122   9.180   1.00 58.75 ? 2259 HOH A O   1 
HETATM 1157 O O   . HOH E 4 .   ? 0.087   24.866  -7.556  1.00 71.88 ? 2260 HOH A O   1 
HETATM 1158 O O   C HOH E 4 .   ? 6.103   17.959  2.808   0.45 45.73 ? 2261 HOH A O   1 
HETATM 1159 O O   . HOH E 4 .   ? 10.222  3.322   -8.427  1.00 51.88 ? 2262 HOH A O   1 
HETATM 1160 O O   . HOH E 4 .   ? 10.594  -4.755  -1.379  1.00 46.14 ? 2263 HOH A O   1 
HETATM 1161 O O   . HOH E 4 .   ? 2.337   20.527  2.643   1.00 59.14 ? 2264 HOH A O   1 
HETATM 1162 O O   . HOH E 4 .   ? 3.593   5.544   -10.736 1.00 38.77 ? 2265 HOH A O   1 
HETATM 1163 O O   . HOH E 4 .   ? 4.653   -2.490  -7.449  1.00 31.90 ? 2266 HOH A O   1 
HETATM 1164 O O   . HOH E 4 .   ? -1.948  17.919  4.718   1.00 49.75 ? 2267 HOH A O   1 
HETATM 1165 O O   . HOH E 4 .   ? 4.904   15.031  5.903   1.00 47.16 ? 2268 HOH A O   1 
HETATM 1166 O O   . HOH E 4 .   ? -3.831  10.915  -8.849  1.00 51.46 ? 2269 HOH A O   1 
HETATM 1167 O O   . HOH E 4 .   ? -8.289  7.360   6.939   1.00 38.12 ? 2270 HOH A O   1 
HETATM 1168 O O   . HOH E 4 .   ? 5.736   3.860   -9.627  1.00 41.91 ? 2271 HOH A O   1 
HETATM 1169 O O   . HOH E 4 .   ? -6.979  -4.868  13.090  1.00 58.21 ? 2272 HOH A O   1 
HETATM 1170 O O   . HOH E 4 .   ? 10.846  15.684  7.372   1.00 45.06 ? 2273 HOH A O   1 
HETATM 1171 O O   . HOH E 4 .   ? -7.009  13.259  -2.528  1.00 54.71 ? 2274 HOH A O   1 
HETATM 1172 O O   . HOH E 4 .   ? -6.415  6.919   10.446  1.00 63.80 ? 2275 HOH A O   1 
HETATM 1173 O O   . HOH E 4 .   ? -1.603  14.448  -9.757  1.00 47.83 ? 2276 HOH A O   1 
HETATM 1174 O O   . HOH E 4 .   ? 10.444  -7.703  -0.751  1.00 54.72 ? 2277 HOH A O   1 
HETATM 1175 O O   . HOH E 4 .   ? 9.094   17.430  6.406   1.00 48.14 ? 2278 HOH A O   1 
HETATM 1176 O O   . HOH E 4 .   ? -3.634  6.024   -8.781  1.00 50.50 ? 2279 HOH A O   1 
HETATM 1177 O O   . HOH E 4 .   ? -7.562  10.234  7.304   1.00 46.12 ? 2280 HOH A O   1 
HETATM 1178 O O   . HOH E 4 .   ? -15.252 -7.239  5.584   1.00 65.90 ? 2281 HOH A O   1 
HETATM 1179 O O   . HOH E 4 .   ? -4.478  15.972  -3.945  1.00 46.98 ? 2282 HOH A O   1 
HETATM 1180 O O   . HOH E 4 .   ? -6.213  8.165   -6.303  1.00 44.33 ? 2283 HOH A O   1 
HETATM 1181 O O   . HOH E 4 .   ? -7.851  -2.157  -10.500 1.00 51.38 ? 2284 HOH A O   1 
HETATM 1182 O O   . HOH E 4 .   ? -2.950  13.927  -4.856  1.00 33.02 ? 2285 HOH A O   1 
HETATM 1183 O O   . HOH E 4 .   ? 6.780   17.074  6.001   1.00 50.67 ? 2286 HOH A O   1 
HETATM 1184 O O   . HOH E 4 .   ? -5.021  -0.565  16.405  1.00 61.61 ? 2287 HOH A O   1 
HETATM 1185 O O   . HOH E 4 .   ? -8.779  7.579   -5.241  1.00 48.79 ? 2288 HOH A O   1 
HETATM 1186 O O   . HOH E 4 .   ? 17.015  -11.252 5.619   1.00 72.78 ? 2289 HOH A O   1 
HETATM 1187 O O   . HOH E 4 .   ? -4.076  -1.577  -10.261 1.00 46.26 ? 2290 HOH A O   1 
HETATM 1188 O O   . HOH E 4 .   ? -2.559  5.706   16.435  1.00 58.52 ? 2291 HOH A O   1 
HETATM 1189 O O   C HOH E 4 .   ? 11.679  17.135  3.917   0.91 59.53 ? 2292 HOH A O   1 
HETATM 1190 O O   . HOH E 4 .   ? -4.637  11.741  9.620   1.00 55.28 ? 2293 HOH A O   1 
HETATM 1191 O O   . HOH E 4 .   ? -10.502 6.290   8.376   1.00 62.21 ? 2294 HOH A O   1 
HETATM 1192 O O   . HOH E 4 .   ? 3.431   1.056   -12.301 1.00 59.60 ? 2295 HOH A O   1 
HETATM 1193 O O   . HOH E 4 .   ? -12.096 10.354  6.225   1.00 72.41 ? 2296 HOH A O   1 
HETATM 1194 O O   . HOH E 4 .   ? -3.245  13.787  -7.533  1.00 40.51 ? 2297 HOH A O   1 
HETATM 1195 O O   . HOH E 4 .   ? -6.267  1.207   15.307  1.00 60.21 ? 2298 HOH A O   1 
HETATM 1196 O O   . HOH E 4 .   ? 0.571   27.755  -7.613  1.00 70.17 ? 2299 HOH A O   1 
HETATM 1197 O O   . HOH E 4 .   ? -2.711  12.920  9.844   1.00 42.31 ? 2300 HOH A O   1 
HETATM 1198 O O   . HOH E 4 .   ? -6.076  16.010  -1.545  1.00 53.81 ? 2301 HOH A O   1 
HETATM 1199 O O   . HOH E 4 .   ? -0.962  16.414  8.387   1.00 46.48 ? 2302 HOH A O   1 
HETATM 1200 O O   . HOH E 4 .   ? -7.091  13.526  9.412   1.00 60.76 ? 2303 HOH A O   1 
HETATM 1201 O O   . HOH E 4 .   ? -7.531  15.485  7.534   1.00 58.51 ? 2304 HOH A O   1 
HETATM 1202 O O   . HOH E 4 .   ? -4.523  15.684  10.120  1.00 58.11 ? 2305 HOH A O   1 
# 
